data_8T1E
#
_entry.id   8T1E
#
_cell.length_a   1.00
_cell.length_b   1.00
_cell.length_c   1.00
_cell.angle_alpha   90.00
_cell.angle_beta   90.00
_cell.angle_gamma   90.00
#
_symmetry.space_group_name_H-M   'P 1'
#
loop_
_entity.id
_entity.type
_entity.pdbx_description
1 polymer 'Transient receptor potential cation channel subfamily V member 4,Enhanced green fluorescent protein'
2 non-polymer '[(2~{R})-2-[(~{Z})-hexadec-9-enoyl]oxy-3-[oxidanyl-[2-(trimethyl-$l^{4}-azanyl)ethoxy]phosphoryl]oxy-propyl] (~{Z})-docos-13-enoate'
3 non-polymer '(2R)-2-{[(4-O-hexopyranosyl-beta-D-glucopyranosyl)oxy]methyl}-4-{[(25R)-5beta,14beta,17beta-spirostan-3beta-yl]oxy}butyl 4-O-alpha-D-glucopyranosyl-beta-D-glucopyranoside'
4 non-polymer 'SODIUM ION'
5 water water
#
_entity_poly.entity_id   1
_entity_poly.type   'polypeptide(L)'
_entity_poly.pdbx_seq_one_letter_code
;MADSSEGPRAGPGEVAELPGDESGTPGGEAFPLSSLANLFEGEDGSLSPSPADASRPAGPGDGRPNLRMKFQGAFRKGVP
NPIDLLESTLYESSVVPGPKKAPMDSLFDYGTYRHHSSDNKRWRKKIIEKQPQSPKAPAPQPPPILKVFNRPILFDIVSR
GSTADLDGLLPFLLTHKKRLTDEEFREPSTGKTCLPKALLNLSNGRNDTIPVLLDIAERTGNMREFINSPFRDIYYRGQT
ALHIAIERRCKHYVELLVAQGADVHAQARGRFFQPKDEGGYFYFGELPLSLAACTNQPHIVNYLTENPHKKADMRRQDSR
GNTVLHALVAIADNTRENTKFVTKMYDLLLLKCARLFPDSNLEAVLNNDGLSPLMMAAKTGKIGIFQHIIRREVTDEDTR
HLSRKFKDWAYGPVYSSLYDLSSLDTCGEEASVLEILVYNSKIENRHEMLAVEPINELLRDKWRKFGAVSFYINVVSYLC
AMVIFTLTAYYQPLEGTPPYPYRTTVDYLRLAGEVITLFTGVLFFFTNIKDLFMKKCPGVNSLFIDGSFQLLYFIYSVLV
IVSAALYLAGIEAYLAVMVFALVLGWMNALYFTRGLKLTGTYSIMIQKILFKDLFRFLLVYLLFMIGYASALVSLLNPCA
NMKVCNEDQTNCTVPTYPSCRDSETFSTFLLDLFKLTIGMGDLEMLSSTKYPVVFIILLVTYIILTFVLLLNMLIALMGE
TVGQVSKESKHIWKLQWATTILDIERSFPVFLRKAFRSGEMVTVGKSSDGTPDRRWCFRVDEVNWSHWNQNLGIINEDPG
KNETYQYYGFSHTVGRLRRDRWSSVVPRVVELNKNSNPDEVVVPLDSMGNPRCDGHQQGYPRKWRTDDAPLLVPRGSAAA
AVSKGEELFTGVVPILVELDGDVNGHKFSVSGEGEGDATYGKLTLKFICTTGKLPVPWPTLVTTLTYGVQCFSRYPDHMK
QHDFFKSAMPEGYVQERTIFFKDDGNYKTRAEVKFEGDTLVNRIELKGIDFKEDGNILGHKLEYNYNSHNVYIMADKQKN
GIKVNFKIRHNIEDGSVQLADHYQQNTPIGDGPVLLPDNHYLSTQSKLSKDPNEKRDHMVLLEFVTAAGITLGMDELYKS
GLRSWSHPQFEK
;
_entity_poly.pdbx_strand_id   A,B,C,D
#
# COMPACT_ATOMS: atom_id res chain seq x y z
N VAL A 148 50.27 11.68 -56.83
CA VAL A 148 48.90 12.00 -57.30
C VAL A 148 47.93 11.69 -56.16
N PHE A 149 48.16 10.57 -55.47
CA PHE A 149 47.31 10.12 -54.37
C PHE A 149 48.16 9.96 -53.12
N ASN A 150 48.07 10.93 -52.22
CA ASN A 150 48.76 10.92 -50.95
C ASN A 150 47.85 10.24 -49.92
N ARG A 151 48.29 10.21 -48.65
CA ARG A 151 47.48 9.64 -47.60
C ARG A 151 46.17 10.45 -47.48
N PRO A 152 46.18 11.75 -47.16
CA PRO A 152 44.89 12.44 -46.97
C PRO A 152 43.98 12.46 -48.19
N ILE A 153 44.56 12.29 -49.38
CA ILE A 153 43.79 12.36 -50.63
C ILE A 153 42.77 11.25 -50.67
N LEU A 154 43.23 10.00 -50.51
CA LEU A 154 42.34 8.87 -50.70
C LEU A 154 41.27 8.81 -49.62
N PHE A 155 41.65 9.00 -48.35
CA PHE A 155 40.71 8.84 -47.24
C PHE A 155 39.56 9.84 -47.37
N ASP A 156 39.78 10.96 -48.07
CA ASP A 156 38.68 11.82 -48.46
C ASP A 156 37.80 11.14 -49.51
N ILE A 157 38.43 10.68 -50.60
CA ILE A 157 37.74 10.16 -51.77
C ILE A 157 36.84 8.99 -51.37
N VAL A 158 37.40 8.04 -50.63
CA VAL A 158 36.61 6.89 -50.21
C VAL A 158 35.57 7.30 -49.17
N SER A 159 35.91 8.24 -48.28
CA SER A 159 34.94 8.77 -47.34
C SER A 159 33.80 9.48 -48.05
N ARG A 160 34.07 10.09 -49.20
CA ARG A 160 33.03 10.66 -50.03
C ARG A 160 32.24 9.61 -50.78
N GLY A 161 32.78 8.41 -50.96
CA GLY A 161 32.05 7.30 -51.52
C GLY A 161 31.52 7.56 -52.92
N SER A 162 32.43 7.74 -53.87
CA SER A 162 32.07 8.05 -55.25
C SER A 162 33.21 7.53 -56.13
N THR A 163 32.92 6.47 -56.89
CA THR A 163 33.94 5.69 -57.58
C THR A 163 34.26 6.24 -58.97
N ALA A 164 34.55 7.53 -59.04
CA ALA A 164 34.97 8.17 -60.29
C ALA A 164 36.27 8.92 -60.09
N ASP A 165 36.43 9.56 -58.93
CA ASP A 165 37.62 10.35 -58.65
C ASP A 165 38.80 9.44 -58.33
N LEU A 166 38.53 8.23 -57.83
CA LEU A 166 39.57 7.28 -57.49
C LEU A 166 40.18 6.61 -58.71
N ASP A 167 39.44 6.52 -59.81
CA ASP A 167 39.91 5.77 -60.97
C ASP A 167 41.16 6.42 -61.55
N GLY A 168 42.19 5.60 -61.75
CA GLY A 168 43.49 6.07 -62.19
C GLY A 168 44.56 5.80 -61.16
N LEU A 169 44.16 5.68 -59.89
CA LEU A 169 45.12 5.26 -58.86
C LEU A 169 45.60 3.85 -59.10
N LEU A 170 44.82 3.04 -59.84
CA LEU A 170 45.24 1.68 -60.17
C LEU A 170 46.53 1.74 -60.99
N PRO A 171 46.57 2.26 -62.23
CA PRO A 171 47.87 2.27 -62.93
C PRO A 171 48.94 3.11 -62.26
N PHE A 172 48.56 4.17 -61.54
CA PHE A 172 49.55 4.99 -60.86
C PHE A 172 50.33 4.19 -59.85
N LEU A 173 49.62 3.42 -59.02
CA LEU A 173 50.26 2.68 -57.95
C LEU A 173 51.11 1.54 -58.48
N LEU A 174 50.66 0.88 -59.55
CA LEU A 174 51.40 -0.23 -60.15
C LEU A 174 52.79 0.18 -60.61
N THR A 175 52.95 1.44 -61.01
CA THR A 175 54.22 1.90 -61.58
C THR A 175 55.26 2.22 -60.51
N HIS A 176 54.83 2.92 -59.46
CA HIS A 176 55.75 3.46 -58.46
C HIS A 176 56.16 2.42 -57.41
N LYS A 177 55.86 1.14 -57.66
CA LYS A 177 56.26 0.04 -56.79
C LYS A 177 55.70 0.24 -55.39
N LYS A 178 54.38 0.21 -55.26
CA LYS A 178 53.71 0.37 -53.97
C LYS A 178 52.65 -0.70 -53.81
N ARG A 179 52.13 -0.81 -52.59
CA ARG A 179 50.95 -1.61 -52.27
C ARG A 179 50.19 -0.79 -51.24
N LEU A 180 48.86 -0.79 -51.33
CA LEU A 180 48.01 0.11 -50.54
C LEU A 180 48.32 0.04 -49.04
N THR A 181 48.67 -1.16 -48.57
CA THR A 181 49.02 -1.38 -47.16
C THR A 181 50.27 -0.65 -46.69
N ASP A 182 51.06 -0.10 -47.62
CA ASP A 182 52.36 0.50 -47.28
C ASP A 182 52.22 1.60 -46.23
N GLU A 183 53.24 1.72 -45.38
CA GLU A 183 53.18 2.49 -44.14
C GLU A 183 52.81 3.95 -44.37
N GLU A 184 53.40 4.58 -45.38
CA GLU A 184 53.21 6.02 -45.59
C GLU A 184 52.02 6.30 -46.49
N PHE A 185 51.04 5.41 -46.48
CA PHE A 185 49.74 5.63 -47.12
C PHE A 185 48.60 5.37 -46.16
N ARG A 186 48.88 4.69 -45.04
CA ARG A 186 47.89 4.40 -44.01
C ARG A 186 48.12 5.31 -42.81
N GLU A 187 47.09 5.49 -42.01
CA GLU A 187 47.10 6.47 -40.92
C GLU A 187 48.19 6.12 -39.90
N PRO A 188 48.83 7.11 -39.25
CA PRO A 188 49.93 6.79 -38.33
C PRO A 188 49.46 6.32 -36.96
N SER A 189 48.32 6.81 -36.50
CA SER A 189 47.88 6.53 -35.15
C SER A 189 47.27 5.15 -35.02
N THR A 190 46.17 4.91 -35.73
CA THR A 190 45.47 3.64 -35.64
C THR A 190 46.17 2.57 -36.45
N GLY A 191 46.26 2.80 -37.75
CA GLY A 191 46.69 1.80 -38.71
C GLY A 191 45.64 1.59 -39.78
N LYS A 192 44.72 2.54 -39.91
CA LYS A 192 43.59 2.39 -40.80
C LYS A 192 44.02 2.58 -42.25
N THR A 193 43.34 1.85 -43.12
CA THR A 193 43.58 1.89 -44.55
C THR A 193 42.30 2.33 -45.24
N CYS A 194 42.29 2.26 -46.56
CA CYS A 194 41.13 2.70 -47.34
C CYS A 194 39.88 1.90 -46.99
N LEU A 195 40.02 0.59 -46.86
CA LEU A 195 38.86 -0.30 -46.82
C LEU A 195 38.00 -0.10 -45.58
N PRO A 196 38.57 0.06 -44.37
CA PRO A 196 37.74 0.44 -43.23
C PRO A 196 36.99 1.75 -43.47
N LYS A 197 37.72 2.79 -43.88
CA LYS A 197 37.16 4.12 -44.07
C LYS A 197 35.98 4.10 -45.04
N ALA A 198 35.99 3.17 -45.99
CA ALA A 198 34.86 2.97 -46.88
C ALA A 198 33.66 2.47 -46.08
N LEU A 199 33.92 1.48 -45.21
CA LEU A 199 32.84 0.79 -44.51
C LEU A 199 32.30 1.63 -43.35
N LEU A 200 33.19 2.34 -42.63
CA LEU A 200 32.74 3.21 -41.56
C LEU A 200 31.83 4.30 -42.09
N ASN A 201 32.21 4.90 -43.21
CA ASN A 201 31.43 5.98 -43.81
C ASN A 201 30.46 5.43 -44.85
N LEU A 202 30.07 4.17 -44.70
CA LEU A 202 29.04 3.59 -45.55
C LEU A 202 27.74 4.37 -45.40
N SER A 203 26.95 4.45 -46.47
CA SER A 203 25.70 5.18 -46.42
C SER A 203 24.66 4.46 -47.26
N ASN A 204 23.47 4.32 -46.68
CA ASN A 204 22.29 3.80 -47.37
C ASN A 204 22.37 2.29 -47.58
N GLY A 205 23.40 1.64 -47.03
CA GLY A 205 23.51 0.20 -47.09
C GLY A 205 24.53 -0.32 -48.09
N ARG A 206 25.04 0.55 -48.96
CA ARG A 206 25.97 0.14 -50.00
C ARG A 206 26.92 1.29 -50.28
N ASN A 207 28.04 0.96 -50.93
CA ASN A 207 29.02 1.93 -51.39
C ASN A 207 29.90 1.23 -52.41
N ASP A 208 29.92 1.71 -53.65
CA ASP A 208 30.55 0.98 -54.74
C ASP A 208 32.05 1.26 -54.87
N THR A 209 32.65 2.03 -53.96
CA THR A 209 34.10 2.15 -53.95
C THR A 209 34.76 0.80 -53.64
N ILE A 210 34.15 0.01 -52.77
CA ILE A 210 34.80 -1.15 -52.15
C ILE A 210 35.11 -2.21 -53.21
N PRO A 211 34.17 -2.60 -54.09
CA PRO A 211 34.55 -3.61 -55.11
C PRO A 211 35.68 -3.16 -56.03
N VAL A 212 35.90 -1.85 -56.16
CA VAL A 212 36.98 -1.36 -57.01
C VAL A 212 38.30 -1.37 -56.24
N LEU A 213 38.29 -0.86 -55.00
CA LEU A 213 39.49 -0.95 -54.17
C LEU A 213 39.90 -2.39 -53.94
N LEU A 214 38.93 -3.31 -53.90
CA LEU A 214 39.26 -4.73 -53.84
C LEU A 214 39.68 -5.24 -55.21
N ASP A 215 39.07 -4.74 -56.28
CA ASP A 215 39.53 -5.07 -57.62
C ASP A 215 40.96 -4.60 -57.82
N ILE A 216 41.30 -3.46 -57.23
CA ILE A 216 42.66 -2.93 -57.29
C ILE A 216 43.59 -3.72 -56.38
N ALA A 217 43.02 -4.41 -55.38
CA ALA A 217 43.83 -5.12 -54.40
C ALA A 217 44.56 -6.30 -55.04
N GLU A 218 43.85 -7.12 -55.83
CA GLU A 218 44.50 -8.29 -56.42
C GLU A 218 45.51 -7.84 -57.46
N ARG A 219 45.29 -6.68 -58.07
CA ARG A 219 46.27 -6.14 -59.00
C ARG A 219 47.59 -5.85 -58.29
N THR A 220 47.51 -5.34 -57.07
CA THR A 220 48.68 -5.22 -56.21
C THR A 220 49.04 -6.54 -55.53
N GLY A 221 48.09 -7.45 -55.41
CA GLY A 221 48.34 -8.76 -54.82
C GLY A 221 48.47 -8.68 -53.32
N ASN A 222 47.42 -8.17 -52.67
CA ASN A 222 47.43 -7.96 -51.23
C ASN A 222 46.11 -8.32 -50.55
N MET A 223 45.15 -8.90 -51.29
CA MET A 223 43.85 -9.30 -50.76
C MET A 223 43.94 -9.99 -49.41
N ARG A 224 44.88 -10.92 -49.29
CA ARG A 224 45.17 -11.58 -48.02
C ARG A 224 45.57 -10.52 -47.00
N GLU A 225 46.52 -9.67 -47.39
CA GLU A 225 46.98 -8.60 -46.51
C GLU A 225 46.05 -7.40 -46.51
N PHE A 226 45.11 -7.33 -47.45
CA PHE A 226 44.30 -6.13 -47.64
C PHE A 226 43.02 -6.21 -46.83
N ILE A 227 42.27 -7.32 -46.93
CA ILE A 227 41.24 -7.57 -45.92
C ILE A 227 41.95 -8.36 -44.83
N ASN A 228 42.82 -7.68 -44.11
CA ASN A 228 43.43 -8.17 -42.88
C ASN A 228 44.25 -7.01 -42.35
N SER A 229 44.02 -6.60 -41.12
CA SER A 229 44.86 -5.55 -40.57
C SER A 229 44.67 -5.41 -39.07
N PRO A 230 45.75 -5.43 -38.29
CA PRO A 230 45.65 -5.00 -36.88
C PRO A 230 45.74 -3.49 -36.74
N PHE A 231 44.61 -2.79 -36.69
CA PHE A 231 44.64 -1.47 -36.10
C PHE A 231 45.42 -1.61 -34.81
N ARG A 232 46.62 -1.03 -34.73
CA ARG A 232 47.44 -1.23 -33.55
C ARG A 232 47.15 -0.18 -32.50
N ASP A 233 46.02 0.51 -32.62
CA ASP A 233 45.55 1.39 -31.57
C ASP A 233 45.27 0.56 -30.33
N ILE A 234 45.60 1.12 -29.17
CA ILE A 234 45.36 0.45 -27.89
C ILE A 234 43.89 0.53 -27.51
N TYR A 235 43.06 1.15 -28.37
CA TYR A 235 41.62 0.98 -28.28
C TYR A 235 41.06 0.08 -29.38
N TYR A 236 41.86 -0.38 -30.34
CA TYR A 236 41.35 -1.18 -31.44
C TYR A 236 42.30 -2.33 -31.84
N ARG A 237 42.99 -2.93 -30.88
CA ARG A 237 43.99 -3.94 -31.21
C ARG A 237 43.37 -5.19 -31.80
N GLY A 238 43.01 -5.12 -33.07
CA GLY A 238 42.73 -6.31 -33.86
C GLY A 238 41.59 -6.15 -34.84
N GLN A 239 40.89 -5.03 -34.80
CA GLN A 239 39.72 -4.82 -35.64
C GLN A 239 40.09 -4.87 -37.11
N THR A 240 39.26 -5.56 -37.88
CA THR A 240 39.46 -5.75 -39.30
C THR A 240 38.25 -5.21 -40.05
N ALA A 241 38.28 -5.33 -41.37
CA ALA A 241 37.14 -4.91 -42.18
C ALA A 241 35.94 -5.82 -41.97
N LEU A 242 36.16 -7.06 -41.53
CA LEU A 242 35.05 -7.97 -41.32
C LEU A 242 34.34 -7.66 -40.02
N HIS A 243 35.09 -7.30 -38.98
CA HIS A 243 34.49 -6.82 -37.75
C HIS A 243 33.62 -5.60 -38.02
N ILE A 244 34.04 -4.78 -38.97
CA ILE A 244 33.28 -3.59 -39.34
C ILE A 244 32.09 -3.97 -40.21
N ALA A 245 32.28 -4.94 -41.10
CA ALA A 245 31.24 -5.32 -42.06
C ALA A 245 30.00 -5.84 -41.34
N ILE A 246 30.19 -6.42 -40.16
CA ILE A 246 29.10 -7.12 -39.49
C ILE A 246 28.35 -6.15 -38.58
N GLU A 247 29.11 -5.36 -37.79
CA GLU A 247 28.48 -4.42 -36.87
C GLU A 247 27.69 -3.34 -37.59
N ARG A 248 28.00 -3.07 -38.86
CA ARG A 248 27.21 -2.16 -39.67
C ARG A 248 25.96 -2.83 -40.25
N ARG A 249 25.71 -4.10 -39.92
CA ARG A 249 24.57 -4.84 -40.45
C ARG A 249 24.61 -4.89 -41.97
N CYS A 250 25.82 -5.01 -42.51
CA CYS A 250 26.04 -4.97 -43.96
C CYS A 250 26.28 -6.39 -44.47
N LYS A 251 25.16 -7.08 -44.74
CA LYS A 251 25.24 -8.47 -45.19
C LYS A 251 26.00 -8.60 -46.49
N HIS A 252 25.79 -7.68 -47.42
CA HIS A 252 26.24 -7.81 -48.79
C HIS A 252 27.75 -7.90 -48.86
N TYR A 253 28.45 -7.14 -48.02
CA TYR A 253 29.90 -7.15 -48.00
C TYR A 253 30.46 -8.24 -47.10
N VAL A 254 29.73 -8.67 -46.07
CA VAL A 254 30.20 -9.76 -45.24
C VAL A 254 30.29 -11.01 -46.10
N GLU A 255 29.33 -11.19 -46.99
CA GLU A 255 29.44 -12.23 -48.00
C GLU A 255 30.66 -11.98 -48.89
N LEU A 256 30.91 -10.71 -49.23
CA LEU A 256 32.07 -10.38 -50.05
C LEU A 256 33.37 -10.71 -49.32
N LEU A 257 33.63 -10.02 -48.19
CA LEU A 257 34.97 -9.99 -47.60
C LEU A 257 35.51 -11.38 -47.30
N VAL A 258 34.62 -12.30 -46.93
CA VAL A 258 35.05 -13.67 -46.66
C VAL A 258 35.33 -14.40 -47.97
N ALA A 259 34.64 -14.01 -49.04
CA ALA A 259 34.75 -14.70 -50.32
C ALA A 259 36.16 -14.60 -50.90
N GLN A 260 36.81 -13.45 -50.71
CA GLN A 260 38.20 -13.30 -51.13
C GLN A 260 39.18 -13.85 -50.08
N GLY A 261 38.68 -14.63 -49.12
CA GLY A 261 39.54 -15.36 -48.22
C GLY A 261 40.30 -14.48 -47.26
N ALA A 262 39.59 -13.77 -46.40
CA ALA A 262 40.23 -12.76 -45.57
C ALA A 262 40.63 -13.27 -44.19
N ASP A 263 39.63 -13.52 -43.34
CA ASP A 263 39.80 -14.08 -42.00
C ASP A 263 38.40 -14.18 -41.40
N VAL A 264 38.19 -15.12 -40.48
CA VAL A 264 36.98 -15.10 -39.65
C VAL A 264 37.33 -15.42 -38.22
N HIS A 265 38.58 -15.13 -37.83
CA HIS A 265 39.10 -15.52 -36.51
C HIS A 265 39.95 -14.43 -35.88
N ALA A 266 39.96 -13.23 -36.46
CA ALA A 266 40.79 -12.16 -35.95
C ALA A 266 40.32 -11.72 -34.57
N GLN A 267 41.27 -11.70 -33.62
CA GLN A 267 40.99 -11.39 -32.23
C GLN A 267 40.97 -9.87 -32.06
N ALA A 268 39.77 -9.29 -32.03
CA ALA A 268 39.60 -7.89 -31.73
C ALA A 268 39.85 -7.60 -30.26
N ARG A 269 41.11 -7.54 -29.87
CA ARG A 269 41.53 -7.50 -28.47
C ARG A 269 41.69 -6.09 -27.91
N GLY A 270 41.25 -5.06 -28.63
CA GLY A 270 41.48 -3.70 -28.20
C GLY A 270 40.68 -3.37 -26.94
N ARG A 271 41.21 -2.43 -26.15
CA ARG A 271 40.62 -2.04 -24.88
C ARG A 271 39.16 -1.62 -25.03
N PHE A 272 38.81 -1.06 -26.18
CA PHE A 272 37.40 -0.85 -26.50
C PHE A 272 36.68 -2.19 -26.51
N PHE A 273 37.34 -3.18 -27.09
CA PHE A 273 36.77 -4.51 -27.27
C PHE A 273 37.11 -5.43 -26.09
N GLN A 274 36.85 -4.91 -24.88
CA GLN A 274 37.04 -5.65 -23.65
C GLN A 274 35.78 -5.48 -22.82
N PRO A 275 35.60 -6.27 -21.77
CA PRO A 275 34.44 -6.07 -20.91
C PRO A 275 34.47 -4.71 -20.23
N LYS A 276 33.29 -4.26 -19.80
CA LYS A 276 33.12 -2.92 -19.25
C LYS A 276 33.84 -2.72 -17.92
N ASP A 277 34.31 -3.81 -17.30
CA ASP A 277 35.07 -3.74 -16.06
C ASP A 277 36.57 -3.68 -16.28
N GLU A 278 37.05 -4.01 -17.48
CA GLU A 278 38.44 -3.76 -17.85
C GLU A 278 38.67 -2.31 -18.28
N GLY A 279 37.61 -1.50 -18.31
CA GLY A 279 37.68 -0.20 -18.94
C GLY A 279 37.44 -0.32 -20.43
N GLY A 280 36.26 -0.79 -20.78
CA GLY A 280 35.88 -0.99 -22.17
C GLY A 280 34.41 -0.72 -22.31
N TYR A 281 33.90 -0.98 -23.53
CA TYR A 281 32.53 -0.66 -23.88
C TYR A 281 31.72 -1.87 -24.33
N PHE A 282 32.27 -2.73 -25.16
CA PHE A 282 31.51 -3.80 -25.80
C PHE A 282 32.37 -5.05 -25.97
N TYR A 283 32.20 -6.00 -25.07
CA TYR A 283 32.72 -7.36 -25.24
C TYR A 283 31.66 -8.18 -25.96
N PHE A 284 32.09 -9.00 -26.91
CA PHE A 284 31.20 -9.85 -27.69
C PHE A 284 31.83 -11.21 -27.93
N GLY A 285 32.86 -11.55 -27.17
CA GLY A 285 33.85 -12.50 -27.62
C GLY A 285 34.97 -11.66 -28.18
N GLU A 286 35.69 -12.15 -29.17
CA GLU A 286 36.65 -11.30 -29.86
C GLU A 286 36.68 -11.62 -31.36
N LEU A 287 35.62 -12.24 -31.86
CA LEU A 287 35.65 -12.89 -33.16
C LEU A 287 34.46 -12.44 -33.99
N PRO A 288 34.55 -12.51 -35.33
CA PRO A 288 33.40 -12.11 -36.14
C PRO A 288 32.16 -12.95 -35.93
N LEU A 289 32.31 -14.26 -35.74
CA LEU A 289 31.14 -15.08 -35.46
C LEU A 289 30.55 -14.76 -34.11
N SER A 290 31.41 -14.51 -33.13
CA SER A 290 30.93 -14.15 -31.80
C SER A 290 30.25 -12.79 -31.82
N LEU A 291 30.62 -11.94 -32.78
CA LEU A 291 29.99 -10.63 -32.92
C LEU A 291 28.61 -10.76 -33.52
N ALA A 292 28.51 -11.44 -34.66
CA ALA A 292 27.26 -11.55 -35.39
C ALA A 292 26.16 -12.13 -34.53
N ALA A 293 26.52 -13.05 -33.64
CA ALA A 293 25.59 -13.53 -32.64
C ALA A 293 25.25 -12.44 -31.64
N CYS A 294 26.27 -11.88 -31.00
CA CYS A 294 26.07 -10.92 -29.92
C CYS A 294 25.49 -9.60 -30.41
N THR A 295 25.40 -9.38 -31.72
CA THR A 295 24.85 -8.15 -32.30
C THR A 295 23.50 -8.37 -32.98
N ASN A 296 22.83 -9.48 -32.72
CA ASN A 296 21.49 -9.75 -33.23
C ASN A 296 21.46 -9.74 -34.76
N GLN A 297 22.26 -10.61 -35.35
CA GLN A 297 22.32 -10.79 -36.80
C GLN A 297 22.28 -12.27 -37.13
N PRO A 298 21.12 -12.91 -37.10
CA PRO A 298 21.05 -14.35 -37.40
C PRO A 298 21.53 -14.71 -38.80
N HIS A 299 21.32 -13.82 -39.76
CA HIS A 299 21.61 -14.14 -41.15
C HIS A 299 23.10 -14.29 -41.38
N ILE A 300 23.89 -13.39 -40.80
CA ILE A 300 25.35 -13.50 -40.88
C ILE A 300 25.80 -14.80 -40.26
N VAL A 301 25.26 -15.13 -39.09
CA VAL A 301 25.74 -16.23 -38.27
C VAL A 301 25.51 -17.54 -39.01
N ASN A 302 24.33 -17.67 -39.62
CA ASN A 302 24.04 -18.81 -40.49
C ASN A 302 25.06 -18.87 -41.62
N TYR A 303 25.24 -17.74 -42.31
CA TYR A 303 26.13 -17.68 -43.47
C TYR A 303 27.56 -18.03 -43.10
N LEU A 304 28.11 -17.37 -42.08
CA LEU A 304 29.52 -17.54 -41.71
C LEU A 304 29.90 -18.99 -41.45
N THR A 305 28.92 -19.79 -41.03
CA THR A 305 29.15 -21.21 -40.82
C THR A 305 29.07 -21.98 -42.13
N GLU A 306 27.91 -21.99 -42.78
CA GLU A 306 27.73 -22.68 -44.06
C GLU A 306 27.93 -21.68 -45.20
N ASN A 307 29.13 -21.09 -45.22
CA ASN A 307 29.63 -20.34 -46.36
C ASN A 307 30.66 -21.23 -47.06
N PRO A 308 30.83 -21.12 -48.40
CA PRO A 308 31.75 -22.02 -49.10
C PRO A 308 33.23 -21.85 -48.74
N HIS A 309 33.77 -20.64 -48.89
CA HIS A 309 35.21 -20.44 -48.95
C HIS A 309 35.93 -20.86 -47.67
N LYS A 310 35.69 -20.13 -46.59
CA LYS A 310 36.18 -20.45 -45.26
C LYS A 310 34.97 -20.44 -44.33
N LYS A 311 35.12 -20.97 -43.12
CA LYS A 311 34.05 -20.89 -42.15
C LYS A 311 34.62 -20.90 -40.74
N ALA A 312 34.09 -20.04 -39.89
CA ALA A 312 34.46 -20.07 -38.49
C ALA A 312 33.73 -21.20 -37.81
N ASP A 313 34.50 -22.14 -37.27
CA ASP A 313 33.93 -23.19 -36.44
C ASP A 313 33.33 -22.54 -35.20
N MET A 314 32.28 -23.18 -34.67
CA MET A 314 31.60 -22.66 -33.48
C MET A 314 32.35 -23.02 -32.20
N ARG A 315 33.54 -23.62 -32.33
CA ARG A 315 34.35 -24.00 -31.21
C ARG A 315 35.39 -22.98 -30.81
N ARG A 316 35.70 -22.01 -31.67
CA ARG A 316 36.91 -21.23 -31.46
C ARG A 316 36.82 -20.39 -30.20
N GLN A 317 37.90 -20.37 -29.45
CA GLN A 317 38.00 -19.66 -28.19
C GLN A 317 38.70 -18.34 -28.45
N ASP A 318 38.20 -17.26 -27.85
CA ASP A 318 38.91 -16.00 -27.85
C ASP A 318 40.09 -16.06 -26.89
N SER A 319 40.69 -14.91 -26.60
CA SER A 319 41.87 -14.84 -25.74
C SER A 319 41.55 -14.99 -24.25
N ARG A 320 40.32 -15.35 -23.92
CA ARG A 320 39.94 -15.75 -22.57
C ARG A 320 39.45 -17.19 -22.49
N GLY A 321 39.44 -17.95 -23.58
CA GLY A 321 38.82 -19.23 -23.62
C GLY A 321 37.37 -19.17 -24.06
N ASN A 322 36.76 -17.99 -24.03
CA ASN A 322 35.32 -17.87 -24.21
C ASN A 322 34.94 -18.05 -25.67
N THR A 323 34.07 -19.02 -25.92
CA THR A 323 33.48 -19.24 -27.22
C THR A 323 32.26 -18.33 -27.37
N VAL A 324 31.50 -18.55 -28.43
CA VAL A 324 30.33 -17.72 -28.72
C VAL A 324 29.31 -17.79 -27.59
N LEU A 325 29.09 -18.96 -27.01
CA LEU A 325 28.07 -19.07 -25.97
C LEU A 325 28.52 -18.42 -24.68
N HIS A 326 29.81 -18.57 -24.34
CA HIS A 326 30.40 -17.80 -23.25
C HIS A 326 30.16 -16.31 -23.43
N ALA A 327 30.21 -15.84 -24.67
CA ALA A 327 30.09 -14.42 -24.97
C ALA A 327 28.66 -13.92 -24.95
N LEU A 328 27.70 -14.75 -25.34
CA LEU A 328 26.30 -14.41 -25.18
C LEU A 328 25.90 -14.26 -23.73
N VAL A 329 26.58 -14.96 -22.82
CA VAL A 329 26.34 -14.79 -21.40
C VAL A 329 26.97 -13.49 -20.90
N ALA A 330 27.97 -12.97 -21.60
CA ALA A 330 28.64 -11.74 -21.19
C ALA A 330 27.87 -10.47 -21.59
N ILE A 331 26.94 -10.58 -22.52
CA ILE A 331 26.23 -9.43 -23.08
C ILE A 331 24.76 -9.45 -22.69
N ALA A 332 24.29 -10.57 -22.16
CA ALA A 332 22.90 -10.71 -21.74
C ALA A 332 22.73 -9.94 -20.44
N ASP A 333 21.98 -8.85 -20.52
CA ASP A 333 21.33 -8.32 -19.34
C ASP A 333 19.98 -8.98 -19.18
N ASN A 334 19.44 -8.88 -17.98
CA ASN A 334 18.18 -9.52 -17.64
C ASN A 334 16.98 -8.66 -17.98
N THR A 335 16.94 -8.17 -19.21
CA THR A 335 15.83 -7.40 -19.75
C THR A 335 15.05 -8.30 -20.72
N ARG A 336 13.85 -7.87 -21.08
CA ARG A 336 13.01 -8.64 -21.99
C ARG A 336 13.69 -8.79 -23.34
N GLU A 337 14.06 -7.66 -23.95
CA GLU A 337 14.56 -7.67 -25.32
C GLU A 337 15.92 -8.38 -25.40
N ASN A 338 16.78 -8.20 -24.41
CA ASN A 338 18.08 -8.84 -24.42
C ASN A 338 17.95 -10.35 -24.23
N THR A 339 17.22 -10.77 -23.20
CA THR A 339 17.09 -12.19 -22.91
C THR A 339 16.36 -12.92 -24.03
N LYS A 340 15.56 -12.20 -24.82
CA LYS A 340 14.90 -12.81 -25.95
C LYS A 340 15.91 -13.33 -26.98
N PHE A 341 16.69 -12.45 -27.61
CA PHE A 341 17.49 -12.89 -28.74
C PHE A 341 18.79 -13.56 -28.31
N VAL A 342 19.07 -13.57 -27.00
CA VAL A 342 20.20 -14.36 -26.51
C VAL A 342 19.83 -15.84 -26.51
N THR A 343 18.65 -16.15 -26.01
CA THR A 343 18.24 -17.55 -25.89
C THR A 343 18.01 -18.18 -27.25
N LYS A 344 17.54 -17.40 -28.22
CA LYS A 344 17.30 -17.90 -29.57
C LYS A 344 18.60 -18.39 -30.18
N MET A 345 19.60 -17.50 -30.23
CA MET A 345 20.86 -17.83 -30.87
C MET A 345 21.65 -18.83 -30.06
N TYR A 346 21.59 -18.74 -28.73
CA TYR A 346 22.21 -19.74 -27.88
C TYR A 346 21.75 -21.14 -28.30
N ASP A 347 20.43 -21.33 -28.38
CA ASP A 347 19.88 -22.57 -28.89
C ASP A 347 20.39 -22.87 -30.29
N LEU A 348 20.13 -21.95 -31.23
CA LEU A 348 20.48 -22.05 -32.64
C LEU A 348 21.87 -22.62 -32.87
N LEU A 349 22.89 -21.97 -32.32
CA LEU A 349 24.25 -22.47 -32.46
C LEU A 349 24.42 -23.80 -31.77
N LEU A 350 23.78 -23.98 -30.62
CA LEU A 350 23.95 -25.22 -29.86
C LEU A 350 23.30 -26.38 -30.58
N LEU A 351 22.08 -26.18 -31.08
CA LEU A 351 21.44 -27.18 -31.92
C LEU A 351 22.18 -27.36 -33.23
N LYS A 352 22.70 -26.27 -33.80
CA LYS A 352 23.42 -26.34 -35.05
C LYS A 352 24.75 -27.08 -34.89
N CYS A 353 25.45 -26.83 -33.79
CA CYS A 353 26.74 -27.49 -33.58
C CYS A 353 26.59 -28.94 -33.17
N ALA A 354 25.35 -29.41 -32.99
CA ALA A 354 25.11 -30.83 -32.80
C ALA A 354 25.13 -31.56 -34.14
N ARG A 355 24.55 -30.93 -35.16
CA ARG A 355 24.60 -31.45 -36.52
C ARG A 355 26.04 -31.68 -36.94
N LEU A 356 26.85 -30.62 -36.96
CA LEU A 356 28.28 -30.75 -37.15
C LEU A 356 28.90 -31.37 -35.91
N PHE A 357 30.15 -31.86 -36.05
CA PHE A 357 30.97 -32.34 -34.95
C PHE A 357 30.18 -33.16 -33.93
N PRO A 358 29.50 -34.25 -34.32
CA PRO A 358 28.58 -34.91 -33.38
C PRO A 358 29.31 -35.57 -32.22
N ASP A 359 29.87 -34.71 -31.36
CA ASP A 359 30.83 -35.05 -30.30
C ASP A 359 30.57 -34.07 -29.16
N SER A 360 31.56 -33.84 -28.28
CA SER A 360 31.49 -32.94 -27.14
C SER A 360 30.64 -31.68 -27.36
N ASN A 361 29.70 -31.43 -26.46
CA ASN A 361 28.80 -30.30 -26.60
C ASN A 361 29.57 -29.00 -26.44
N LEU A 362 29.22 -28.01 -27.24
CA LEU A 362 29.92 -26.74 -27.23
C LEU A 362 29.67 -26.01 -25.92
N GLU A 363 28.54 -26.31 -25.28
CA GLU A 363 28.25 -25.82 -23.94
C GLU A 363 29.16 -26.42 -22.87
N ALA A 364 29.87 -27.50 -23.18
CA ALA A 364 30.83 -28.08 -22.25
C ALA A 364 32.21 -27.49 -22.37
N VAL A 365 32.45 -26.63 -23.36
CA VAL A 365 33.78 -26.07 -23.59
C VAL A 365 34.10 -25.11 -22.46
N LEU A 366 34.97 -25.54 -21.56
CA LEU A 366 35.41 -24.69 -20.47
C LEU A 366 36.30 -23.58 -21.04
N ASN A 367 36.24 -22.41 -20.41
CA ASN A 367 37.09 -21.29 -20.77
C ASN A 367 38.34 -21.31 -19.88
N ASN A 368 39.14 -20.24 -19.90
CA ASN A 368 40.42 -20.23 -19.21
C ASN A 368 40.30 -19.86 -17.74
N ASP A 369 39.09 -19.94 -17.19
CA ASP A 369 38.93 -20.13 -15.76
C ASP A 369 37.89 -21.20 -15.45
N GLY A 370 37.70 -22.16 -16.35
CA GLY A 370 36.77 -23.25 -16.17
C GLY A 370 35.36 -22.94 -16.58
N LEU A 371 34.82 -21.84 -16.12
CA LEU A 371 33.39 -21.62 -16.02
C LEU A 371 32.69 -21.74 -17.38
N SER A 372 31.91 -22.79 -17.54
CA SER A 372 31.08 -23.04 -18.69
C SER A 372 30.03 -21.94 -18.84
N PRO A 373 29.27 -21.90 -19.93
CA PRO A 373 28.29 -20.82 -20.08
C PRO A 373 27.21 -20.78 -19.01
N LEU A 374 26.86 -21.94 -18.47
CA LEU A 374 25.93 -21.97 -17.34
C LEU A 374 26.60 -21.50 -16.06
N MET A 375 27.77 -22.08 -15.74
CA MET A 375 28.55 -21.60 -14.61
C MET A 375 28.90 -20.13 -14.74
N MET A 376 29.06 -19.66 -15.97
CA MET A 376 29.46 -18.28 -16.20
C MET A 376 28.28 -17.34 -16.01
N ALA A 377 27.08 -17.81 -16.31
CA ALA A 377 25.87 -17.05 -16.01
C ALA A 377 25.56 -17.03 -14.54
N ALA A 378 25.78 -18.15 -13.85
CA ALA A 378 25.54 -18.21 -12.42
C ALA A 378 26.44 -17.26 -11.65
N LYS A 379 27.68 -17.10 -12.09
CA LYS A 379 28.60 -16.19 -11.43
C LYS A 379 28.31 -14.74 -11.77
N THR A 380 27.67 -14.49 -12.91
CA THR A 380 27.39 -13.14 -13.40
C THR A 380 25.94 -12.74 -13.28
N GLY A 381 25.07 -13.62 -12.80
CA GLY A 381 23.73 -13.22 -12.41
C GLY A 381 22.74 -13.04 -13.53
N LYS A 382 22.79 -13.91 -14.53
CA LYS A 382 21.98 -13.77 -15.74
C LYS A 382 20.88 -14.82 -15.72
N ILE A 383 19.69 -14.39 -15.29
CA ILE A 383 18.59 -15.32 -15.06
C ILE A 383 18.05 -15.85 -16.38
N GLY A 384 17.85 -14.97 -17.36
CA GLY A 384 17.17 -15.31 -18.59
C GLY A 384 17.82 -16.47 -19.33
N ILE A 385 19.15 -16.46 -19.36
CA ILE A 385 19.88 -17.57 -19.97
C ILE A 385 19.99 -18.73 -18.99
N PHE A 386 20.20 -18.43 -17.71
CA PHE A 386 20.35 -19.46 -16.70
C PHE A 386 19.09 -20.30 -16.60
N GLN A 387 17.95 -19.63 -16.51
CA GLN A 387 16.67 -20.33 -16.46
C GLN A 387 16.45 -21.14 -17.74
N HIS A 388 16.80 -20.57 -18.89
CA HIS A 388 16.58 -21.23 -20.16
C HIS A 388 17.37 -22.53 -20.27
N ILE A 389 18.61 -22.53 -19.81
CA ILE A 389 19.49 -23.68 -19.98
C ILE A 389 18.95 -24.88 -19.21
N ILE A 390 18.47 -24.64 -17.99
CA ILE A 390 18.11 -25.75 -17.11
C ILE A 390 16.87 -26.46 -17.63
N ARG A 391 15.80 -25.73 -17.89
CA ARG A 391 14.55 -26.31 -18.38
C ARG A 391 14.59 -26.37 -19.91
N ARG A 392 15.66 -26.94 -20.44
CA ARG A 392 15.85 -27.06 -21.88
C ARG A 392 15.37 -28.43 -22.32
N GLU A 393 14.23 -28.47 -23.01
CA GLU A 393 13.63 -29.71 -23.49
C GLU A 393 13.56 -29.66 -25.00
N VAL A 394 14.56 -30.25 -25.65
CA VAL A 394 14.57 -30.43 -27.09
C VAL A 394 14.02 -31.82 -27.35
N THR A 395 13.37 -32.01 -28.51
CA THR A 395 12.55 -33.19 -28.77
C THR A 395 13.10 -34.07 -29.90
N ASP A 396 13.64 -33.44 -30.94
CA ASP A 396 14.09 -34.19 -32.11
C ASP A 396 15.18 -35.19 -31.73
N GLU A 397 15.11 -36.40 -32.30
CA GLU A 397 15.82 -37.56 -31.80
C GLU A 397 17.32 -37.36 -31.73
N ASP A 398 17.88 -36.64 -32.71
CA ASP A 398 19.32 -36.40 -32.73
C ASP A 398 19.74 -35.59 -31.52
N THR A 399 19.12 -34.42 -31.37
CA THR A 399 19.49 -33.46 -30.32
C THR A 399 18.55 -33.59 -29.14
N ARG A 400 18.59 -34.77 -28.52
CA ARG A 400 17.92 -35.02 -27.25
C ARG A 400 18.88 -35.19 -26.11
N HIS A 401 20.16 -35.46 -26.39
CA HIS A 401 21.21 -35.43 -25.38
C HIS A 401 21.46 -34.00 -24.91
N LEU A 402 20.99 -33.01 -25.65
CA LEU A 402 21.14 -31.62 -25.27
C LEU A 402 20.04 -31.12 -24.35
N SER A 403 19.04 -31.95 -24.05
CA SER A 403 17.97 -31.54 -23.17
C SER A 403 18.34 -31.84 -21.72
N ARG A 404 17.83 -30.98 -20.83
CA ARG A 404 18.04 -31.10 -19.40
C ARG A 404 16.73 -31.17 -18.62
N LYS A 405 15.59 -31.30 -19.30
CA LYS A 405 14.28 -31.43 -18.67
C LYS A 405 13.51 -32.45 -19.49
N PHE A 406 13.38 -33.65 -18.95
CA PHE A 406 12.73 -34.75 -19.63
C PHE A 406 11.27 -34.90 -19.19
N LYS A 407 10.59 -35.92 -19.71
CA LYS A 407 9.15 -36.08 -19.58
C LYS A 407 8.85 -37.53 -19.20
N ASP A 408 9.46 -37.98 -18.09
CA ASP A 408 9.49 -39.35 -17.61
C ASP A 408 8.18 -40.12 -17.78
N TRP A 409 7.08 -39.59 -17.26
CA TRP A 409 5.79 -40.23 -17.40
C TRP A 409 4.68 -39.22 -17.19
N ALA A 410 3.53 -39.51 -17.80
CA ALA A 410 2.32 -38.74 -17.65
C ALA A 410 1.13 -39.67 -17.58
N TYR A 411 0.10 -39.22 -16.88
CA TYR A 411 -1.16 -39.95 -16.82
C TYR A 411 -2.30 -38.98 -16.56
N GLY A 412 -2.95 -38.50 -17.61
CA GLY A 412 -3.99 -37.52 -17.45
C GLY A 412 -3.41 -36.25 -16.89
N PRO A 413 -4.13 -35.56 -15.99
CA PRO A 413 -3.61 -34.30 -15.45
C PRO A 413 -2.66 -34.52 -14.28
N VAL A 414 -1.57 -35.22 -14.55
CA VAL A 414 -0.42 -35.24 -13.66
C VAL A 414 0.76 -35.61 -14.55
N TYR A 415 1.82 -34.81 -14.47
CA TYR A 415 2.92 -34.86 -15.44
C TYR A 415 4.22 -34.86 -14.66
N SER A 416 4.91 -35.98 -14.67
CA SER A 416 6.24 -36.00 -14.09
C SER A 416 7.22 -35.33 -15.03
N SER A 417 8.41 -35.08 -14.50
CA SER A 417 9.46 -34.39 -15.21
C SER A 417 10.74 -34.59 -14.43
N LEU A 418 11.86 -34.47 -15.13
CA LEU A 418 13.12 -35.05 -14.67
C LEU A 418 14.27 -34.16 -15.11
N TYR A 419 14.76 -33.35 -14.17
CA TYR A 419 15.80 -32.38 -14.45
C TYR A 419 17.19 -32.99 -14.30
N ASP A 420 18.13 -32.53 -15.12
CA ASP A 420 19.50 -33.01 -15.09
C ASP A 420 20.31 -32.22 -14.07
N LEU A 421 21.02 -32.94 -13.21
CA LEU A 421 21.88 -32.39 -12.18
C LEU A 421 23.35 -32.67 -12.44
N SER A 422 23.75 -32.74 -13.72
CA SER A 422 25.11 -33.07 -14.07
C SER A 422 26.11 -32.07 -13.51
N SER A 423 25.81 -30.78 -13.66
CA SER A 423 26.69 -29.74 -13.15
C SER A 423 26.24 -29.24 -11.79
N LEU A 424 24.93 -29.09 -11.61
CA LEU A 424 24.32 -28.53 -10.41
C LEU A 424 24.81 -29.18 -9.12
N ASP A 425 24.76 -30.52 -9.09
CA ASP A 425 25.14 -31.30 -7.92
C ASP A 425 26.28 -32.23 -8.35
N THR A 426 27.49 -31.90 -7.91
CA THR A 426 28.67 -32.71 -8.16
C THR A 426 29.41 -32.84 -6.84
N CYS A 427 29.32 -34.01 -6.23
CA CYS A 427 29.84 -34.18 -4.89
C CYS A 427 31.36 -34.19 -4.92
N GLY A 428 31.96 -33.01 -4.76
CA GLY A 428 33.39 -32.87 -4.72
C GLY A 428 34.09 -32.83 -6.06
N GLU A 429 33.85 -33.84 -6.89
CA GLU A 429 34.75 -34.11 -7.99
C GLU A 429 34.33 -33.41 -9.27
N GLU A 430 34.05 -32.11 -9.17
CA GLU A 430 33.77 -31.21 -10.29
C GLU A 430 33.35 -29.87 -9.70
N ALA A 431 33.44 -28.78 -10.47
CA ALA A 431 32.83 -27.52 -10.10
C ALA A 431 31.34 -27.57 -10.39
N SER A 432 30.57 -26.87 -9.55
CA SER A 432 29.12 -26.92 -9.60
C SER A 432 28.51 -25.54 -9.54
N VAL A 433 27.40 -25.40 -10.26
CA VAL A 433 26.62 -24.16 -10.28
C VAL A 433 26.17 -23.78 -8.89
N LEU A 434 25.80 -24.75 -8.08
CA LEU A 434 25.18 -24.46 -6.80
C LEU A 434 26.20 -23.91 -5.81
N GLU A 435 27.43 -24.41 -5.87
CA GLU A 435 28.51 -23.80 -5.10
C GLU A 435 28.75 -22.38 -5.55
N ILE A 436 28.70 -22.15 -6.86
CA ILE A 436 28.99 -20.83 -7.40
C ILE A 436 27.91 -19.83 -6.97
N LEU A 437 26.65 -20.16 -7.19
CA LEU A 437 25.56 -19.27 -6.77
C LEU A 437 25.64 -18.92 -5.31
N VAL A 438 25.63 -19.92 -4.44
CA VAL A 438 25.58 -19.71 -3.01
C VAL A 438 26.81 -18.98 -2.47
N TYR A 439 27.94 -19.02 -3.16
CA TYR A 439 29.18 -18.42 -2.70
C TYR A 439 29.69 -17.31 -3.61
N ASN A 440 29.84 -17.59 -4.90
CA ASN A 440 30.56 -16.73 -5.84
C ASN A 440 29.61 -16.29 -6.94
N SER A 441 28.91 -15.19 -6.73
CA SER A 441 27.96 -14.71 -7.71
C SER A 441 27.53 -13.29 -7.37
N LYS A 442 26.55 -12.81 -8.13
CA LYS A 442 26.01 -11.48 -7.88
C LYS A 442 24.91 -11.56 -6.84
N ILE A 443 25.09 -10.81 -5.75
CA ILE A 443 24.22 -10.92 -4.59
C ILE A 443 22.88 -10.24 -4.89
N GLU A 444 22.83 -9.40 -5.93
CA GLU A 444 21.65 -8.61 -6.24
C GLU A 444 20.47 -9.45 -6.72
N ASN A 445 20.73 -10.61 -7.32
CA ASN A 445 19.69 -11.48 -7.87
C ASN A 445 19.94 -12.95 -7.53
N ARG A 446 20.75 -13.21 -6.51
CA ARG A 446 21.08 -14.58 -6.16
C ARG A 446 19.87 -15.32 -5.59
N HIS A 447 18.86 -14.60 -5.16
CA HIS A 447 17.65 -15.24 -4.62
C HIS A 447 16.76 -15.74 -5.74
N GLU A 448 16.78 -15.06 -6.89
CA GLU A 448 16.07 -15.53 -8.06
C GLU A 448 16.77 -16.70 -8.71
N MET A 449 18.06 -16.86 -8.48
CA MET A 449 18.82 -17.98 -9.03
C MET A 449 18.57 -19.25 -8.23
N LEU A 450 18.42 -19.12 -6.91
CA LEU A 450 18.17 -20.25 -6.04
C LEU A 450 16.68 -20.52 -5.88
N ALA A 451 15.87 -19.97 -6.77
CA ALA A 451 14.42 -20.13 -6.71
C ALA A 451 13.91 -20.61 -8.05
N VAL A 452 14.67 -21.48 -8.71
CA VAL A 452 14.29 -22.07 -9.97
C VAL A 452 14.43 -23.57 -9.82
N GLU A 453 14.30 -24.28 -10.90
CA GLU A 453 13.56 -25.53 -10.97
C GLU A 453 14.01 -26.63 -10.00
N PRO A 454 15.22 -27.22 -10.07
CA PRO A 454 15.62 -28.12 -8.96
C PRO A 454 16.22 -27.41 -7.76
N ILE A 455 16.70 -26.18 -7.91
CA ILE A 455 17.64 -25.64 -6.95
C ILE A 455 16.98 -25.48 -5.58
N ASN A 456 15.72 -25.10 -5.58
CA ASN A 456 14.99 -24.94 -4.33
C ASN A 456 14.72 -26.29 -3.69
N GLU A 457 14.30 -27.27 -4.50
CA GLU A 457 13.97 -28.59 -3.98
C GLU A 457 15.21 -29.45 -3.80
N LEU A 458 16.34 -29.02 -4.38
CA LEU A 458 17.58 -29.78 -4.22
C LEU A 458 18.26 -29.42 -2.90
N LEU A 459 18.08 -28.20 -2.44
CA LEU A 459 18.61 -27.79 -1.14
C LEU A 459 17.73 -28.29 -0.02
N ARG A 460 16.42 -28.23 -0.22
CA ARG A 460 15.48 -28.75 0.75
C ARG A 460 15.70 -30.23 0.98
N ASP A 461 16.08 -30.95 -0.08
CA ASP A 461 16.33 -32.38 0.04
C ASP A 461 17.59 -32.64 0.87
N LYS A 462 18.63 -31.83 0.67
CA LYS A 462 19.83 -31.94 1.49
C LYS A 462 19.53 -31.58 2.93
N TRP A 463 18.60 -30.66 3.16
CA TRP A 463 18.22 -30.27 4.51
C TRP A 463 17.58 -31.43 5.25
N ARG A 464 16.77 -32.20 4.55
CA ARG A 464 16.17 -33.40 5.11
C ARG A 464 17.23 -34.41 5.52
N LYS A 465 18.03 -34.85 4.56
CA LYS A 465 19.02 -35.90 4.77
C LYS A 465 20.01 -35.59 5.88
N PHE A 466 20.84 -34.57 5.68
CA PHE A 466 21.92 -34.24 6.59
C PHE A 466 21.92 -32.78 7.04
N GLY A 467 21.36 -31.88 6.26
CA GLY A 467 21.52 -30.46 6.53
C GLY A 467 20.87 -30.06 7.83
N ALA A 468 19.64 -30.50 8.04
CA ALA A 468 18.92 -30.15 9.27
C ALA A 468 19.61 -30.76 10.48
N VAL A 469 19.91 -32.06 10.41
CA VAL A 469 20.49 -32.76 11.54
C VAL A 469 21.80 -32.11 11.95
N SER A 470 22.78 -32.10 11.05
CA SER A 470 24.11 -31.63 11.40
C SER A 470 24.11 -30.19 11.89
N PHE A 471 23.16 -29.38 11.42
CA PHE A 471 23.04 -28.02 11.92
C PHE A 471 22.61 -28.01 13.38
N TYR A 472 21.71 -28.92 13.77
CA TYR A 472 21.24 -28.95 15.14
C TYR A 472 22.16 -29.74 16.07
N ILE A 473 23.23 -30.33 15.56
CA ILE A 473 24.35 -30.74 16.40
C ILE A 473 25.30 -29.56 16.60
N ASN A 474 25.46 -28.75 15.55
CA ASN A 474 26.32 -27.58 15.66
C ASN A 474 25.82 -26.61 16.71
N VAL A 475 24.50 -26.46 16.81
CA VAL A 475 23.94 -25.48 17.72
C VAL A 475 24.15 -25.89 19.18
N VAL A 476 23.77 -27.12 19.54
CA VAL A 476 23.91 -27.57 20.92
C VAL A 476 25.37 -27.73 21.29
N SER A 477 26.20 -28.14 20.34
CA SER A 477 27.64 -28.14 20.56
C SER A 477 28.12 -26.75 20.91
N TYR A 478 27.53 -25.73 20.27
CA TYR A 478 27.92 -24.37 20.55
C TYR A 478 27.27 -23.84 21.83
N LEU A 479 25.98 -24.11 22.02
CA LEU A 479 25.32 -23.67 23.24
C LEU A 479 26.00 -24.26 24.47
N CYS A 480 26.44 -25.51 24.40
CA CYS A 480 27.16 -26.13 25.51
C CYS A 480 28.50 -25.48 25.74
N ALA A 481 29.27 -25.27 24.66
CA ALA A 481 30.57 -24.62 24.77
C ALA A 481 30.48 -23.25 25.44
N MET A 482 29.30 -22.62 25.37
CA MET A 482 29.10 -21.33 26.00
C MET A 482 28.53 -21.46 27.41
N VAL A 483 27.98 -22.63 27.74
CA VAL A 483 27.76 -22.98 29.14
C VAL A 483 29.10 -23.18 29.84
N ILE A 484 30.00 -23.95 29.22
CA ILE A 484 31.33 -24.16 29.78
C ILE A 484 32.07 -22.84 29.92
N PHE A 485 31.97 -21.97 28.91
CA PHE A 485 32.65 -20.68 29.00
C PHE A 485 31.96 -19.76 29.99
N THR A 486 30.74 -20.12 30.40
CA THR A 486 30.04 -19.37 31.44
C THR A 486 30.44 -19.85 32.83
N LEU A 487 30.37 -21.16 33.06
CA LEU A 487 30.63 -21.70 34.38
C LEU A 487 32.08 -21.49 34.79
N THR A 488 33.00 -21.52 33.82
CA THR A 488 34.39 -21.25 34.14
C THR A 488 34.60 -19.79 34.51
N ALA A 489 33.68 -18.92 34.12
CA ALA A 489 33.79 -17.51 34.43
C ALA A 489 33.14 -17.17 35.76
N TYR A 490 32.06 -17.87 36.12
CA TYR A 490 31.42 -17.70 37.41
C TYR A 490 32.16 -18.40 38.53
N TYR A 491 33.10 -19.29 38.20
CA TYR A 491 33.96 -19.94 39.18
C TYR A 491 35.43 -19.58 38.96
N GLN A 492 35.72 -18.69 38.02
CA GLN A 492 37.05 -18.10 37.97
C GLN A 492 37.31 -17.35 39.27
N PRO A 493 38.43 -17.59 39.96
CA PRO A 493 38.71 -16.76 41.15
C PRO A 493 38.95 -15.32 40.80
N LEU A 494 39.14 -14.48 41.81
CA LEU A 494 39.26 -13.04 41.63
C LEU A 494 40.32 -12.40 42.51
N GLU A 495 41.11 -13.18 43.22
CA GLU A 495 42.17 -12.67 44.08
C GLU A 495 43.51 -13.24 43.67
N GLY A 496 44.51 -12.36 43.56
CA GLY A 496 45.87 -12.77 43.28
C GLY A 496 46.20 -12.89 41.81
N THR A 497 47.46 -12.61 41.47
CA THR A 497 47.98 -12.80 40.12
C THR A 497 47.94 -14.31 39.87
N PRO A 498 48.18 -14.77 38.63
CA PRO A 498 47.25 -15.74 37.98
C PRO A 498 46.60 -16.68 38.97
N PRO A 499 45.26 -16.70 39.08
CA PRO A 499 44.63 -17.66 40.00
C PRO A 499 44.75 -19.11 39.54
N TYR A 500 45.98 -19.61 39.45
CA TYR A 500 46.26 -21.01 39.19
C TYR A 500 45.73 -21.95 40.27
N PRO A 501 45.94 -21.71 41.60
CA PRO A 501 46.19 -22.84 42.52
C PRO A 501 45.11 -23.91 42.53
N TYR A 502 45.14 -24.77 41.51
CA TYR A 502 44.02 -25.65 41.24
C TYR A 502 43.87 -26.73 42.31
N ARG A 503 44.72 -27.76 42.26
CA ARG A 503 44.87 -28.84 43.23
C ARG A 503 43.55 -29.21 43.93
N THR A 504 42.48 -29.35 43.17
CA THR A 504 41.16 -29.55 43.75
C THR A 504 40.24 -30.04 42.65
N THR A 505 39.26 -30.87 43.05
CA THR A 505 38.35 -31.45 42.06
C THR A 505 37.52 -30.38 41.36
N VAL A 506 37.15 -29.33 42.08
CA VAL A 506 36.46 -28.20 41.46
C VAL A 506 37.39 -27.50 40.48
N ASP A 507 38.57 -27.10 40.94
CA ASP A 507 39.44 -26.29 40.11
C ASP A 507 40.03 -27.07 38.95
N TYR A 508 40.12 -28.40 39.06
CA TYR A 508 40.41 -29.24 37.91
C TYR A 508 39.24 -29.35 36.96
N LEU A 509 38.02 -29.28 37.50
CA LEU A 509 36.84 -29.23 36.63
C LEU A 509 36.78 -27.89 35.91
N ARG A 510 37.11 -26.80 36.60
CA ARG A 510 37.29 -25.52 35.92
C ARG A 510 38.39 -25.60 34.87
N LEU A 511 39.40 -26.43 35.10
CA LEU A 511 40.51 -26.50 34.16
C LEU A 511 40.09 -27.19 32.87
N ALA A 512 39.15 -28.13 32.96
CA ALA A 512 38.54 -28.68 31.76
C ALA A 512 37.82 -27.60 30.98
N GLY A 513 37.25 -26.63 31.70
CA GLY A 513 36.50 -25.58 31.07
C GLY A 513 37.33 -24.63 30.22
N GLU A 514 38.39 -24.08 30.81
CA GLU A 514 39.24 -23.14 30.08
C GLU A 514 39.90 -23.80 28.89
N VAL A 515 40.19 -25.10 28.98
CA VAL A 515 40.90 -25.78 27.90
C VAL A 515 39.96 -26.04 26.73
N ILE A 516 38.75 -26.54 27.03
CA ILE A 516 37.73 -26.68 25.99
C ILE A 516 37.46 -25.33 25.35
N THR A 517 37.43 -24.26 26.14
CA THR A 517 37.25 -22.91 25.61
C THR A 517 38.36 -22.58 24.61
N LEU A 518 39.61 -22.68 25.04
CA LEU A 518 40.73 -22.31 24.19
C LEU A 518 40.76 -23.17 22.93
N PHE A 519 40.28 -24.41 23.01
CA PHE A 519 40.14 -25.24 21.83
C PHE A 519 39.19 -24.61 20.82
N THR A 520 38.10 -24.01 21.30
CA THR A 520 37.18 -23.34 20.38
C THR A 520 37.80 -22.09 19.80
N GLY A 521 38.56 -21.34 20.61
CA GLY A 521 39.17 -20.13 20.12
C GLY A 521 40.19 -20.39 19.04
N VAL A 522 41.03 -21.41 19.24
CA VAL A 522 42.02 -21.75 18.22
C VAL A 522 41.33 -22.37 17.01
N LEU A 523 40.21 -23.05 17.24
CA LEU A 523 39.44 -23.59 16.13
C LEU A 523 38.88 -22.48 15.26
N PHE A 524 38.10 -21.56 15.86
CA PHE A 524 37.48 -20.49 15.12
C PHE A 524 38.52 -19.57 14.50
N PHE A 525 39.73 -19.54 15.06
CA PHE A 525 40.81 -18.75 14.47
C PHE A 525 41.28 -19.40 13.17
N PHE A 526 41.52 -20.71 13.19
CA PHE A 526 42.06 -21.39 12.01
C PHE A 526 41.00 -21.53 10.92
N THR A 527 39.76 -21.83 11.30
CA THR A 527 38.71 -21.98 10.30
C THR A 527 38.48 -20.68 9.54
N ASN A 528 38.72 -19.54 10.20
CA ASN A 528 38.56 -18.26 9.52
C ASN A 528 39.79 -17.94 8.67
N ILE A 529 40.98 -18.30 9.15
CA ILE A 529 42.18 -18.11 8.35
C ILE A 529 42.32 -19.20 7.30
N LYS A 530 41.71 -20.36 7.51
CA LYS A 530 41.53 -21.31 6.43
C LYS A 530 40.67 -20.68 5.35
N ASP A 531 39.65 -19.92 5.76
CA ASP A 531 38.82 -19.22 4.79
C ASP A 531 39.58 -18.06 4.14
N LEU A 532 40.69 -17.62 4.72
CA LEU A 532 41.49 -16.59 4.07
C LEU A 532 42.14 -17.14 2.81
N PHE A 533 42.73 -18.34 2.90
CA PHE A 533 43.26 -19.05 1.74
C PHE A 533 42.18 -19.85 1.01
N MET A 534 40.92 -19.58 1.33
CA MET A 534 39.77 -20.30 0.83
C MET A 534 38.66 -19.24 0.83
N LYS A 535 37.41 -19.60 1.10
CA LYS A 535 36.31 -18.67 0.87
C LYS A 535 36.33 -17.50 1.86
N LYS A 536 37.16 -16.48 1.58
CA LYS A 536 37.04 -15.15 2.17
C LYS A 536 37.48 -14.16 1.10
N CYS A 537 37.45 -12.86 1.41
CA CYS A 537 37.74 -11.74 0.52
C CYS A 537 36.71 -11.58 -0.59
N PRO A 538 35.40 -11.69 -0.28
CA PRO A 538 34.46 -10.70 -0.79
C PRO A 538 34.45 -9.50 0.14
N GLY A 539 33.48 -8.61 -0.01
CA GLY A 539 33.35 -7.49 0.90
C GLY A 539 32.73 -7.92 2.22
N VAL A 540 33.44 -8.78 2.96
CA VAL A 540 32.90 -9.38 4.17
C VAL A 540 33.15 -8.45 5.36
N ASN A 541 32.30 -7.42 5.49
CA ASN A 541 32.29 -6.59 6.68
C ASN A 541 30.87 -6.25 7.14
N SER A 542 29.91 -6.27 6.21
CA SER A 542 28.53 -5.89 6.50
C SER A 542 27.49 -6.74 5.79
N LEU A 543 27.89 -7.81 5.10
CA LEU A 543 26.92 -8.72 4.52
C LEU A 543 26.07 -9.31 5.63
N PHE A 544 24.79 -9.53 5.32
CA PHE A 544 23.87 -10.23 6.20
C PHE A 544 23.84 -11.72 5.91
N ILE A 545 24.88 -12.23 5.25
CA ILE A 545 24.94 -13.57 4.70
C ILE A 545 26.20 -14.23 5.29
N ASP A 546 26.41 -14.01 6.60
CA ASP A 546 27.51 -14.56 7.40
C ASP A 546 28.76 -13.70 7.30
N GLY A 547 28.76 -12.66 6.47
CA GLY A 547 29.89 -11.75 6.47
C GLY A 547 30.08 -11.08 7.82
N SER A 548 28.98 -10.80 8.52
CA SER A 548 29.07 -10.19 9.84
C SER A 548 29.73 -11.13 10.83
N PHE A 549 29.31 -12.39 10.87
CA PHE A 549 29.71 -13.28 11.95
C PHE A 549 31.12 -13.82 11.77
N GLN A 550 31.61 -13.90 10.52
CA GLN A 550 32.99 -14.29 10.28
C GLN A 550 33.95 -13.42 11.07
N LEU A 551 33.64 -12.13 11.18
CA LEU A 551 34.44 -11.23 11.99
C LEU A 551 34.29 -11.54 13.47
N LEU A 552 33.05 -11.66 13.95
CA LEU A 552 32.83 -11.75 15.38
C LEU A 552 33.32 -13.06 15.95
N TYR A 553 33.24 -14.15 15.18
CA TYR A 553 33.90 -15.37 15.60
C TYR A 553 35.40 -15.21 15.57
N PHE A 554 35.92 -14.36 14.68
CA PHE A 554 37.33 -14.10 14.70
C PHE A 554 37.69 -13.26 15.92
N ILE A 555 36.88 -12.23 16.20
CA ILE A 555 37.07 -11.43 17.40
C ILE A 555 36.99 -12.30 18.63
N TYR A 556 35.96 -13.15 18.72
CA TYR A 556 35.88 -14.13 19.80
C TYR A 556 37.14 -14.99 19.85
N SER A 557 37.66 -15.37 18.69
CA SER A 557 38.80 -16.27 18.65
C SER A 557 40.05 -15.58 19.15
N VAL A 558 40.30 -14.37 18.63
CA VAL A 558 41.43 -13.57 19.10
C VAL A 558 41.29 -13.31 20.59
N LEU A 559 40.09 -12.99 21.04
CA LEU A 559 39.89 -12.39 22.34
C LEU A 559 39.93 -13.43 23.45
N VAL A 560 39.80 -14.70 23.09
CA VAL A 560 40.06 -15.79 24.04
C VAL A 560 41.55 -16.07 24.10
N ILE A 561 42.24 -15.93 22.97
CA ILE A 561 43.68 -16.18 22.90
C ILE A 561 44.42 -15.16 23.76
N VAL A 562 44.03 -13.90 23.65
CA VAL A 562 44.68 -12.84 24.42
C VAL A 562 44.49 -13.05 25.91
N SER A 563 43.27 -13.41 26.32
CA SER A 563 43.01 -13.72 27.72
C SER A 563 43.83 -14.91 28.18
N ALA A 564 43.94 -15.93 27.32
CA ALA A 564 44.78 -17.07 27.64
C ALA A 564 46.24 -16.66 27.73
N ALA A 565 46.63 -15.62 26.99
CA ALA A 565 48.01 -15.14 27.02
C ALA A 565 48.30 -14.38 28.31
N LEU A 566 47.31 -13.61 28.79
CA LEU A 566 47.52 -12.76 29.95
C LEU A 566 47.29 -13.51 31.25
N TYR A 567 46.45 -14.54 31.23
CA TYR A 567 46.32 -15.42 32.38
C TYR A 567 47.59 -16.25 32.61
N LEU A 568 48.44 -16.37 31.59
CA LEU A 568 49.73 -17.03 31.70
C LEU A 568 50.88 -16.05 31.82
N ALA A 569 50.72 -14.83 31.31
CA ALA A 569 51.73 -13.80 31.42
C ALA A 569 51.57 -12.96 32.69
N GLY A 570 50.84 -13.46 33.68
CA GLY A 570 50.74 -12.77 34.97
C GLY A 570 49.68 -11.71 35.07
N ILE A 571 49.39 -11.01 33.97
CA ILE A 571 48.52 -9.84 33.99
C ILE A 571 47.13 -10.25 34.43
N GLU A 572 46.49 -9.39 35.21
CA GLU A 572 45.24 -9.70 35.88
C GLU A 572 44.01 -9.30 35.07
N ALA A 573 44.21 -8.64 33.93
CA ALA A 573 43.13 -8.31 33.00
C ALA A 573 42.80 -9.45 32.05
N TYR A 574 43.14 -10.69 32.40
CA TYR A 574 42.51 -11.84 31.76
C TYR A 574 40.99 -11.75 31.86
N LEU A 575 40.50 -11.16 32.94
CA LEU A 575 39.08 -11.14 33.23
C LEU A 575 38.34 -10.19 32.29
N ALA A 576 38.73 -8.91 32.29
CA ALA A 576 38.09 -7.90 31.46
C ALA A 576 38.04 -8.32 29.99
N VAL A 577 39.12 -8.90 29.50
CA VAL A 577 39.17 -9.36 28.13
C VAL A 577 38.25 -10.57 27.94
N MET A 578 38.09 -11.38 28.98
CA MET A 578 37.20 -12.54 28.90
C MET A 578 35.75 -12.10 28.84
N VAL A 579 35.39 -11.07 29.60
CA VAL A 579 34.01 -10.66 29.76
C VAL A 579 33.43 -10.24 28.42
N PHE A 580 34.20 -9.49 27.64
CA PHE A 580 33.79 -9.15 26.28
C PHE A 580 33.58 -10.40 25.45
N ALA A 581 34.47 -11.37 25.58
CA ALA A 581 34.39 -12.59 24.78
C ALA A 581 33.11 -13.36 25.07
N LEU A 582 32.66 -13.29 26.32
CA LEU A 582 31.48 -14.06 26.71
C LEU A 582 30.21 -13.44 26.15
N VAL A 583 30.01 -12.14 26.34
CA VAL A 583 28.86 -11.47 25.77
C VAL A 583 28.89 -11.54 24.25
N LEU A 584 30.09 -11.44 23.67
CA LEU A 584 30.21 -11.55 22.23
C LEU A 584 29.83 -12.95 21.77
N GLY A 585 30.09 -13.95 22.61
CA GLY A 585 29.91 -15.33 22.18
C GLY A 585 28.45 -15.76 22.15
N TRP A 586 27.68 -15.37 23.17
CA TRP A 586 26.25 -15.65 23.14
C TRP A 586 25.57 -14.90 22.01
N MET A 587 26.04 -13.68 21.73
CA MET A 587 25.51 -12.94 20.60
C MET A 587 25.92 -13.52 19.26
N ASN A 588 26.82 -14.49 19.25
CA ASN A 588 27.08 -15.28 18.07
C ASN A 588 26.16 -16.47 17.92
N ALA A 589 25.35 -16.79 18.92
CA ALA A 589 24.38 -17.85 18.77
C ALA A 589 23.21 -17.44 17.88
N LEU A 590 23.13 -16.16 17.51
CA LEU A 590 22.17 -15.71 16.51
C LEU A 590 22.52 -16.20 15.12
N TYR A 591 23.76 -16.62 14.90
CA TYR A 591 24.09 -17.35 13.70
C TYR A 591 23.22 -18.57 13.55
N PHE A 592 22.88 -19.21 14.65
CA PHE A 592 22.17 -20.48 14.61
C PHE A 592 20.66 -20.31 14.56
N THR A 593 20.19 -19.08 14.39
CA THR A 593 18.82 -18.78 14.00
C THR A 593 18.58 -18.92 12.51
N ARG A 594 19.59 -19.38 11.76
CA ARG A 594 19.49 -19.56 10.32
C ARG A 594 18.74 -20.83 9.94
N GLY A 595 18.52 -21.73 10.87
CA GLY A 595 17.79 -22.94 10.60
C GLY A 595 16.30 -22.79 10.75
N LEU A 596 15.83 -21.56 10.85
CA LEU A 596 14.41 -21.26 10.89
C LEU A 596 14.15 -19.89 10.30
N LYS A 597 13.23 -19.82 9.35
CA LYS A 597 12.81 -18.53 8.80
C LYS A 597 12.29 -17.62 9.89
N LEU A 598 11.64 -18.20 10.88
CA LEU A 598 11.08 -17.48 12.00
C LEU A 598 12.14 -16.63 12.71
N THR A 599 13.18 -17.29 13.22
CA THR A 599 14.19 -16.60 14.00
C THR A 599 15.25 -15.94 13.12
N GLY A 600 15.44 -16.45 11.91
CA GLY A 600 16.53 -15.98 11.07
C GLY A 600 16.21 -14.68 10.36
N THR A 601 14.99 -14.56 9.86
CA THR A 601 14.52 -13.28 9.33
C THR A 601 14.57 -12.21 10.40
N TYR A 602 14.17 -12.55 11.61
CA TYR A 602 14.26 -11.65 12.76
C TYR A 602 15.68 -11.16 12.99
N SER A 603 16.65 -12.06 13.01
CA SER A 603 18.03 -11.66 13.27
C SER A 603 18.58 -10.79 12.16
N ILE A 604 18.04 -10.90 10.96
CA ILE A 604 18.45 -10.04 9.87
C ILE A 604 17.94 -8.62 10.10
N MET A 605 16.69 -8.49 10.55
CA MET A 605 16.13 -7.16 10.76
C MET A 605 16.82 -6.44 11.91
N ILE A 606 17.38 -7.20 12.86
CA ILE A 606 18.16 -6.60 13.94
C ILE A 606 19.33 -5.83 13.37
N GLN A 607 20.03 -6.42 12.41
CA GLN A 607 21.31 -5.87 11.98
C GLN A 607 21.11 -4.74 10.99
N LYS A 608 20.09 -4.83 10.15
CA LYS A 608 19.73 -3.72 9.27
C LYS A 608 19.33 -2.50 10.07
N ILE A 609 18.43 -2.68 11.03
CA ILE A 609 18.03 -1.60 11.91
C ILE A 609 19.23 -1.05 12.67
N LEU A 610 20.17 -1.92 13.03
CA LEU A 610 21.40 -1.48 13.64
C LEU A 610 22.22 -0.61 12.71
N PHE A 611 22.08 -0.77 11.41
CA PHE A 611 22.83 -0.01 10.43
C PHE A 611 22.01 1.15 9.91
N LYS A 612 20.85 0.85 9.33
CA LYS A 612 20.08 1.86 8.62
C LYS A 612 19.34 2.81 9.55
N ASP A 613 19.26 2.51 10.85
CA ASP A 613 18.34 3.24 11.72
C ASP A 613 18.98 3.69 13.03
N LEU A 614 19.94 2.93 13.58
CA LEU A 614 20.43 3.22 14.92
C LEU A 614 21.67 4.10 14.91
N PHE A 615 22.55 3.94 13.93
CA PHE A 615 23.75 4.77 13.91
C PHE A 615 23.41 6.22 13.60
N ARG A 616 22.54 6.45 12.61
CA ARG A 616 22.11 7.82 12.31
C ARG A 616 21.40 8.44 13.50
N PHE A 617 20.83 7.60 14.37
CA PHE A 617 20.21 8.08 15.59
C PHE A 617 21.24 8.46 16.64
N LEU A 618 22.33 7.70 16.77
CA LEU A 618 23.35 8.01 17.76
C LEU A 618 24.20 9.19 17.33
N LEU A 619 24.40 9.35 16.03
CA LEU A 619 25.08 10.52 15.52
C LEU A 619 24.42 11.80 16.02
N VAL A 620 23.13 11.96 15.72
CA VAL A 620 22.41 13.12 16.19
C VAL A 620 22.37 13.15 17.71
N TYR A 621 22.04 12.02 18.34
CA TYR A 621 21.82 12.00 19.77
C TYR A 621 23.06 12.43 20.53
N LEU A 622 24.20 11.88 20.15
CA LEU A 622 25.47 12.33 20.68
C LEU A 622 25.67 13.83 20.47
N LEU A 623 25.37 14.28 19.26
CA LEU A 623 25.61 15.66 18.87
C LEU A 623 24.82 16.63 19.74
N PHE A 624 23.56 16.30 20.01
CA PHE A 624 22.81 17.06 20.99
C PHE A 624 23.49 16.99 22.35
N MET A 625 23.90 15.79 22.76
CA MET A 625 24.28 15.55 24.15
C MET A 625 25.52 16.35 24.54
N ILE A 626 26.56 16.36 23.71
CA ILE A 626 27.71 17.23 23.99
C ILE A 626 27.27 18.69 23.97
N GLY A 627 26.27 19.00 23.16
CA GLY A 627 25.81 20.37 23.09
C GLY A 627 25.21 20.82 24.39
N TYR A 628 24.20 20.10 24.86
CA TYR A 628 23.53 20.46 26.10
C TYR A 628 24.43 20.25 27.30
N ALA A 629 25.16 19.12 27.34
CA ALA A 629 25.94 18.76 28.52
C ALA A 629 27.00 19.81 28.81
N SER A 630 27.81 20.14 27.81
CA SER A 630 28.73 21.26 27.93
C SER A 630 28.01 22.54 28.35
N ALA A 631 26.87 22.78 27.73
CA ALA A 631 26.04 23.93 28.07
C ALA A 631 25.58 23.90 29.52
N LEU A 632 25.37 22.71 30.06
CA LEU A 632 24.86 22.56 31.42
C LEU A 632 25.97 22.45 32.45
N VAL A 633 27.13 21.92 32.08
CA VAL A 633 28.27 21.92 32.98
C VAL A 633 28.71 23.34 33.25
N SER A 634 28.61 24.19 32.24
CA SER A 634 29.04 25.58 32.31
C SER A 634 28.30 26.36 33.41
N LEU A 635 27.15 25.87 33.84
CA LEU A 635 26.31 26.54 34.80
C LEU A 635 26.42 25.92 36.19
N LEU A 636 27.57 25.37 36.55
CA LEU A 636 27.82 24.83 37.88
C LEU A 636 29.09 25.42 38.44
N ASN A 637 29.06 25.79 39.72
CA ASN A 637 30.17 26.48 40.37
C ASN A 637 31.30 25.50 40.71
N PRO A 638 32.57 25.83 40.46
CA PRO A 638 33.66 24.89 40.79
C PRO A 638 33.78 24.55 42.27
N CYS A 639 34.60 23.55 42.59
CA CYS A 639 35.08 23.32 43.96
C CYS A 639 36.34 24.10 44.28
N ALA A 640 36.58 25.20 43.57
CA ALA A 640 37.50 26.26 43.95
C ALA A 640 36.79 27.32 44.77
N ASN A 641 35.81 26.90 45.56
CA ASN A 641 34.96 27.78 46.36
C ASN A 641 35.81 28.59 47.34
N VAL A 654 31.23 22.12 50.96
CA VAL A 654 31.91 22.73 49.82
C VAL A 654 32.71 21.74 48.94
N PRO A 655 33.13 20.55 49.47
CA PRO A 655 33.50 19.46 48.55
C PRO A 655 32.32 18.58 48.18
N THR A 656 31.48 19.00 47.25
CA THR A 656 30.26 18.27 46.89
C THR A 656 30.30 17.96 45.40
N TYR A 657 29.64 16.87 45.00
CA TYR A 657 29.14 16.80 43.63
C TYR A 657 27.74 17.40 43.49
N PRO A 658 26.76 17.05 44.35
CA PRO A 658 25.39 17.52 44.07
C PRO A 658 25.17 19.00 44.30
N SER A 659 26.21 19.74 44.69
CA SER A 659 26.17 21.20 44.68
C SER A 659 27.30 21.78 43.83
N CYS A 660 28.51 21.29 44.03
CA CYS A 660 29.69 21.76 43.30
C CYS A 660 30.01 20.90 42.09
N ARG A 661 31.01 21.29 41.29
CA ARG A 661 31.45 20.51 40.13
C ARG A 661 32.98 20.44 40.11
N ASP A 662 33.53 19.22 39.99
CA ASP A 662 34.95 19.05 39.83
C ASP A 662 35.31 17.67 39.28
N SER A 663 35.85 17.66 38.06
CA SER A 663 36.74 16.61 37.54
C SER A 663 35.99 15.34 37.18
N GLU A 664 34.69 15.21 37.44
CA GLU A 664 33.91 14.08 36.94
C GLU A 664 32.51 14.52 36.55
N THR A 665 32.30 15.83 36.44
CA THR A 665 30.95 16.35 36.35
C THR A 665 30.44 16.28 34.92
N PHE A 666 31.33 16.51 33.96
CA PHE A 666 31.01 16.20 32.57
C PHE A 666 30.57 14.75 32.44
N SER A 667 31.44 13.82 32.83
CA SER A 667 31.24 12.40 32.52
C SER A 667 29.91 11.87 33.06
N THR A 668 29.58 12.19 34.31
CA THR A 668 28.36 11.65 34.88
C THR A 668 27.12 12.23 34.22
N PHE A 669 27.15 13.51 33.85
CA PHE A 669 26.04 14.08 33.09
C PHE A 669 25.76 13.30 31.82
N LEU A 670 26.80 12.83 31.14
CA LEU A 670 26.59 12.03 29.93
C LEU A 670 25.80 10.77 30.24
N LEU A 671 25.96 10.25 31.46
CA LEU A 671 25.19 9.08 31.87
C LEU A 671 23.80 9.48 32.32
N ASP A 672 23.70 10.56 33.10
CA ASP A 672 22.39 11.05 33.51
C ASP A 672 21.57 11.52 32.31
N LEU A 673 22.17 12.31 31.43
CA LEU A 673 21.49 12.70 30.20
C LEU A 673 21.28 11.52 29.27
N PHE A 674 21.93 10.39 29.52
CA PHE A 674 21.61 9.17 28.79
C PHE A 674 20.42 8.45 29.42
N LYS A 675 20.50 8.20 30.73
CA LYS A 675 19.36 7.70 31.49
C LYS A 675 18.10 8.53 31.26
N LEU A 676 18.26 9.83 31.09
CA LEU A 676 17.13 10.73 31.02
C LEU A 676 16.34 10.56 29.73
N THR A 677 17.02 10.49 28.60
CA THR A 677 16.35 10.22 27.33
C THR A 677 15.82 8.81 27.24
N ILE A 678 16.45 7.85 27.93
CA ILE A 678 15.97 6.47 27.87
C ILE A 678 14.69 6.30 28.68
N GLY A 679 14.25 7.31 29.42
CA GLY A 679 13.12 7.19 30.29
C GLY A 679 13.45 6.44 31.55
N MET A 680 14.68 6.53 32.03
CA MET A 680 15.23 5.65 33.03
C MET A 680 15.84 6.41 34.19
N GLY A 681 16.13 7.70 34.00
CA GLY A 681 16.58 8.56 35.07
C GLY A 681 15.61 9.71 35.26
N ASP A 682 15.71 10.34 36.43
CA ASP A 682 14.83 11.41 36.85
C ASP A 682 15.59 12.71 36.73
N LEU A 683 14.87 13.81 36.47
CA LEU A 683 15.51 15.12 36.43
C LEU A 683 16.21 15.40 37.74
N GLU A 684 15.44 15.55 38.81
CA GLU A 684 15.96 15.80 40.14
C GLU A 684 16.91 17.00 40.10
N MET A 685 16.35 18.17 39.80
CA MET A 685 17.10 19.38 39.49
C MET A 685 18.24 19.63 40.45
N LEU A 686 19.44 19.77 39.91
CA LEU A 686 20.63 20.06 40.71
C LEU A 686 20.43 21.34 41.50
N SER A 687 20.06 22.43 40.82
CA SER A 687 19.58 23.65 41.45
C SER A 687 20.67 24.49 42.11
N SER A 688 21.90 23.97 42.19
CA SER A 688 23.02 24.69 42.80
C SER A 688 23.83 25.37 41.72
N THR A 689 23.20 26.35 41.08
CA THR A 689 23.74 26.96 39.88
C THR A 689 23.55 28.46 39.94
N LYS A 690 24.45 29.18 39.26
CA LYS A 690 24.39 30.63 39.16
C LYS A 690 23.06 31.06 38.54
N TYR A 691 22.60 30.31 37.55
CA TYR A 691 21.37 30.60 36.81
C TYR A 691 20.52 29.33 36.83
N PRO A 692 19.56 29.21 37.75
CA PRO A 692 18.83 27.94 37.86
C PRO A 692 17.72 27.77 36.85
N VAL A 693 17.15 28.87 36.35
CA VAL A 693 15.95 28.78 35.53
C VAL A 693 16.31 28.55 34.08
N VAL A 694 17.45 29.05 33.64
CA VAL A 694 17.97 28.69 32.32
C VAL A 694 18.29 27.20 32.28
N PHE A 695 18.77 26.66 33.41
CA PHE A 695 19.15 25.27 33.49
C PHE A 695 17.94 24.37 33.24
N ILE A 696 16.82 24.67 33.89
CA ILE A 696 15.63 23.83 33.76
C ILE A 696 15.02 23.97 32.38
N ILE A 697 15.11 25.15 31.78
CA ILE A 697 14.57 25.35 30.44
C ILE A 697 15.32 24.48 29.43
N LEU A 698 16.57 24.17 29.71
CA LEU A 698 17.38 23.41 28.76
C LEU A 698 17.10 21.92 28.86
N LEU A 699 17.03 21.38 30.08
CA LEU A 699 16.72 19.96 30.24
C LEU A 699 15.37 19.60 29.64
N VAL A 700 14.41 20.51 29.72
CA VAL A 700 13.10 20.25 29.15
C VAL A 700 13.18 20.19 27.64
N THR A 701 14.00 21.05 27.05
CA THR A 701 14.23 21.00 25.62
C THR A 701 15.02 19.76 25.23
N TYR A 702 15.71 19.14 26.18
CA TYR A 702 16.47 17.94 25.92
C TYR A 702 15.52 16.75 25.91
N ILE A 703 14.56 16.74 26.82
CA ILE A 703 13.56 15.68 26.89
C ILE A 703 12.71 15.72 25.63
N ILE A 704 12.18 16.90 25.33
CA ILE A 704 11.26 17.09 24.20
C ILE A 704 11.95 16.65 22.90
N LEU A 705 13.20 17.06 22.72
CA LEU A 705 13.89 16.77 21.48
C LEU A 705 14.39 15.33 21.45
N THR A 706 14.96 14.87 22.55
CA THR A 706 15.61 13.56 22.56
C THR A 706 14.69 12.40 22.90
N PHE A 707 13.77 12.55 23.83
CA PHE A 707 12.82 11.48 24.15
C PHE A 707 11.55 11.61 23.32
N VAL A 708 10.83 12.72 23.45
CA VAL A 708 9.51 12.87 22.86
C VAL A 708 9.57 12.81 21.34
N LEU A 709 10.71 13.23 20.78
CA LEU A 709 10.81 13.48 19.36
C LEU A 709 11.80 12.58 18.65
N LEU A 710 12.98 12.33 19.22
CA LEU A 710 13.96 11.50 18.53
C LEU A 710 13.74 10.01 18.80
N LEU A 711 13.55 9.63 20.05
CA LEU A 711 13.41 8.21 20.37
C LEU A 711 12.07 7.65 19.94
N ASN A 712 11.03 8.47 19.87
CA ASN A 712 9.74 8.00 19.37
C ASN A 712 9.67 8.07 17.85
N MET A 713 10.46 8.94 17.25
CA MET A 713 10.70 8.88 15.81
C MET A 713 11.50 7.64 15.45
N LEU A 714 12.31 7.15 16.40
CA LEU A 714 13.14 5.99 16.14
C LEU A 714 12.28 4.75 16.02
N ILE A 715 11.26 4.65 16.86
CA ILE A 715 10.26 3.59 16.72
C ILE A 715 9.61 3.67 15.36
N ALA A 716 9.22 4.88 14.96
CA ALA A 716 8.58 5.10 13.67
C ALA A 716 9.46 4.65 12.52
N LEU A 717 10.76 4.96 12.57
CA LEU A 717 11.66 4.60 11.48
C LEU A 717 11.83 3.10 11.38
N MET A 718 11.97 2.42 12.52
CA MET A 718 11.98 0.97 12.51
C MET A 718 10.77 0.40 11.80
N GLY A 719 9.60 0.96 12.06
CA GLY A 719 8.39 0.49 11.40
C GLY A 719 8.46 0.63 9.89
N GLU A 720 9.17 1.63 9.42
CA GLU A 720 9.41 1.79 8.00
C GLU A 720 10.46 0.81 7.52
N THR A 721 11.46 0.57 8.36
CA THR A 721 12.48 -0.41 8.03
C THR A 721 11.86 -1.79 7.90
N VAL A 722 11.25 -2.29 8.97
CA VAL A 722 10.76 -3.67 9.00
C VAL A 722 9.72 -3.90 7.90
N GLY A 723 9.01 -2.85 7.52
CA GLY A 723 8.07 -2.98 6.43
C GLY A 723 8.75 -3.07 5.08
N GLN A 724 9.88 -2.39 4.94
CA GLN A 724 10.64 -2.41 3.70
C GLN A 724 11.49 -3.65 3.56
N VAL A 725 12.15 -4.09 4.64
CA VAL A 725 13.15 -5.13 4.57
C VAL A 725 12.62 -6.48 4.99
N SER A 726 11.30 -6.63 5.17
CA SER A 726 10.75 -7.94 5.51
C SER A 726 10.99 -8.93 4.38
N LYS A 727 10.46 -8.62 3.20
CA LYS A 727 10.66 -9.47 2.03
C LYS A 727 12.14 -9.65 1.73
N GLU A 728 12.89 -8.56 1.73
CA GLU A 728 14.33 -8.63 1.51
C GLU A 728 15.02 -9.50 2.55
N SER A 729 14.44 -9.63 3.74
CA SER A 729 15.03 -10.46 4.78
C SER A 729 14.62 -11.91 4.62
N LYS A 730 13.47 -12.16 3.99
CA LYS A 730 13.11 -13.52 3.62
C LYS A 730 14.08 -14.07 2.58
N HIS A 731 14.55 -13.20 1.68
CA HIS A 731 15.37 -13.64 0.58
C HIS A 731 16.81 -13.85 1.01
N ILE A 732 17.30 -13.00 1.92
CA ILE A 732 18.62 -13.20 2.49
C ILE A 732 18.69 -14.54 3.21
N TRP A 733 17.69 -14.81 4.06
CA TRP A 733 17.67 -16.05 4.81
C TRP A 733 17.80 -17.27 3.89
N LYS A 734 17.20 -17.21 2.72
CA LYS A 734 17.32 -18.31 1.77
C LYS A 734 18.75 -18.47 1.30
N LEU A 735 19.49 -17.36 1.24
CA LEU A 735 20.91 -17.42 0.96
C LEU A 735 21.67 -17.92 2.18
N GLN A 736 21.29 -17.44 3.36
CA GLN A 736 21.86 -17.94 4.61
C GLN A 736 21.68 -19.44 4.72
N TRP A 737 20.43 -19.88 4.61
CA TRP A 737 20.09 -21.28 4.76
C TRP A 737 20.83 -22.17 3.77
N ALA A 738 20.90 -21.74 2.52
CA ALA A 738 21.61 -22.52 1.52
C ALA A 738 23.10 -22.57 1.79
N THR A 739 23.68 -21.44 2.20
CA THR A 739 25.08 -21.40 2.58
C THR A 739 25.35 -22.34 3.76
N THR A 740 24.38 -22.45 4.68
CA THR A 740 24.53 -23.34 5.81
C THR A 740 24.63 -24.79 5.35
N ILE A 741 23.81 -25.16 4.38
CA ILE A 741 23.74 -26.54 3.92
C ILE A 741 25.06 -26.94 3.27
N LEU A 742 25.59 -26.07 2.42
CA LEU A 742 26.79 -26.41 1.68
C LEU A 742 28.05 -26.32 2.54
N ASP A 743 28.05 -25.45 3.55
CA ASP A 743 29.15 -25.43 4.49
C ASP A 743 29.24 -26.75 5.24
N ILE A 744 28.09 -27.37 5.48
CA ILE A 744 28.05 -28.70 6.10
C ILE A 744 28.54 -29.74 5.11
N GLU A 745 27.96 -29.73 3.91
CA GLU A 745 28.27 -30.69 2.87
C GLU A 745 29.75 -30.69 2.51
N ARG A 746 30.32 -29.52 2.28
CA ARG A 746 31.73 -29.39 1.97
C ARG A 746 32.61 -29.94 3.09
N SER A 747 32.10 -29.88 4.31
CA SER A 747 32.85 -30.37 5.46
C SER A 747 32.85 -31.90 5.57
N PHE A 748 32.19 -32.60 4.65
CA PHE A 748 32.16 -34.05 4.63
C PHE A 748 33.22 -34.59 3.69
N PRO A 749 33.66 -35.83 3.88
CA PRO A 749 34.42 -36.49 2.82
C PRO A 749 33.54 -36.81 1.64
N VAL A 750 34.19 -37.13 0.51
CA VAL A 750 33.48 -37.24 -0.74
C VAL A 750 32.55 -38.46 -0.76
N PHE A 751 33.02 -39.59 -0.24
CA PHE A 751 32.21 -40.80 -0.27
C PHE A 751 30.92 -40.62 0.52
N LEU A 752 30.97 -39.80 1.57
CA LEU A 752 29.78 -39.54 2.36
C LEU A 752 28.83 -38.61 1.60
N ARG A 753 29.41 -37.66 0.85
CA ARG A 753 28.58 -36.80 0.00
C ARG A 753 27.91 -37.58 -1.10
N LYS A 754 28.56 -38.63 -1.61
CA LYS A 754 27.96 -39.44 -2.63
C LYS A 754 26.89 -40.36 -2.06
N ALA A 755 27.04 -40.74 -0.79
CA ALA A 755 25.99 -41.51 -0.12
C ALA A 755 24.73 -40.67 0.02
N PHE A 756 24.88 -39.41 0.40
CA PHE A 756 23.78 -38.47 0.46
C PHE A 756 23.49 -37.82 -0.89
N ARG A 757 24.02 -38.34 -1.99
CA ARG A 757 23.81 -37.77 -3.31
C ARG A 757 22.31 -37.67 -3.60
N SER A 758 21.88 -36.48 -4.01
CA SER A 758 20.47 -36.17 -4.18
C SER A 758 20.10 -36.37 -5.64
N GLY A 759 18.97 -37.02 -5.86
CA GLY A 759 18.52 -37.41 -7.18
C GLY A 759 18.67 -38.91 -7.37
N GLU A 760 18.25 -39.36 -8.55
CA GLU A 760 18.28 -40.78 -8.89
C GLU A 760 18.89 -40.95 -10.26
N MET A 761 19.68 -42.01 -10.42
CA MET A 761 20.26 -42.33 -11.72
C MET A 761 19.17 -42.79 -12.66
N VAL A 762 19.26 -42.35 -13.91
CA VAL A 762 18.24 -42.63 -14.92
C VAL A 762 18.89 -42.82 -16.29
N THR A 763 18.38 -43.78 -17.05
CA THR A 763 18.64 -43.86 -18.48
C THR A 763 17.65 -42.96 -19.20
N VAL A 764 18.02 -41.70 -19.40
CA VAL A 764 17.09 -40.77 -20.04
C VAL A 764 16.95 -41.10 -21.52
N GLY A 765 18.02 -41.58 -22.15
CA GLY A 765 17.93 -41.93 -23.55
C GLY A 765 19.19 -42.64 -24.00
N LYS A 766 19.26 -42.86 -25.30
CA LYS A 766 20.37 -43.56 -25.93
C LYS A 766 21.33 -42.57 -26.59
N SER A 767 22.61 -42.90 -26.53
CA SER A 767 23.68 -42.01 -26.98
C SER A 767 24.73 -42.86 -27.68
N SER A 768 25.97 -42.34 -27.82
CA SER A 768 27.01 -42.83 -28.71
C SER A 768 27.10 -44.34 -28.84
N ASP A 769 26.94 -44.83 -30.06
CA ASP A 769 26.88 -46.26 -30.37
C ASP A 769 25.87 -46.97 -29.48
N GLY A 770 24.74 -46.32 -29.19
CA GLY A 770 23.71 -46.92 -28.37
C GLY A 770 23.97 -46.86 -26.88
N THR A 771 25.12 -46.31 -26.49
CA THR A 771 25.44 -46.14 -25.08
C THR A 771 24.36 -45.28 -24.42
N PRO A 772 23.77 -45.69 -23.28
CA PRO A 772 22.74 -44.85 -22.68
C PRO A 772 23.29 -43.60 -22.01
N ASP A 773 22.41 -42.68 -21.62
CA ASP A 773 22.75 -41.51 -20.83
C ASP A 773 22.50 -41.81 -19.37
N ARG A 774 23.58 -41.98 -18.61
CA ARG A 774 23.47 -42.25 -17.18
C ARG A 774 23.57 -40.94 -16.41
N ARG A 775 22.50 -40.15 -16.47
CA ARG A 775 22.46 -38.83 -15.88
C ARG A 775 21.70 -38.88 -14.58
N TRP A 776 22.35 -38.50 -13.48
CA TRP A 776 21.62 -38.25 -12.25
C TRP A 776 20.60 -37.17 -12.48
N CYS A 777 19.41 -37.36 -11.93
CA CYS A 777 18.31 -36.44 -12.17
C CYS A 777 17.42 -36.37 -10.95
N PHE A 778 16.48 -35.43 -11.00
CA PHE A 778 15.68 -35.03 -9.84
C PHE A 778 14.24 -34.91 -10.31
N ARG A 779 13.39 -35.83 -9.86
CA ARG A 779 12.01 -35.82 -10.33
C ARG A 779 11.22 -34.71 -9.66
N VAL A 780 10.34 -34.11 -10.45
CA VAL A 780 9.43 -33.08 -9.97
C VAL A 780 8.06 -33.32 -10.59
N ASP A 781 7.18 -33.98 -9.84
CA ASP A 781 5.82 -34.21 -10.31
C ASP A 781 5.03 -32.91 -10.33
N GLU A 782 4.11 -32.83 -11.30
CA GLU A 782 3.43 -31.58 -11.61
C GLU A 782 2.05 -31.92 -12.15
N VAL A 783 1.14 -30.95 -12.04
CA VAL A 783 -0.23 -31.10 -12.49
C VAL A 783 -0.63 -29.82 -13.22
N ASN A 784 -1.22 -29.97 -14.40
CA ASN A 784 -1.96 -28.91 -15.06
C ASN A 784 -3.20 -29.52 -15.68
N TRP A 785 -4.37 -29.03 -15.29
CA TRP A 785 -5.62 -29.45 -15.89
C TRP A 785 -5.94 -28.55 -17.08
N SER A 786 -4.96 -28.28 -17.95
CA SER A 786 -5.19 -27.41 -19.09
C SER A 786 -4.63 -27.94 -20.42
N HIS A 787 -3.41 -28.48 -20.43
CA HIS A 787 -2.77 -28.82 -21.70
C HIS A 787 -2.92 -30.31 -21.99
N TRP A 788 -4.16 -30.72 -22.24
CA TRP A 788 -4.48 -32.09 -22.61
C TRP A 788 -3.75 -32.53 -23.87
N VAL B 148 7.93 -69.38 -32.03
CA VAL B 148 8.06 -68.33 -33.08
C VAL B 148 7.83 -66.98 -32.41
N PHE B 149 6.85 -66.91 -31.52
CA PHE B 149 6.49 -65.69 -30.81
C PHE B 149 6.56 -65.93 -29.31
N ASN B 150 7.64 -65.45 -28.70
CA ASN B 150 7.86 -65.55 -27.27
C ASN B 150 7.26 -64.31 -26.62
N ARG B 151 7.44 -64.18 -25.30
CA ARG B 151 6.95 -62.99 -24.60
C ARG B 151 7.65 -61.75 -25.15
N PRO B 152 8.99 -61.61 -25.08
CA PRO B 152 9.60 -60.34 -25.54
C PRO B 152 9.38 -60.04 -27.01
N ILE B 153 9.08 -61.06 -27.82
CA ILE B 153 8.93 -60.89 -29.26
C ILE B 153 7.74 -59.99 -29.55
N LEU B 154 6.58 -60.36 -29.02
CA LEU B 154 5.36 -59.65 -29.38
C LEU B 154 5.35 -58.22 -28.84
N PHE B 155 5.75 -58.04 -27.58
CA PHE B 155 5.67 -56.72 -26.95
C PHE B 155 6.54 -55.71 -27.70
N ASP B 156 7.56 -56.19 -28.40
CA ASP B 156 8.27 -55.35 -29.35
C ASP B 156 7.38 -55.01 -30.54
N ILE B 157 6.83 -56.03 -31.19
CA ILE B 157 6.11 -55.91 -32.45
C ILE B 157 4.94 -54.95 -32.28
N VAL B 158 4.15 -55.16 -31.23
CA VAL B 158 3.01 -54.28 -30.99
C VAL B 158 3.48 -52.89 -30.55
N SER B 159 4.55 -52.82 -29.77
CA SER B 159 5.12 -51.52 -29.42
C SER B 159 5.63 -50.78 -30.64
N ARG B 160 6.10 -51.50 -31.65
CA ARG B 160 6.47 -50.91 -32.92
C ARG B 160 5.26 -50.51 -33.75
N GLY B 161 4.10 -51.10 -33.49
CA GLY B 161 2.87 -50.69 -34.13
C GLY B 161 2.90 -50.79 -35.64
N SER B 162 3.01 -52.02 -36.15
CA SER B 162 3.10 -52.27 -37.59
C SER B 162 2.56 -53.69 -37.82
N THR B 163 1.39 -53.75 -38.45
CA THR B 163 0.61 -54.98 -38.51
C THR B 163 0.98 -55.84 -39.72
N ALA B 164 2.27 -56.12 -39.87
CA ALA B 164 2.76 -57.01 -40.92
C ALA B 164 3.64 -58.10 -40.31
N ASP B 165 4.44 -57.74 -39.32
CA ASP B 165 5.36 -58.69 -38.70
C ASP B 165 4.60 -59.64 -37.77
N LEU B 166 3.45 -59.20 -37.25
CA LEU B 166 2.64 -60.02 -36.37
C LEU B 166 1.86 -61.10 -37.10
N ASP B 167 1.56 -60.90 -38.38
CA ASP B 167 0.70 -61.82 -39.11
C ASP B 167 1.36 -63.19 -39.21
N GLY B 168 0.60 -64.22 -38.83
CA GLY B 168 1.11 -65.58 -38.77
C GLY B 168 1.08 -66.12 -37.35
N LEU B 169 1.09 -65.22 -36.36
CA LEU B 169 0.91 -65.67 -34.98
C LEU B 169 -0.49 -66.23 -34.78
N LEU B 170 -1.46 -65.85 -35.63
CA LEU B 170 -2.80 -66.39 -35.54
C LEU B 170 -2.76 -67.90 -35.76
N PRO B 171 -2.40 -68.45 -36.92
CA PRO B 171 -2.39 -69.93 -37.02
C PRO B 171 -1.38 -70.60 -36.11
N PHE B 172 -0.27 -69.93 -35.79
CA PHE B 172 0.72 -70.52 -34.91
C PHE B 172 0.13 -70.82 -33.53
N LEU B 173 -0.58 -69.85 -32.98
CA LEU B 173 -1.11 -69.98 -31.63
C LEU B 173 -2.24 -71.00 -31.58
N LEU B 174 -3.07 -71.05 -32.62
CA LEU B 174 -4.20 -71.98 -32.67
C LEU B 174 -3.74 -73.44 -32.57
N THR B 175 -2.54 -73.73 -33.07
CA THR B 175 -2.06 -75.12 -33.13
C THR B 175 -1.51 -75.60 -31.79
N HIS B 176 -0.72 -74.76 -31.12
CA HIS B 176 0.03 -75.17 -29.94
C HIS B 176 -0.83 -75.12 -28.67
N LYS B 177 -2.14 -74.96 -28.82
CA LYS B 177 -3.07 -74.97 -27.69
C LYS B 177 -2.74 -73.88 -26.69
N LYS B 178 -2.85 -72.62 -27.12
CA LYS B 178 -2.58 -71.48 -26.28
C LYS B 178 -3.70 -70.46 -26.40
N ARG B 179 -3.68 -69.48 -25.50
CA ARG B 179 -4.52 -68.29 -25.57
C ARG B 179 -3.64 -67.15 -25.09
N LEU B 180 -3.75 -65.98 -25.72
CA LEU B 180 -2.83 -64.86 -25.50
C LEU B 180 -2.66 -64.52 -24.03
N THR B 181 -3.74 -64.65 -23.28
CA THR B 181 -3.75 -64.38 -21.83
C THR B 181 -2.87 -65.30 -21.01
N ASP B 182 -2.39 -66.41 -21.59
CA ASP B 182 -1.65 -67.42 -20.86
C ASP B 182 -0.42 -66.84 -20.14
N GLU B 183 -0.11 -67.40 -18.97
CA GLU B 183 0.82 -66.83 -18.01
C GLU B 183 2.20 -66.56 -18.60
N GLU B 184 2.73 -67.50 -19.36
CA GLU B 184 4.11 -67.41 -19.85
C GLU B 184 4.16 -66.69 -21.20
N PHE B 185 3.20 -65.82 -21.46
CA PHE B 185 3.24 -64.92 -22.61
C PHE B 185 3.03 -63.47 -22.16
N ARG B 186 2.52 -63.26 -20.95
CA ARG B 186 2.30 -61.94 -20.39
C ARG B 186 3.38 -61.64 -19.35
N GLU B 187 3.58 -60.34 -19.09
CA GLU B 187 4.69 -59.89 -18.26
C GLU B 187 4.58 -60.46 -16.84
N PRO B 188 5.70 -60.74 -16.15
CA PRO B 188 5.60 -61.36 -14.83
C PRO B 188 5.28 -60.37 -13.71
N SER B 189 5.72 -59.13 -13.86
CA SER B 189 5.61 -58.16 -12.77
C SER B 189 4.21 -57.58 -12.69
N THR B 190 3.79 -56.89 -13.75
CA THR B 190 2.50 -56.23 -13.76
C THR B 190 1.38 -57.23 -14.03
N GLY B 191 1.43 -57.85 -15.19
CA GLY B 191 0.36 -58.66 -15.72
C GLY B 191 -0.09 -58.17 -17.08
N LYS B 192 0.76 -57.37 -17.72
CA LYS B 192 0.41 -56.72 -18.96
C LYS B 192 0.44 -57.72 -20.12
N THR B 193 -0.47 -57.49 -21.06
CA THR B 193 -0.60 -58.30 -22.25
C THR B 193 -0.37 -57.41 -23.47
N CYS B 194 -0.62 -57.96 -24.65
CA CYS B 194 -0.38 -57.23 -25.90
C CYS B 194 -1.22 -55.96 -25.97
N LEU B 195 -2.50 -56.06 -25.60
CA LEU B 195 -3.45 -55.00 -25.90
C LEU B 195 -3.15 -53.70 -25.17
N PRO B 196 -2.78 -53.71 -23.88
CA PRO B 196 -2.31 -52.46 -23.26
C PRO B 196 -1.12 -51.86 -23.99
N LYS B 197 -0.10 -52.70 -24.22
CA LYS B 197 1.15 -52.24 -24.84
C LYS B 197 0.90 -51.57 -26.18
N ALA B 198 -0.14 -52.00 -26.88
CA ALA B 198 -0.55 -51.35 -28.12
C ALA B 198 -1.04 -49.94 -27.82
N LEU B 199 -1.87 -49.82 -26.79
CA LEU B 199 -2.54 -48.56 -26.48
C LEU B 199 -1.60 -47.57 -25.80
N LEU B 200 -0.74 -48.06 -24.91
CA LEU B 200 0.23 -47.19 -24.25
C LEU B 200 1.16 -46.56 -25.28
N ASN B 201 1.65 -47.38 -26.23
CA ASN B 201 2.57 -46.90 -27.26
C ASN B 201 1.81 -46.48 -28.51
N LEU B 202 0.55 -46.07 -28.34
CA LEU B 202 -0.22 -45.50 -29.43
C LEU B 202 0.46 -44.25 -29.95
N SER B 203 0.33 -43.98 -31.25
CA SER B 203 0.97 -42.81 -31.84
C SER B 203 0.05 -42.25 -32.91
N ASN B 204 -0.10 -40.91 -32.87
CA ASN B 204 -0.80 -40.15 -33.88
C ASN B 204 -2.32 -40.33 -33.81
N GLY B 205 -2.81 -41.05 -32.78
CA GLY B 205 -4.23 -41.19 -32.57
C GLY B 205 -4.79 -42.54 -32.96
N ARG B 206 -4.00 -43.36 -33.67
CA ARG B 206 -4.48 -44.65 -34.15
C ARG B 206 -3.30 -45.62 -34.19
N ASN B 207 -3.63 -46.90 -34.25
CA ASN B 207 -2.66 -47.97 -34.42
C ASN B 207 -3.42 -49.21 -34.86
N ASP B 208 -3.12 -49.75 -36.04
CA ASP B 208 -3.92 -50.79 -36.64
C ASP B 208 -3.56 -52.20 -36.18
N THR B 209 -2.62 -52.35 -35.24
CA THR B 209 -2.39 -53.65 -34.63
C THR B 209 -3.62 -54.14 -33.88
N ILE B 210 -4.34 -53.23 -33.22
CA ILE B 210 -5.34 -53.58 -32.23
C ILE B 210 -6.51 -54.32 -32.89
N PRO B 211 -7.10 -53.86 -33.99
CA PRO B 211 -8.19 -54.64 -34.60
C PRO B 211 -7.79 -56.04 -35.01
N VAL B 212 -6.50 -56.28 -35.25
CA VAL B 212 -6.04 -57.60 -35.65
C VAL B 212 -5.84 -58.48 -34.41
N LEU B 213 -5.16 -57.95 -33.39
CA LEU B 213 -5.04 -58.68 -32.14
C LEU B 213 -6.40 -58.99 -31.53
N LEU B 214 -7.38 -58.10 -31.75
CA LEU B 214 -8.74 -58.39 -31.33
C LEU B 214 -9.42 -59.36 -32.31
N ASP B 215 -9.11 -59.24 -33.60
CA ASP B 215 -9.58 -60.24 -34.56
C ASP B 215 -9.03 -61.61 -34.22
N ILE B 216 -7.80 -61.65 -33.73
CA ILE B 216 -7.16 -62.90 -33.31
C ILE B 216 -7.75 -63.36 -31.98
N ALA B 217 -8.33 -62.45 -31.21
CA ALA B 217 -8.85 -62.78 -29.88
C ALA B 217 -10.04 -63.73 -29.96
N GLU B 218 -11.01 -63.42 -30.84
CA GLU B 218 -12.19 -64.28 -30.92
C GLU B 218 -11.82 -65.64 -31.49
N ARG B 219 -10.77 -65.68 -32.32
CA ARG B 219 -10.29 -66.95 -32.84
C ARG B 219 -9.80 -67.84 -31.71
N THR B 220 -9.13 -67.24 -30.71
CA THR B 220 -8.82 -67.94 -29.48
C THR B 220 -9.99 -68.01 -28.52
N GLY B 221 -10.95 -67.10 -28.66
CA GLY B 221 -12.14 -67.10 -27.82
C GLY B 221 -11.84 -66.58 -26.43
N ASN B 222 -11.34 -65.35 -26.36
CA ASN B 222 -10.92 -64.75 -25.10
C ASN B 222 -11.30 -63.28 -24.99
N MET B 223 -12.05 -62.73 -25.96
CA MET B 223 -12.48 -61.33 -25.95
C MET B 223 -12.96 -60.86 -24.60
N ARG B 224 -13.80 -61.67 -23.95
CA ARG B 224 -14.25 -61.41 -22.59
C ARG B 224 -13.04 -61.33 -21.67
N GLU B 225 -12.16 -62.34 -21.77
CA GLU B 225 -10.95 -62.37 -20.95
C GLU B 225 -9.84 -61.51 -21.53
N PHE B 226 -9.98 -61.05 -22.77
CA PHE B 226 -8.88 -60.38 -23.46
C PHE B 226 -8.95 -58.87 -23.26
N ILE B 227 -10.12 -58.25 -23.47
CA ILE B 227 -10.32 -56.90 -22.96
C ILE B 227 -10.89 -57.09 -21.56
N ASN B 228 -10.05 -57.57 -20.66
CA ASN B 228 -10.32 -57.61 -19.23
C ASN B 228 -9.03 -58.11 -18.60
N SER B 229 -8.48 -57.38 -17.67
CA SER B 229 -7.30 -57.90 -16.99
C SER B 229 -6.98 -57.09 -15.74
N PRO B 230 -6.81 -57.74 -14.58
CA PRO B 230 -6.19 -57.06 -13.44
C PRO B 230 -4.69 -57.05 -13.51
N PHE B 231 -4.07 -55.99 -14.05
CA PHE B 231 -2.67 -55.75 -13.71
C PHE B 231 -2.57 -55.92 -12.21
N ARG B 232 -1.90 -56.96 -11.73
CA ARG B 232 -1.87 -57.22 -10.30
C ARG B 232 -0.71 -56.49 -9.64
N ASP B 233 -0.15 -55.50 -10.33
CA ASP B 233 0.83 -54.62 -9.72
C ASP B 233 0.17 -53.86 -8.59
N ILE B 234 0.90 -53.66 -7.51
CA ILE B 234 0.39 -52.93 -6.36
C ILE B 234 0.41 -51.42 -6.63
N TYR B 235 0.83 -51.03 -7.85
CA TYR B 235 0.56 -49.68 -8.34
C TYR B 235 -0.52 -49.65 -9.40
N TYR B 236 -1.04 -50.80 -9.86
CA TYR B 236 -2.03 -50.81 -10.94
C TYR B 236 -3.13 -51.85 -10.73
N ARG B 237 -3.55 -52.08 -9.48
CA ARG B 237 -4.50 -53.15 -9.20
C ARG B 237 -5.88 -52.85 -9.79
N GLY B 238 -6.02 -53.06 -11.10
CA GLY B 238 -7.31 -53.15 -11.73
C GLY B 238 -7.38 -52.52 -13.11
N GLN B 239 -6.31 -51.86 -13.53
CA GLN B 239 -6.31 -51.15 -14.81
C GLN B 239 -6.54 -52.11 -15.96
N THR B 240 -7.40 -51.69 -16.89
CA THR B 240 -7.76 -52.47 -18.06
C THR B 240 -7.42 -51.67 -19.30
N ALA B 241 -7.72 -52.26 -20.45
CA ALA B 241 -7.51 -51.56 -21.72
C ALA B 241 -8.48 -50.40 -21.89
N LEU B 242 -9.62 -50.44 -21.20
CA LEU B 242 -10.58 -49.35 -21.34
C LEU B 242 -10.16 -48.15 -20.50
N HIS B 243 -9.60 -48.40 -19.32
CA HIS B 243 -9.01 -47.32 -18.55
C HIS B 243 -7.91 -46.62 -19.34
N ILE B 244 -7.19 -47.40 -20.15
CA ILE B 244 -6.13 -46.85 -20.98
C ILE B 244 -6.73 -46.14 -22.19
N ALA B 245 -7.78 -46.70 -22.76
CA ALA B 245 -8.38 -46.16 -23.99
C ALA B 245 -8.88 -44.75 -23.78
N ILE B 246 -9.29 -44.43 -22.55
CA ILE B 246 -9.96 -43.17 -22.29
C ILE B 246 -8.95 -42.10 -21.93
N GLU B 247 -8.00 -42.44 -21.04
CA GLU B 247 -6.99 -41.46 -20.62
C GLU B 247 -6.09 -41.04 -21.76
N ARG B 248 -5.98 -41.85 -22.81
CA ARG B 248 -5.26 -41.45 -24.01
C ARG B 248 -6.09 -40.58 -24.94
N ARG B 249 -7.32 -40.23 -24.56
CA ARG B 249 -8.21 -39.43 -25.38
C ARG B 249 -8.46 -40.12 -26.72
N CYS B 250 -8.56 -41.44 -26.69
CA CYS B 250 -8.70 -42.24 -27.91
C CYS B 250 -10.15 -42.69 -28.04
N LYS B 251 -10.96 -41.82 -28.63
CA LYS B 251 -12.39 -42.09 -28.79
C LYS B 251 -12.64 -43.33 -29.62
N HIS B 252 -11.86 -43.52 -30.67
CA HIS B 252 -12.14 -44.50 -31.70
C HIS B 252 -12.13 -45.91 -31.12
N TYR B 253 -11.20 -46.17 -30.21
CA TYR B 253 -11.10 -47.48 -29.58
C TYR B 253 -12.00 -47.62 -28.37
N VAL B 254 -12.34 -46.54 -27.69
CA VAL B 254 -13.28 -46.63 -26.57
C VAL B 254 -14.62 -47.09 -27.11
N GLU B 255 -14.99 -46.60 -28.29
CA GLU B 255 -16.15 -47.14 -28.97
C GLU B 255 -15.93 -48.62 -29.31
N LEU B 256 -14.70 -48.97 -29.71
CA LEU B 256 -14.38 -50.36 -30.01
C LEU B 256 -14.51 -51.24 -28.77
N LEU B 257 -13.66 -50.99 -27.76
CA LEU B 257 -13.44 -51.96 -26.68
C LEU B 257 -14.73 -52.33 -25.97
N VAL B 258 -15.66 -51.38 -25.86
CA VAL B 258 -16.94 -51.69 -25.22
C VAL B 258 -17.81 -52.51 -26.17
N ALA B 259 -17.63 -52.33 -27.48
CA ALA B 259 -18.49 -52.98 -28.47
C ALA B 259 -18.34 -54.49 -28.42
N GLN B 260 -17.13 -54.99 -28.16
CA GLN B 260 -16.93 -56.42 -27.98
C GLN B 260 -17.24 -56.87 -26.56
N GLY B 261 -17.93 -56.03 -25.78
CA GLY B 261 -18.47 -56.44 -24.50
C GLY B 261 -17.40 -56.73 -23.47
N ALA B 262 -16.63 -55.70 -23.09
CA ALA B 262 -15.47 -55.92 -22.24
C ALA B 262 -15.76 -55.70 -20.76
N ASP B 263 -15.98 -54.44 -20.38
CA ASP B 263 -16.33 -54.05 -19.02
C ASP B 263 -16.46 -52.53 -19.04
N VAL B 264 -17.27 -51.95 -18.16
CA VAL B 264 -17.24 -50.52 -17.92
C VAL B 264 -17.33 -50.23 -16.43
N HIS B 265 -16.90 -51.20 -15.61
CA HIS B 265 -17.05 -51.12 -14.17
C HIS B 265 -15.83 -51.60 -13.42
N ALA B 266 -14.72 -51.84 -14.12
CA ALA B 266 -13.52 -52.36 -13.48
C ALA B 266 -12.95 -51.35 -12.51
N GLN B 267 -12.72 -51.81 -11.27
CA GLN B 267 -12.25 -50.95 -10.19
C GLN B 267 -10.73 -50.85 -10.29
N ALA B 268 -10.24 -49.74 -10.84
CA ALA B 268 -8.82 -49.44 -10.87
C ALA B 268 -8.32 -49.04 -9.48
N ARG B 269 -8.11 -50.03 -8.62
CA ARG B 269 -7.84 -49.82 -7.20
C ARG B 269 -6.36 -49.70 -6.87
N GLY B 270 -5.48 -49.59 -7.85
CA GLY B 270 -4.06 -49.59 -7.57
C GLY B 270 -3.63 -48.34 -6.84
N ARG B 271 -2.55 -48.47 -6.05
CA ARG B 271 -2.03 -47.39 -5.22
C ARG B 271 -1.77 -46.12 -6.03
N PHE B 272 -1.40 -46.27 -7.29
CA PHE B 272 -1.34 -45.14 -8.20
C PHE B 272 -2.72 -44.51 -8.29
N PHE B 273 -3.74 -45.36 -8.38
CA PHE B 273 -5.11 -44.94 -8.57
C PHE B 273 -5.82 -44.77 -7.22
N GLN B 274 -5.18 -44.02 -6.34
CA GLN B 274 -5.73 -43.69 -5.03
C GLN B 274 -5.55 -42.19 -4.83
N PRO B 275 -6.20 -41.60 -3.85
CA PRO B 275 -5.96 -40.17 -3.58
C PRO B 275 -4.54 -39.89 -3.17
N LYS B 276 -4.12 -38.64 -3.35
CA LYS B 276 -2.75 -38.23 -3.13
C LYS B 276 -2.31 -38.32 -1.67
N ASP B 277 -3.26 -38.51 -0.75
CA ASP B 277 -2.95 -38.67 0.66
C ASP B 277 -2.81 -40.12 1.08
N GLU B 278 -3.26 -41.08 0.25
CA GLU B 278 -2.96 -42.48 0.45
C GLU B 278 -1.57 -42.85 -0.07
N GLY B 279 -0.85 -41.89 -0.66
CA GLY B 279 0.35 -42.19 -1.40
C GLY B 279 0.01 -42.60 -2.81
N GLY B 280 -0.59 -41.69 -3.55
CA GLY B 280 -1.02 -41.94 -4.91
C GLY B 280 -0.89 -40.65 -5.71
N TYR B 281 -1.35 -40.71 -6.95
CA TYR B 281 -1.18 -39.62 -7.89
C TYR B 281 -2.50 -39.08 -8.43
N PHE B 282 -3.44 -39.96 -8.82
CA PHE B 282 -4.63 -39.54 -9.54
C PHE B 282 -5.81 -40.41 -9.15
N TYR B 283 -6.66 -39.89 -8.25
CA TYR B 283 -7.97 -40.45 -7.97
C TYR B 283 -8.97 -39.81 -8.92
N PHE B 284 -9.87 -40.62 -9.47
CA PHE B 284 -10.89 -40.16 -10.41
C PHE B 284 -12.22 -40.84 -10.14
N GLY B 285 -12.36 -41.46 -8.99
CA GLY B 285 -13.28 -42.56 -8.83
C GLY B 285 -12.43 -43.80 -9.00
N GLU B 286 -13.00 -44.88 -9.52
CA GLU B 286 -12.18 -46.03 -9.88
C GLU B 286 -12.70 -46.69 -11.15
N LEU B 287 -13.47 -45.96 -11.95
CA LEU B 287 -14.28 -46.53 -13.00
C LEU B 287 -14.04 -45.81 -14.30
N PRO B 288 -14.30 -46.44 -15.45
CA PRO B 288 -14.09 -45.74 -16.73
C PRO B 288 -14.99 -44.53 -16.91
N LEU B 289 -16.25 -44.61 -16.47
CA LEU B 289 -17.12 -43.45 -16.59
C LEU B 289 -16.66 -42.34 -15.66
N SER B 290 -16.21 -42.70 -14.46
CA SER B 290 -15.72 -41.70 -13.53
C SER B 290 -14.43 -41.07 -14.04
N LEU B 291 -13.69 -41.81 -14.88
CA LEU B 291 -12.47 -41.27 -15.46
C LEU B 291 -12.79 -40.27 -16.57
N ALA B 292 -13.62 -40.68 -17.52
CA ALA B 292 -13.93 -39.86 -18.67
C ALA B 292 -14.48 -38.49 -18.27
N ALA B 293 -15.23 -38.46 -17.18
CA ALA B 293 -15.65 -37.20 -16.59
C ALA B 293 -14.46 -36.46 -15.99
N CYS B 294 -13.74 -37.11 -15.09
CA CYS B 294 -12.66 -36.46 -14.37
C CYS B 294 -11.47 -36.11 -15.25
N THR B 295 -11.44 -36.58 -16.50
CA THR B 295 -10.35 -36.31 -17.43
C THR B 295 -10.76 -35.38 -18.57
N ASN B 296 -11.88 -34.67 -18.43
CA ASN B 296 -12.32 -33.67 -19.41
C ASN B 296 -12.52 -34.29 -20.80
N GLN B 297 -13.40 -35.29 -20.86
CA GLN B 297 -13.77 -35.95 -22.10
C GLN B 297 -15.28 -36.08 -22.17
N PRO B 298 -16.00 -35.01 -22.53
CA PRO B 298 -17.46 -35.10 -22.61
C PRO B 298 -17.98 -36.13 -23.60
N HIS B 299 -17.24 -36.34 -24.69
CA HIS B 299 -17.72 -37.19 -25.78
C HIS B 299 -17.79 -38.64 -25.33
N ILE B 300 -16.75 -39.09 -24.64
CA ILE B 300 -16.75 -40.45 -24.08
C ILE B 300 -17.91 -40.62 -23.13
N VAL B 301 -18.13 -39.65 -22.25
CA VAL B 301 -19.07 -39.75 -21.15
C VAL B 301 -20.48 -39.87 -21.70
N ASN B 302 -20.79 -39.07 -22.72
CA ASN B 302 -22.05 -39.19 -23.43
C ASN B 302 -22.17 -40.59 -24.03
N TYR B 303 -21.15 -41.02 -24.75
CA TYR B 303 -21.18 -42.31 -25.42
C TYR B 303 -21.36 -43.47 -24.44
N LEU B 304 -20.52 -43.53 -23.40
CA LEU B 304 -20.53 -44.65 -22.46
C LEU B 304 -21.90 -44.90 -21.85
N THR B 305 -22.70 -43.85 -21.75
CA THR B 305 -24.07 -44.00 -21.25
C THR B 305 -25.00 -44.49 -22.33
N GLU B 306 -25.18 -43.70 -23.40
CA GLU B 306 -26.07 -44.10 -24.50
C GLU B 306 -25.22 -44.74 -25.60
N ASN B 307 -24.55 -45.82 -25.21
CA ASN B 307 -23.92 -46.76 -26.15
C ASN B 307 -24.80 -47.99 -26.21
N PRO B 308 -24.87 -48.70 -27.36
CA PRO B 308 -25.77 -49.86 -27.46
C PRO B 308 -25.45 -51.04 -26.56
N HIS B 309 -24.23 -51.57 -26.66
CA HIS B 309 -23.91 -52.90 -26.15
C HIS B 309 -24.10 -53.03 -24.64
N LYS B 310 -23.24 -52.35 -23.88
CA LYS B 310 -23.35 -52.23 -22.44
C LYS B 310 -23.30 -50.74 -22.11
N LYS B 311 -23.66 -50.38 -20.88
CA LYS B 311 -23.54 -48.99 -20.46
C LYS B 311 -23.30 -48.92 -18.96
N ALA B 312 -22.39 -48.06 -18.55
CA ALA B 312 -22.19 -47.81 -17.14
C ALA B 312 -23.28 -46.88 -16.65
N ASP B 313 -24.07 -47.38 -15.70
CA ASP B 313 -25.02 -46.52 -15.02
C ASP B 313 -24.27 -45.44 -14.27
N MET B 314 -24.91 -44.28 -14.13
CA MET B 314 -24.30 -43.16 -13.42
C MET B 314 -24.42 -43.30 -11.91
N ARG B 315 -24.92 -44.44 -11.44
CA ARG B 315 -25.10 -44.71 -10.03
C ARG B 315 -23.94 -45.47 -9.40
N ARG B 316 -23.07 -46.09 -10.19
CA ARG B 316 -22.18 -47.09 -9.64
C ARG B 316 -21.20 -46.46 -8.68
N GLN B 317 -20.98 -47.13 -7.56
CA GLN B 317 -20.09 -46.67 -6.50
C GLN B 317 -18.77 -47.40 -6.65
N ASP B 318 -17.67 -46.68 -6.49
CA ASP B 318 -16.36 -47.31 -6.39
C ASP B 318 -16.20 -47.98 -5.03
N SER B 319 -14.97 -48.38 -4.70
CA SER B 319 -14.69 -49.08 -3.47
C SER B 319 -14.66 -48.17 -2.23
N ARG B 320 -15.07 -46.92 -2.39
CA ARG B 320 -15.33 -46.01 -1.28
C ARG B 320 -16.77 -45.56 -1.17
N GLY B 321 -17.66 -46.02 -2.04
CA GLY B 321 -18.99 -45.50 -2.13
C GLY B 321 -19.11 -44.36 -3.13
N ASN B 322 -17.98 -43.78 -3.54
CA ASN B 322 -18.00 -42.55 -4.33
C ASN B 322 -18.41 -42.81 -5.76
N THR B 323 -19.47 -42.15 -6.18
CA THR B 323 -19.90 -42.16 -7.56
C THR B 323 -19.13 -41.11 -8.35
N VAL B 324 -19.56 -40.87 -9.58
CA VAL B 324 -18.87 -39.91 -10.46
C VAL B 324 -18.86 -38.51 -9.86
N LEU B 325 -19.96 -38.09 -9.23
CA LEU B 325 -20.01 -36.72 -8.71
C LEU B 325 -19.15 -36.59 -7.47
N HIS B 326 -19.14 -37.61 -6.62
CA HIS B 326 -18.20 -37.68 -5.51
C HIS B 326 -16.77 -37.52 -6.00
N ALA B 327 -16.47 -38.08 -7.18
CA ALA B 327 -15.12 -38.07 -7.70
C ALA B 327 -14.73 -36.77 -8.36
N LEU B 328 -15.69 -36.07 -8.97
CA LEU B 328 -15.44 -34.72 -9.46
C LEU B 328 -15.13 -33.74 -8.35
N VAL B 329 -15.65 -33.99 -7.15
CA VAL B 329 -15.30 -33.18 -6.00
C VAL B 329 -13.90 -33.52 -5.50
N ALA B 330 -13.39 -34.71 -5.81
CA ALA B 330 -12.07 -35.12 -5.35
C ALA B 330 -10.94 -34.58 -6.21
N ILE B 331 -11.24 -34.13 -7.42
CA ILE B 331 -10.24 -33.70 -8.39
C ILE B 331 -10.33 -32.20 -8.64
N ALA B 332 -11.40 -31.57 -8.19
CA ALA B 332 -11.59 -30.14 -8.38
C ALA B 332 -10.67 -29.42 -7.40
N ASP B 333 -9.66 -28.75 -7.95
CA ASP B 333 -9.03 -27.66 -7.24
C ASP B 333 -9.77 -26.38 -7.56
N ASN B 334 -9.54 -25.38 -6.72
CA ASN B 334 -10.24 -24.11 -6.84
C ASN B 334 -9.52 -23.15 -7.77
N THR B 335 -9.22 -23.63 -8.97
CA THR B 335 -8.63 -22.83 -10.04
C THR B 335 -9.70 -22.55 -11.08
N ARG B 336 -9.42 -21.60 -11.97
CA ARG B 336 -10.37 -21.24 -13.00
C ARG B 336 -10.64 -22.42 -13.92
N GLU B 337 -9.59 -23.00 -14.48
CA GLU B 337 -9.74 -24.04 -15.50
C GLU B 337 -10.34 -25.31 -14.92
N ASN B 338 -9.96 -25.66 -13.69
CA ASN B 338 -10.49 -26.86 -13.05
C ASN B 338 -11.97 -26.68 -12.71
N THR B 339 -12.29 -25.58 -12.02
CA THR B 339 -13.68 -25.37 -11.59
C THR B 339 -14.61 -25.21 -12.78
N LYS B 340 -14.07 -24.80 -13.93
CA LYS B 340 -14.88 -24.69 -15.13
C LYS B 340 -15.46 -26.04 -15.54
N PHE B 341 -14.60 -26.99 -15.93
CA PHE B 341 -15.13 -28.21 -16.54
C PHE B 341 -15.63 -29.20 -15.51
N VAL B 342 -15.44 -28.93 -14.22
CA VAL B 342 -16.06 -29.75 -13.19
C VAL B 342 -17.55 -29.44 -13.11
N THR B 343 -17.89 -28.16 -13.11
CA THR B 343 -19.28 -27.75 -12.95
C THR B 343 -20.11 -28.14 -14.16
N LYS B 344 -19.51 -28.10 -15.34
CA LYS B 344 -20.20 -28.46 -16.58
C LYS B 344 -20.67 -29.90 -16.51
N MET B 345 -19.72 -30.81 -16.28
CA MET B 345 -20.03 -32.24 -16.27
C MET B 345 -20.85 -32.63 -15.07
N TYR B 346 -20.58 -32.01 -13.92
CA TYR B 346 -21.40 -32.23 -12.74
C TYR B 346 -22.87 -32.01 -13.08
N ASP B 347 -23.17 -30.86 -13.68
CA ASP B 347 -24.52 -30.59 -14.16
C ASP B 347 -24.96 -31.65 -15.17
N LEU B 348 -24.21 -31.79 -16.25
CA LEU B 348 -24.46 -32.70 -17.36
C LEU B 348 -24.95 -34.06 -16.90
N LEU B 349 -24.15 -34.75 -16.10
CA LEU B 349 -24.55 -36.05 -15.57
C LEU B 349 -25.76 -35.94 -14.67
N LEU B 350 -25.84 -34.88 -13.87
CA LEU B 350 -26.93 -34.74 -12.94
C LEU B 350 -28.24 -34.46 -13.66
N LEU B 351 -28.20 -33.55 -14.65
CA LEU B 351 -29.36 -33.34 -15.51
C LEU B 351 -29.66 -34.58 -16.35
N LYS B 352 -28.62 -35.27 -16.81
CA LYS B 352 -28.79 -36.45 -17.63
C LYS B 352 -29.39 -37.61 -16.83
N CYS B 353 -28.96 -37.78 -15.58
CA CYS B 353 -29.46 -38.86 -14.75
C CYS B 353 -30.85 -38.57 -14.23
N ALA B 354 -31.39 -37.38 -14.51
CA ALA B 354 -32.78 -37.09 -14.21
C ALA B 354 -33.68 -37.70 -15.28
N ARG B 355 -33.26 -37.59 -16.54
CA ARG B 355 -33.94 -38.21 -17.66
C ARG B 355 -34.13 -39.71 -17.40
N LEU B 356 -33.02 -40.42 -17.25
CA LEU B 356 -33.05 -41.81 -16.81
C LEU B 356 -33.43 -41.86 -15.34
N PHE B 357 -33.84 -43.06 -14.88
CA PHE B 357 -34.11 -43.35 -13.47
C PHE B 357 -34.84 -42.22 -12.75
N PRO B 358 -36.02 -41.78 -13.21
CA PRO B 358 -36.62 -40.55 -12.65
C PRO B 358 -37.05 -40.75 -11.20
N ASP B 359 -36.05 -40.87 -10.33
CA ASP B 359 -36.16 -41.30 -8.94
C ASP B 359 -35.06 -40.56 -8.17
N SER B 360 -34.63 -41.10 -7.02
CA SER B 360 -33.59 -40.53 -6.16
C SER B 360 -32.44 -39.85 -6.90
N ASN B 361 -32.14 -38.61 -6.53
CA ASN B 361 -31.12 -37.84 -7.21
C ASN B 361 -29.75 -38.44 -6.95
N LEU B 362 -28.92 -38.45 -7.97
CA LEU B 362 -27.60 -39.06 -7.86
C LEU B 362 -26.72 -38.27 -6.91
N GLU B 363 -27.03 -36.98 -6.75
CA GLU B 363 -26.39 -36.13 -5.74
C GLU B 363 -26.75 -36.52 -4.33
N ALA B 364 -27.81 -37.32 -4.14
CA ALA B 364 -28.18 -37.81 -2.82
C ALA B 364 -27.50 -39.11 -2.45
N VAL B 365 -26.76 -39.72 -3.37
CA VAL B 365 -26.15 -41.01 -3.11
C VAL B 365 -25.01 -40.81 -2.11
N LEU B 366 -25.24 -41.24 -0.88
CA LEU B 366 -24.22 -41.17 0.14
C LEU B 366 -23.13 -42.19 -0.17
N ASN B 367 -21.90 -41.85 0.18
CA ASN B 367 -20.77 -42.75 0.04
C ASN B 367 -20.57 -43.52 1.35
N ASN B 368 -19.45 -44.23 1.49
CA ASN B 368 -19.24 -45.10 2.64
C ASN B 368 -18.68 -44.36 3.86
N ASP B 369 -18.79 -43.04 3.87
CA ASP B 369 -18.79 -42.29 5.11
C ASP B 369 -19.89 -41.25 5.13
N GLY B 370 -20.97 -41.46 4.39
CA GLY B 370 -22.11 -40.57 4.35
C GLY B 370 -21.97 -39.45 3.33
N LEU B 371 -20.86 -38.74 3.36
CA LEU B 371 -20.75 -37.41 2.81
C LEU B 371 -21.09 -37.35 1.33
N SER B 372 -22.22 -36.72 1.03
CA SER B 372 -22.70 -36.46 -0.31
C SER B 372 -21.71 -35.54 -1.05
N PRO B 373 -21.88 -35.32 -2.35
CA PRO B 373 -20.91 -34.47 -3.07
C PRO B 373 -20.82 -33.06 -2.55
N LEU B 374 -21.91 -32.51 -2.03
CA LEU B 374 -21.86 -31.20 -1.40
C LEU B 374 -21.17 -31.27 -0.05
N MET B 375 -21.60 -32.20 0.81
CA MET B 375 -20.92 -32.42 2.08
C MET B 375 -19.46 -32.78 1.87
N MET B 376 -19.14 -33.43 0.76
CA MET B 376 -17.78 -33.87 0.50
C MET B 376 -16.92 -32.70 0.04
N ALA B 377 -17.52 -31.74 -0.66
CA ALA B 377 -16.84 -30.52 -1.01
C ALA B 377 -16.64 -29.61 0.19
N ALA B 378 -17.63 -29.54 1.06
CA ALA B 378 -17.52 -28.72 2.25
C ALA B 378 -16.41 -29.20 3.18
N LYS B 379 -16.20 -30.50 3.27
CA LYS B 379 -15.14 -31.04 4.09
C LYS B 379 -13.77 -30.91 3.44
N THR B 380 -13.74 -30.80 2.12
CA THR B 380 -12.50 -30.74 1.35
C THR B 380 -12.20 -29.35 0.79
N GLY B 381 -13.07 -28.37 1.00
CA GLY B 381 -12.73 -26.99 0.74
C GLY B 381 -12.79 -26.57 -0.71
N LYS B 382 -13.78 -27.04 -1.45
CA LYS B 382 -13.86 -26.82 -2.89
C LYS B 382 -14.99 -25.82 -3.16
N ILE B 383 -14.59 -24.56 -3.34
CA ILE B 383 -15.58 -23.48 -3.44
C ILE B 383 -16.33 -23.56 -4.76
N GLY B 384 -15.61 -23.77 -5.86
CA GLY B 384 -16.16 -23.69 -7.19
C GLY B 384 -17.35 -24.60 -7.40
N ILE B 385 -17.24 -25.83 -6.88
CA ILE B 385 -18.36 -26.76 -6.95
C ILE B 385 -19.36 -26.46 -5.85
N PHE B 386 -18.87 -26.12 -4.66
CA PHE B 386 -19.75 -25.83 -3.53
C PHE B 386 -20.66 -24.66 -3.82
N GLN B 387 -20.09 -23.57 -4.33
CA GLN B 387 -20.87 -22.41 -4.71
C GLN B 387 -21.87 -22.76 -5.80
N HIS B 388 -21.42 -23.55 -6.78
CA HIS B 388 -22.27 -23.89 -7.92
C HIS B 388 -23.51 -24.68 -7.48
N ILE B 389 -23.33 -25.61 -6.55
CA ILE B 389 -24.44 -26.49 -6.16
C ILE B 389 -25.55 -25.70 -5.50
N ILE B 390 -25.19 -24.75 -4.64
CA ILE B 390 -26.20 -24.08 -3.83
C ILE B 390 -27.07 -23.18 -4.70
N ARG B 391 -26.46 -22.30 -5.50
CA ARG B 391 -27.21 -21.40 -6.36
C ARG B 391 -27.47 -22.06 -7.70
N ARG B 392 -28.01 -23.28 -7.65
CA ARG B 392 -28.32 -24.05 -8.84
C ARG B 392 -29.77 -23.82 -9.22
N GLU B 393 -29.99 -23.08 -10.30
CA GLU B 393 -31.33 -22.75 -10.78
C GLU B 393 -31.49 -23.32 -12.18
N VAL B 394 -32.09 -24.52 -12.25
CA VAL B 394 -32.46 -25.14 -13.51
C VAL B 394 -33.92 -24.77 -13.75
N THR B 395 -34.31 -24.68 -15.03
CA THR B 395 -35.58 -24.05 -15.41
C THR B 395 -36.55 -25.03 -16.07
N ASP B 396 -36.03 -25.96 -16.87
CA ASP B 396 -36.89 -26.87 -17.62
C ASP B 396 -37.74 -27.72 -16.68
N GLU B 397 -39.01 -27.91 -17.03
CA GLU B 397 -40.04 -28.35 -16.10
C GLU B 397 -39.72 -29.70 -15.45
N ASP B 398 -39.10 -30.60 -16.20
CA ASP B 398 -38.75 -31.91 -15.67
C ASP B 398 -37.74 -31.76 -14.53
N THR B 399 -36.62 -31.13 -14.84
CA THR B 399 -35.50 -31.01 -13.90
C THR B 399 -35.54 -29.66 -13.19
N ARG B 400 -36.61 -29.45 -12.44
CA ARG B 400 -36.74 -28.31 -11.55
C ARG B 400 -36.68 -28.71 -10.09
N HIS B 401 -36.89 -29.98 -9.78
CA HIS B 401 -36.63 -30.51 -8.45
C HIS B 401 -35.14 -30.53 -8.15
N LEU B 402 -34.30 -30.39 -9.16
CA LEU B 402 -32.86 -30.35 -8.97
C LEU B 402 -32.34 -28.95 -8.69
N SER B 403 -33.19 -27.93 -8.69
CA SER B 403 -32.75 -26.59 -8.41
C SER B 403 -32.81 -26.31 -6.91
N ARG B 404 -31.88 -25.46 -6.46
CA ARG B 404 -31.80 -25.06 -5.07
C ARG B 404 -31.87 -23.54 -4.90
N LYS B 405 -32.17 -22.80 -5.96
CA LYS B 405 -32.32 -21.34 -5.91
C LYS B 405 -33.50 -21.01 -6.82
N PHE B 406 -34.62 -20.68 -6.19
CA PHE B 406 -35.86 -20.39 -6.91
C PHE B 406 -36.06 -18.89 -7.08
N LYS B 407 -37.19 -18.51 -7.67
CA LYS B 407 -37.45 -17.15 -8.13
C LYS B 407 -38.85 -16.74 -7.68
N ASP B 408 -39.09 -16.84 -6.37
CA ASP B 408 -40.38 -16.67 -5.71
C ASP B 408 -41.26 -15.57 -6.28
N TRP B 409 -40.77 -14.35 -6.35
CA TRP B 409 -41.52 -13.24 -6.91
C TRP B 409 -40.59 -12.13 -7.34
N ALA B 410 -41.05 -11.36 -8.32
CA ALA B 410 -40.35 -10.18 -8.81
C ALA B 410 -41.36 -9.08 -9.09
N TYR B 411 -40.90 -7.84 -8.95
CA TYR B 411 -41.72 -6.69 -9.32
C TYR B 411 -40.82 -5.53 -9.70
N GLY B 412 -40.54 -5.38 -10.99
CA GLY B 412 -39.64 -4.36 -11.42
C GLY B 412 -38.25 -4.62 -10.88
N PRO B 413 -37.51 -3.58 -10.48
CA PRO B 413 -36.15 -3.82 -9.98
C PRO B 413 -36.12 -4.18 -8.51
N VAL B 414 -36.77 -5.28 -8.18
CA VAL B 414 -36.57 -5.96 -6.91
C VAL B 414 -36.97 -7.41 -7.16
N TYR B 415 -36.09 -8.33 -6.78
CA TYR B 415 -36.18 -9.73 -7.18
C TYR B 415 -35.97 -10.58 -5.95
N SER B 416 -37.03 -11.23 -5.49
CA SER B 416 -36.85 -12.18 -4.42
C SER B 416 -36.24 -13.47 -4.96
N SER B 417 -35.83 -14.32 -4.03
CA SER B 417 -35.15 -15.56 -4.35
C SER B 417 -35.15 -16.40 -3.09
N LEU B 418 -35.04 -17.71 -3.28
CA LEU B 418 -35.45 -18.66 -2.25
C LEU B 418 -34.52 -19.87 -2.31
N TYR B 419 -33.56 -19.91 -1.39
CA TYR B 419 -32.56 -20.97 -1.36
C TYR B 419 -33.03 -22.16 -0.56
N ASP B 420 -32.61 -23.35 -0.97
CA ASP B 420 -32.98 -24.59 -0.30
C ASP B 420 -31.99 -24.89 0.81
N LEU B 421 -32.53 -25.18 2.00
CA LEU B 421 -31.77 -25.51 3.19
C LEU B 421 -31.98 -26.97 3.61
N SER B 422 -32.19 -27.86 2.64
CA SER B 422 -32.46 -29.26 2.94
C SER B 422 -31.31 -29.91 3.69
N SER B 423 -30.07 -29.67 3.24
CA SER B 423 -28.91 -30.25 3.90
C SER B 423 -28.26 -29.26 4.86
N LEU B 424 -28.19 -27.99 4.45
CA LEU B 424 -27.53 -26.92 5.19
C LEU B 424 -27.96 -26.83 6.64
N ASP B 425 -29.28 -26.80 6.86
CA ASP B 425 -29.86 -26.66 8.19
C ASP B 425 -30.74 -27.89 8.42
N THR B 426 -30.25 -28.80 9.26
CA THR B 426 -31.01 -29.99 9.65
C THR B 426 -30.89 -30.10 11.16
N CYS B 427 -31.97 -29.79 11.86
CA CYS B 427 -31.91 -29.69 13.31
C CYS B 427 -31.81 -31.09 13.91
N GLY B 428 -30.57 -31.54 14.11
CA GLY B 428 -30.32 -32.82 14.73
C GLY B 428 -30.40 -34.02 13.80
N GLU B 429 -31.53 -34.17 13.12
CA GLU B 429 -31.88 -35.46 12.54
C GLU B 429 -31.39 -35.61 11.10
N GLU B 430 -30.11 -35.28 10.88
CA GLU B 430 -29.40 -35.50 9.62
C GLU B 430 -28.02 -34.84 9.77
N ALA B 431 -27.07 -35.24 8.93
CA ALA B 431 -25.81 -34.50 8.81
C ALA B 431 -26.01 -33.26 7.95
N SER B 432 -25.27 -32.21 8.28
CA SER B 432 -25.45 -30.91 7.65
C SER B 432 -24.12 -30.32 7.23
N VAL B 433 -24.16 -29.60 6.10
CA VAL B 433 -23.02 -28.89 5.55
C VAL B 433 -22.47 -27.90 6.56
N LEU B 434 -23.36 -27.23 7.29
CA LEU B 434 -22.95 -26.12 8.14
C LEU B 434 -22.19 -26.62 9.35
N GLU B 435 -22.58 -27.77 9.89
CA GLU B 435 -21.81 -28.41 10.93
C GLU B 435 -20.44 -28.80 10.41
N ILE B 436 -20.40 -29.30 9.17
CA ILE B 436 -19.14 -29.77 8.59
C ILE B 436 -18.18 -28.61 8.39
N LEU B 437 -18.63 -27.55 7.71
CA LEU B 437 -17.79 -26.38 7.50
C LEU B 437 -17.24 -25.82 8.79
N VAL B 438 -18.11 -25.47 9.72
CA VAL B 438 -17.71 -24.82 10.95
C VAL B 438 -16.81 -25.69 11.84
N TYR B 439 -16.85 -27.01 11.67
CA TYR B 439 -16.10 -27.94 12.52
C TYR B 439 -15.10 -28.76 11.74
N ASN B 440 -15.53 -29.45 10.68
CA ASN B 440 -14.75 -30.48 10.00
C ASN B 440 -14.55 -30.08 8.55
N SER B 441 -13.48 -29.33 8.29
CA SER B 441 -13.22 -28.87 6.93
C SER B 441 -11.81 -28.33 6.84
N LYS B 442 -11.51 -27.74 5.68
CA LYS B 442 -10.21 -27.13 5.47
C LYS B 442 -10.24 -25.69 5.97
N ILE B 443 -9.34 -25.39 6.89
CA ILE B 443 -9.35 -24.11 7.58
C ILE B 443 -8.83 -23.01 6.65
N GLU B 444 -8.15 -23.39 5.57
CA GLU B 444 -7.50 -22.45 4.67
C GLU B 444 -8.50 -21.58 3.90
N ASN B 445 -9.70 -22.09 3.64
CA ASN B 445 -10.72 -21.40 2.86
C ASN B 445 -12.10 -21.49 3.50
N ARG B 446 -12.15 -21.81 4.80
CA ARG B 446 -13.43 -21.99 5.47
C ARG B 446 -14.19 -20.66 5.58
N HIS B 447 -13.50 -19.54 5.44
CA HIS B 447 -14.15 -18.24 5.52
C HIS B 447 -14.87 -17.91 4.23
N GLU B 448 -14.34 -18.39 3.10
CA GLU B 448 -15.04 -18.24 1.83
C GLU B 448 -16.23 -19.18 1.71
N MET B 449 -16.24 -20.26 2.49
CA MET B 449 -17.36 -21.19 2.49
C MET B 449 -18.52 -20.64 3.29
N LEU B 450 -18.23 -19.96 4.39
CA LEU B 450 -19.25 -19.38 5.25
C LEU B 450 -19.62 -17.96 4.82
N ALA B 451 -19.25 -17.59 3.60
CA ALA B 451 -19.53 -16.26 3.08
C ALA B 451 -20.22 -16.37 1.74
N VAL B 452 -21.10 -17.35 1.60
CA VAL B 452 -21.89 -17.55 0.40
C VAL B 452 -23.35 -17.63 0.85
N GLU B 453 -24.20 -17.98 -0.08
CA GLU B 453 -25.50 -17.36 -0.24
C GLU B 453 -26.42 -17.38 0.99
N PRO B 454 -26.93 -18.51 1.52
CA PRO B 454 -27.62 -18.42 2.82
C PRO B 454 -26.71 -18.44 4.03
N ILE B 455 -25.48 -18.92 3.90
CA ILE B 455 -24.73 -19.37 5.07
C ILE B 455 -24.45 -18.20 5.99
N ASN B 456 -24.17 -17.03 5.41
CA ASN B 456 -23.90 -15.84 6.22
C ASN B 456 -25.18 -15.36 6.88
N GLU B 457 -26.28 -15.33 6.14
CA GLU B 457 -27.54 -14.83 6.67
C GLU B 457 -28.26 -15.89 7.48
N LEU B 458 -27.83 -17.15 7.37
CA LEU B 458 -28.46 -18.22 8.14
C LEU B 458 -27.87 -18.29 9.55
N LEU B 459 -26.61 -17.90 9.70
CA LEU B 459 -25.99 -17.84 11.01
C LEU B 459 -26.41 -16.57 11.73
N ARG B 460 -26.48 -15.46 11.00
CA ARG B 460 -26.92 -14.22 11.57
C ARG B 460 -28.34 -14.34 12.09
N ASP B 461 -29.16 -15.14 11.42
CA ASP B 461 -30.55 -15.34 11.86
C ASP B 461 -30.59 -16.13 13.16
N LYS B 462 -29.73 -17.15 13.28
CA LYS B 462 -29.63 -17.89 14.53
C LYS B 462 -29.11 -17.01 15.65
N TRP B 463 -28.23 -16.06 15.31
CA TRP B 463 -27.70 -15.14 16.31
C TRP B 463 -28.80 -14.27 16.89
N ARG B 464 -29.73 -13.83 16.05
CA ARG B 464 -30.88 -13.07 16.50
C ARG B 464 -31.73 -13.88 17.47
N LYS B 465 -32.23 -15.02 17.00
CA LYS B 465 -33.16 -15.85 17.76
C LYS B 465 -32.62 -16.27 19.12
N PHE B 466 -31.57 -17.09 19.12
CA PHE B 466 -31.03 -17.68 20.33
C PHE B 466 -29.54 -17.47 20.52
N GLY B 467 -28.80 -17.28 19.44
CA GLY B 467 -27.36 -17.28 19.52
C GLY B 467 -26.82 -16.15 20.36
N ALA B 468 -27.33 -14.94 20.11
CA ALA B 468 -26.89 -13.77 20.86
C ALA B 468 -27.26 -13.89 22.32
N VAL B 469 -28.52 -14.21 22.58
CA VAL B 469 -29.02 -14.27 23.95
C VAL B 469 -28.22 -15.28 24.76
N SER B 470 -28.25 -16.55 24.36
CA SER B 470 -27.64 -17.60 25.14
C SER B 470 -26.14 -17.37 25.34
N PHE B 471 -25.49 -16.70 24.41
CA PHE B 471 -24.08 -16.35 24.60
C PHE B 471 -23.91 -15.34 25.73
N TYR B 472 -24.82 -14.39 25.85
CA TYR B 472 -24.71 -13.38 26.89
C TYR B 472 -25.29 -13.83 28.22
N ILE B 473 -25.86 -15.03 28.30
CA ILE B 473 -26.05 -15.69 29.59
C ILE B 473 -24.78 -16.46 29.97
N ASN B 474 -24.11 -17.03 28.97
CA ASN B 474 -22.88 -17.76 29.24
C ASN B 474 -21.81 -16.84 29.81
N VAL B 475 -21.76 -15.60 29.34
CA VAL B 475 -20.70 -14.69 29.77
C VAL B 475 -20.91 -14.28 31.23
N VAL B 476 -22.10 -13.79 31.59
CA VAL B 476 -22.34 -13.35 32.96
C VAL B 476 -22.34 -14.52 33.92
N SER B 477 -22.81 -15.68 33.47
CA SER B 477 -22.66 -16.88 34.27
C SER B 477 -21.19 -17.16 34.55
N TYR B 478 -20.33 -16.87 33.58
CA TYR B 478 -18.91 -17.09 33.77
C TYR B 478 -18.27 -15.96 34.57
N LEU B 479 -18.61 -14.71 34.26
CA LEU B 479 -18.07 -13.59 35.02
C LEU B 479 -18.41 -13.69 36.49
N CYS B 480 -19.62 -14.15 36.80
CA CYS B 480 -20.03 -14.34 38.18
C CYS B 480 -19.25 -15.46 38.85
N ALA B 481 -19.13 -16.59 38.17
CA ALA B 481 -18.37 -17.72 38.70
C ALA B 481 -16.94 -17.33 39.04
N MET B 482 -16.41 -16.30 38.39
CA MET B 482 -15.07 -15.82 38.68
C MET B 482 -15.05 -14.72 39.73
N VAL B 483 -16.21 -14.09 39.98
CA VAL B 483 -16.38 -13.31 41.21
C VAL B 483 -16.38 -14.24 42.41
N ILE B 484 -17.15 -15.32 42.34
CA ILE B 484 -17.17 -16.29 43.44
C ILE B 484 -15.78 -16.88 43.65
N PHE B 485 -15.08 -17.20 42.57
CA PHE B 485 -13.74 -17.77 42.73
C PHE B 485 -12.75 -16.70 43.19
N THR B 486 -13.15 -15.43 43.12
CA THR B 486 -12.32 -14.35 43.64
C THR B 486 -12.58 -14.14 45.12
N LEU B 487 -13.84 -13.99 45.50
CA LEU B 487 -14.17 -13.68 46.89
C LEU B 487 -13.79 -14.82 47.81
N THR B 488 -13.88 -16.06 47.33
CA THR B 488 -13.46 -17.19 48.15
C THR B 488 -11.96 -17.21 48.35
N ALA B 489 -11.23 -16.52 47.47
CA ALA B 489 -9.77 -16.47 47.57
C ALA B 489 -9.31 -15.31 48.44
N TYR B 490 -10.04 -14.20 48.42
CA TYR B 490 -9.75 -13.06 49.29
C TYR B 490 -10.23 -13.27 50.72
N TYR B 491 -11.08 -14.27 50.95
CA TYR B 491 -11.51 -14.66 52.28
C TYR B 491 -11.08 -16.07 52.64
N GLN B 492 -10.30 -16.72 51.78
CA GLN B 492 -9.62 -17.94 52.19
C GLN B 492 -8.68 -17.62 53.35
N PRO B 493 -8.72 -18.34 54.48
CA PRO B 493 -7.74 -18.08 55.52
C PRO B 493 -6.33 -18.44 55.07
N LEU B 494 -5.34 -18.16 55.93
CA LEU B 494 -3.94 -18.33 55.58
C LEU B 494 -3.10 -18.91 56.71
N GLU B 495 -3.72 -19.34 57.81
CA GLU B 495 -3.00 -19.92 58.94
C GLU B 495 -3.52 -21.32 59.21
N GLY B 496 -2.59 -22.26 59.39
CA GLY B 496 -2.92 -23.62 59.76
C GLY B 496 -3.21 -24.54 58.60
N THR B 497 -2.88 -25.82 58.78
CA THR B 497 -3.22 -26.86 57.81
C THR B 497 -4.74 -26.96 57.80
N PRO B 498 -5.35 -27.71 56.87
CA PRO B 498 -6.45 -27.14 56.05
C PRO B 498 -7.31 -26.16 56.82
N PRO B 499 -7.42 -24.89 56.36
CA PRO B 499 -8.30 -23.96 57.08
C PRO B 499 -9.79 -24.27 56.94
N TYR B 500 -10.19 -25.44 57.44
CA TYR B 500 -11.59 -25.82 57.55
C TYR B 500 -12.42 -24.90 58.45
N PRO B 501 -11.97 -24.53 59.69
CA PRO B 501 -12.93 -24.38 60.80
C PRO B 501 -14.09 -23.42 60.52
N TYR B 502 -15.07 -23.89 59.75
CA TYR B 502 -16.07 -22.99 59.19
C TYR B 502 -16.99 -22.43 60.26
N ARG B 503 -17.95 -23.24 60.73
CA ARG B 503 -18.88 -22.98 61.83
C ARG B 503 -19.25 -21.50 61.97
N THR B 504 -19.58 -20.85 60.87
CA THR B 504 -19.80 -19.42 60.88
C THR B 504 -20.51 -19.04 59.59
N THR B 505 -21.35 -18.01 59.66
CA THR B 505 -22.13 -17.61 58.50
C THR B 505 -21.24 -17.13 57.36
N VAL B 506 -20.13 -16.47 57.69
CA VAL B 506 -19.16 -16.09 56.67
C VAL B 506 -18.52 -17.33 56.06
N ASP B 507 -17.98 -18.21 56.90
CA ASP B 507 -17.21 -19.33 56.39
C ASP B 507 -18.11 -20.37 55.71
N TYR B 508 -19.39 -20.43 56.06
CA TYR B 508 -20.35 -21.19 55.29
C TYR B 508 -20.68 -20.51 53.97
N LEU B 509 -20.64 -19.19 53.93
CA LEU B 509 -20.79 -18.48 52.65
C LEU B 509 -19.59 -18.72 51.77
N ARG B 510 -18.39 -18.71 52.35
CA ARG B 510 -17.20 -19.13 51.62
C ARG B 510 -17.33 -20.57 51.14
N LEU B 511 -18.04 -21.41 51.89
CA LEU B 511 -18.15 -22.82 51.52
C LEU B 511 -19.04 -22.99 50.30
N ALA B 512 -20.03 -22.10 50.15
CA ALA B 512 -20.79 -22.06 48.91
C ALA B 512 -19.89 -21.72 47.74
N GLY B 513 -18.87 -20.90 47.98
CA GLY B 513 -17.98 -20.46 46.95
C GLY B 513 -17.10 -21.56 46.39
N GLU B 514 -16.38 -22.26 47.27
CA GLU B 514 -15.49 -23.32 46.82
C GLU B 514 -16.25 -24.44 46.12
N VAL B 515 -17.50 -24.68 46.53
CA VAL B 515 -18.26 -25.79 45.96
C VAL B 515 -18.75 -25.42 44.57
N ILE B 516 -19.30 -24.23 44.41
CA ILE B 516 -19.66 -23.73 43.08
C ILE B 516 -18.44 -23.74 42.17
N THR B 517 -17.28 -23.37 42.71
CA THR B 517 -16.04 -23.40 41.94
C THR B 517 -15.76 -24.82 41.45
N LEU B 518 -15.70 -25.78 42.38
CA LEU B 518 -15.36 -27.14 42.02
C LEU B 518 -16.37 -27.73 41.04
N PHE B 519 -17.62 -27.27 41.10
CA PHE B 519 -18.62 -27.65 40.12
C PHE B 519 -18.21 -27.20 38.72
N THR B 520 -17.64 -26.00 38.60
CA THR B 520 -17.17 -25.55 37.30
C THR B 520 -15.97 -26.35 36.83
N GLY B 521 -15.06 -26.67 37.76
CA GLY B 521 -13.88 -27.41 37.38
C GLY B 521 -14.21 -28.80 36.88
N VAL B 522 -15.12 -29.49 37.57
CA VAL B 522 -15.52 -30.82 37.11
C VAL B 522 -16.34 -30.71 35.84
N LEU B 523 -17.07 -29.61 35.68
CA LEU B 523 -17.83 -29.38 34.45
C LEU B 523 -16.88 -29.22 33.27
N PHE B 524 -15.97 -28.26 33.35
CA PHE B 524 -15.04 -27.99 32.25
C PHE B 524 -14.14 -29.19 31.98
N PHE B 525 -13.95 -30.04 32.98
CA PHE B 525 -13.17 -31.25 32.77
C PHE B 525 -13.94 -32.24 31.90
N PHE B 526 -15.22 -32.47 32.23
CA PHE B 526 -15.99 -33.46 31.50
C PHE B 526 -16.37 -32.96 30.11
N THR B 527 -16.71 -31.69 29.98
CA THR B 527 -17.08 -31.15 28.68
C THR B 527 -15.93 -31.24 27.70
N ASN B 528 -14.69 -31.17 28.20
CA ASN B 528 -13.53 -31.29 27.33
C ASN B 528 -13.22 -32.75 27.02
N ILE B 529 -13.42 -33.64 28.00
CA ILE B 529 -13.24 -35.07 27.75
C ILE B 529 -14.45 -35.65 27.04
N LYS B 530 -15.62 -35.02 27.16
CA LYS B 530 -16.72 -35.33 26.26
C LYS B 530 -16.32 -35.00 24.84
N ASP B 531 -15.59 -33.90 24.67
CA ASP B 531 -15.09 -33.54 23.34
C ASP B 531 -13.99 -34.48 22.89
N LEU B 532 -13.39 -35.24 23.80
CA LEU B 532 -12.39 -36.22 23.39
C LEU B 532 -13.05 -37.35 22.62
N PHE B 533 -14.18 -37.87 23.13
CA PHE B 533 -15.00 -38.84 22.42
C PHE B 533 -15.97 -38.18 21.45
N MET B 534 -15.77 -36.90 21.17
CA MET B 534 -16.64 -36.07 20.35
C MET B 534 -15.68 -35.05 19.74
N LYS B 535 -16.09 -33.81 19.51
CA LYS B 535 -15.29 -32.90 18.71
C LYS B 535 -13.99 -32.48 19.41
N LYS B 536 -12.97 -33.34 19.34
CA LYS B 536 -11.59 -32.96 19.62
C LYS B 536 -10.71 -33.79 18.68
N CYS B 537 -9.39 -33.61 18.75
CA CYS B 537 -8.38 -34.23 17.90
C CYS B 537 -8.46 -33.76 16.45
N PRO B 538 -8.64 -32.45 16.21
CA PRO B 538 -7.80 -31.79 15.19
C PRO B 538 -6.49 -31.37 15.84
N GLY B 539 -5.71 -30.54 15.16
CA GLY B 539 -4.49 -30.02 15.76
C GLY B 539 -4.79 -28.92 16.75
N VAL B 540 -5.47 -29.26 17.83
CA VAL B 540 -5.94 -28.26 18.79
C VAL B 540 -4.85 -27.98 19.81
N ASN B 541 -3.88 -27.15 19.41
CA ASN B 541 -2.88 -26.62 20.35
C ASN B 541 -2.62 -25.13 20.12
N SER B 542 -2.84 -24.65 18.89
CA SER B 542 -2.53 -23.28 18.53
C SER B 542 -3.55 -22.65 17.59
N LEU B 543 -4.66 -23.32 17.31
CA LEU B 543 -5.72 -22.69 16.53
C LEU B 543 -6.23 -21.45 17.26
N PHE B 544 -6.58 -20.44 16.49
CA PHE B 544 -7.23 -19.24 17.01
C PHE B 544 -8.75 -19.36 16.97
N ILE B 545 -9.25 -20.59 16.89
CA ILE B 545 -10.66 -20.90 16.63
C ILE B 545 -11.11 -21.80 17.79
N ASP B 546 -10.70 -21.43 19.00
CA ASP B 546 -11.05 -22.10 20.27
C ASP B 546 -10.12 -23.27 20.56
N GLY B 547 -9.20 -23.59 19.66
CA GLY B 547 -8.22 -24.61 19.98
C GLY B 547 -7.36 -24.21 21.16
N SER B 548 -7.07 -22.91 21.30
CA SER B 548 -6.29 -22.43 22.42
C SER B 548 -7.03 -22.63 23.73
N PHE B 549 -8.30 -22.24 23.79
CA PHE B 549 -8.99 -22.17 25.07
C PHE B 549 -9.44 -23.53 25.57
N GLN B 550 -9.65 -24.50 24.67
CA GLN B 550 -9.95 -25.86 25.08
C GLN B 550 -8.90 -26.38 26.05
N LEU B 551 -7.65 -26.03 25.82
CA LEU B 551 -6.58 -26.40 26.74
C LEU B 551 -6.69 -25.64 28.05
N LEU B 552 -6.85 -24.33 27.98
CA LEU B 552 -6.75 -23.53 29.19
C LEU B 552 -7.95 -23.75 30.11
N TYR B 553 -9.12 -24.01 29.56
CA TYR B 553 -10.22 -24.45 30.40
C TYR B 553 -9.95 -25.83 30.97
N PHE B 554 -9.20 -26.66 30.25
CA PHE B 554 -8.81 -27.93 30.81
C PHE B 554 -7.78 -27.73 31.91
N ILE B 555 -6.81 -26.86 31.67
CA ILE B 555 -5.83 -26.52 32.70
C ILE B 555 -6.53 -25.93 33.92
N TYR B 556 -7.44 -24.98 33.70
CA TYR B 556 -8.26 -24.47 34.78
C TYR B 556 -9.01 -25.60 35.48
N SER B 557 -9.50 -26.57 34.73
CA SER B 557 -10.30 -27.63 35.31
C SER B 557 -9.44 -28.55 36.16
N VAL B 558 -8.31 -28.98 35.61
CA VAL B 558 -7.36 -29.79 36.36
C VAL B 558 -6.91 -29.04 37.61
N LEU B 559 -6.64 -27.74 37.46
CA LEU B 559 -5.88 -27.01 38.45
C LEU B 559 -6.74 -26.59 39.62
N VAL B 560 -8.07 -26.65 39.46
CA VAL B 560 -8.98 -26.50 40.58
C VAL B 560 -9.14 -27.84 41.29
N ILE B 561 -9.10 -28.94 40.54
CA ILE B 561 -9.24 -30.26 41.12
C ILE B 561 -8.06 -30.56 42.03
N VAL B 562 -6.85 -30.24 41.57
CA VAL B 562 -5.65 -30.49 42.36
C VAL B 562 -5.68 -29.68 43.66
N SER B 563 -6.08 -28.41 43.58
CA SER B 563 -6.20 -27.60 44.78
C SER B 563 -7.26 -28.16 45.72
N ALA B 564 -8.36 -28.64 45.15
CA ALA B 564 -9.39 -29.28 45.97
C ALA B 564 -8.85 -30.57 46.58
N ALA B 565 -7.89 -31.22 45.92
CA ALA B 565 -7.31 -32.44 46.45
C ALA B 565 -6.35 -32.15 47.59
N LEU B 566 -5.61 -31.04 47.50
CA LEU B 566 -4.59 -30.73 48.49
C LEU B 566 -5.17 -29.99 49.68
N TYR B 567 -6.26 -29.25 49.48
CA TYR B 567 -6.99 -28.66 50.59
C TYR B 567 -7.67 -29.72 51.45
N LEU B 568 -7.86 -30.92 50.90
CA LEU B 568 -8.40 -32.06 51.64
C LEU B 568 -7.32 -33.05 52.07
N ALA B 569 -6.20 -33.09 51.35
CA ALA B 569 -5.08 -33.95 51.71
C ALA B 569 -4.09 -33.26 52.65
N GLY B 570 -4.51 -32.18 53.32
CA GLY B 570 -3.66 -31.54 54.32
C GLY B 570 -2.68 -30.52 53.81
N ILE B 571 -2.17 -30.71 52.59
CA ILE B 571 -1.09 -29.89 52.06
C ILE B 571 -1.55 -28.44 51.95
N GLU B 572 -0.63 -27.52 52.24
CA GLU B 572 -0.95 -26.11 52.38
C GLU B 572 -0.76 -25.34 51.08
N ALA B 573 -0.25 -25.99 50.04
CA ALA B 573 -0.14 -25.39 48.71
C ALA B 573 -1.41 -25.51 47.90
N TYR B 574 -2.57 -25.70 48.54
CA TYR B 574 -3.85 -25.41 47.91
C TYR B 574 -3.87 -23.99 47.34
N LEU B 575 -3.17 -23.08 48.02
CA LEU B 575 -3.22 -21.67 47.68
C LEU B 575 -2.47 -21.37 46.38
N ALA B 576 -1.18 -21.72 46.35
CA ALA B 576 -0.35 -21.46 45.17
C ALA B 576 -0.97 -22.04 43.91
N VAL B 577 -1.52 -23.24 44.01
CA VAL B 577 -2.16 -23.87 42.86
C VAL B 577 -3.44 -23.14 42.50
N MET B 578 -4.12 -22.57 43.51
CA MET B 578 -5.34 -21.82 43.24
C MET B 578 -5.03 -20.51 42.52
N VAL B 579 -3.94 -19.86 42.90
CA VAL B 579 -3.63 -18.51 42.40
C VAL B 579 -3.44 -18.55 40.89
N PHE B 580 -2.75 -19.58 40.39
CA PHE B 580 -2.64 -19.76 38.95
C PHE B 580 -3.99 -19.95 38.31
N ALA B 581 -4.87 -20.72 38.96
CA ALA B 581 -6.18 -21.00 38.40
C ALA B 581 -7.00 -19.73 38.25
N LEU B 582 -6.81 -18.79 39.17
CA LEU B 582 -7.60 -17.57 39.16
C LEU B 582 -7.17 -16.65 38.03
N VAL B 583 -5.87 -16.36 37.91
CA VAL B 583 -5.38 -15.54 36.81
C VAL B 583 -5.66 -16.22 35.48
N LEU B 584 -5.54 -17.54 35.44
CA LEU B 584 -5.85 -18.26 34.21
C LEU B 584 -7.31 -18.13 33.87
N GLY B 585 -8.17 -18.03 34.88
CA GLY B 585 -9.59 -18.06 34.65
C GLY B 585 -10.14 -16.77 34.09
N TRP B 586 -9.68 -15.64 34.62
CA TRP B 586 -10.08 -14.36 34.04
C TRP B 586 -9.55 -14.21 32.63
N MET B 587 -8.35 -14.73 32.37
CA MET B 587 -7.80 -14.71 31.03
C MET B 587 -8.54 -15.65 30.09
N ASN B 588 -9.42 -16.49 30.61
CA ASN B 588 -10.34 -17.24 29.78
C ASN B 588 -11.62 -16.48 29.45
N ALA B 589 -11.85 -15.33 30.06
CA ALA B 589 -13.00 -14.52 29.69
C ALA B 589 -12.81 -13.84 28.35
N LEU B 590 -11.61 -13.89 27.78
CA LEU B 590 -11.37 -13.45 26.41
C LEU B 590 -12.02 -14.36 25.39
N TYR B 591 -12.36 -15.57 25.78
CA TYR B 591 -13.22 -16.40 24.94
C TYR B 591 -14.52 -15.68 24.64
N PHE B 592 -15.03 -14.92 25.59
CA PHE B 592 -16.34 -14.32 25.47
C PHE B 592 -16.30 -12.97 24.77
N THR B 593 -15.15 -12.58 24.23
CA THR B 593 -15.02 -11.50 23.27
C THR B 593 -15.38 -11.93 21.84
N ARG B 594 -15.85 -13.16 21.66
CA ARG B 594 -16.23 -13.67 20.36
C ARG B 594 -17.59 -13.19 19.91
N GLY B 595 -18.37 -12.60 20.80
CA GLY B 595 -19.67 -12.07 20.44
C GLY B 595 -19.63 -10.66 19.93
N LEU B 596 -18.42 -10.17 19.63
CA LEU B 596 -18.24 -8.86 19.03
C LEU B 596 -16.98 -8.85 18.19
N LYS B 597 -17.13 -8.41 16.94
CA LYS B 597 -15.96 -8.25 16.07
C LYS B 597 -14.95 -7.31 16.70
N LEU B 598 -15.44 -6.31 17.41
CA LEU B 598 -14.61 -5.32 18.07
C LEU B 598 -13.60 -5.96 19.00
N THR B 599 -14.10 -6.71 19.99
CA THR B 599 -13.23 -7.27 21.00
C THR B 599 -12.62 -8.60 20.55
N GLY B 600 -13.27 -9.30 19.62
CA GLY B 600 -12.83 -10.62 19.25
C GLY B 600 -11.67 -10.62 18.27
N THR B 601 -11.71 -9.72 17.30
CA THR B 601 -10.57 -9.49 16.43
C THR B 601 -9.35 -9.08 17.25
N TYR B 602 -9.56 -8.21 18.22
CA TYR B 602 -8.52 -7.78 19.14
C TYR B 602 -7.88 -8.96 19.86
N SER B 603 -8.69 -9.85 20.42
CA SER B 603 -8.15 -10.98 21.17
C SER B 603 -7.39 -11.95 20.26
N ILE B 604 -7.71 -11.96 18.98
CA ILE B 604 -6.96 -12.78 18.02
C ILE B 604 -5.58 -12.20 17.79
N MET B 605 -5.49 -10.88 17.67
CA MET B 605 -4.19 -10.26 17.42
C MET B 605 -3.28 -10.39 18.62
N ILE B 606 -3.86 -10.50 19.82
CA ILE B 606 -3.04 -10.75 21.02
C ILE B 606 -2.27 -12.03 20.87
N GLN B 607 -2.92 -13.08 20.39
CA GLN B 607 -2.34 -14.41 20.45
C GLN B 607 -1.37 -14.64 19.30
N LYS B 608 -1.67 -14.06 18.13
CA LYS B 608 -0.72 -14.10 17.03
C LYS B 608 0.57 -13.37 17.39
N ILE B 609 0.45 -12.16 17.90
CA ILE B 609 1.61 -11.40 18.36
C ILE B 609 2.35 -12.17 19.45
N LEU B 610 1.60 -12.88 20.29
CA LEU B 610 2.23 -13.74 21.28
C LEU B 610 3.03 -14.86 20.65
N PHE B 611 2.67 -15.28 19.45
CA PHE B 611 3.35 -16.36 18.76
C PHE B 611 4.37 -15.81 17.78
N LYS B 612 3.90 -15.01 16.83
CA LYS B 612 4.73 -14.60 15.70
C LYS B 612 5.75 -13.52 16.09
N ASP B 613 5.61 -12.90 17.27
CA ASP B 613 6.38 -11.70 17.56
C ASP B 613 7.06 -11.71 18.92
N LEU B 614 6.46 -12.37 19.92
CA LEU B 614 6.97 -12.24 21.29
C LEU B 614 7.93 -13.36 21.66
N PHE B 615 7.71 -14.58 21.18
CA PHE B 615 8.64 -15.65 21.51
C PHE B 615 9.98 -15.45 20.86
N ARG B 616 10.01 -15.08 19.59
CA ARG B 616 11.27 -14.79 18.93
C ARG B 616 12.00 -13.63 19.60
N PHE B 617 11.24 -12.77 20.27
CA PHE B 617 11.83 -11.68 21.03
C PHE B 617 12.44 -12.16 22.35
N LEU B 618 11.78 -13.11 23.02
CA LEU B 618 12.32 -13.62 24.30
C LEU B 618 13.49 -14.55 24.08
N LEU B 619 13.49 -15.28 22.96
CA LEU B 619 14.64 -16.09 22.60
C LEU B 619 15.90 -15.27 22.57
N VAL B 620 15.92 -14.22 21.75
CA VAL B 620 17.08 -13.34 21.69
C VAL B 620 17.30 -12.67 23.04
N TYR B 621 16.25 -12.13 23.64
CA TYR B 621 16.40 -11.32 24.85
C TYR B 621 17.04 -12.12 25.96
N LEU B 622 16.53 -13.32 26.18
CA LEU B 622 17.15 -14.25 27.11
C LEU B 622 18.61 -14.50 26.77
N LEU B 623 18.87 -14.74 25.48
CA LEU B 623 20.20 -15.08 25.01
C LEU B 623 21.21 -13.99 25.31
N PHE B 624 20.82 -12.74 25.09
CA PHE B 624 21.66 -11.63 25.55
C PHE B 624 21.82 -11.68 27.05
N MET B 625 20.72 -11.89 27.78
CA MET B 625 20.71 -11.66 29.22
C MET B 625 21.66 -12.60 29.96
N ILE B 626 21.63 -13.90 29.65
CA ILE B 626 22.63 -14.81 30.23
C ILE B 626 24.02 -14.40 29.80
N GLY B 627 24.14 -13.83 28.62
CA GLY B 627 25.45 -13.42 28.14
C GLY B 627 26.03 -12.32 28.99
N TYR B 628 25.29 -11.22 29.11
CA TYR B 628 25.76 -10.09 29.89
C TYR B 628 25.78 -10.39 31.38
N ALA B 629 24.74 -11.06 31.88
CA ALA B 629 24.61 -11.27 33.31
C ALA B 629 25.76 -12.10 33.86
N SER B 630 26.02 -13.24 33.24
CA SER B 630 27.22 -14.01 33.55
C SER B 630 28.47 -13.17 33.43
N ALA B 631 28.53 -12.38 32.37
CA ALA B 631 29.66 -11.47 32.14
C ALA B 631 29.79 -10.44 33.25
N LEU B 632 28.66 -10.04 33.85
CA LEU B 632 28.67 -9.01 34.88
C LEU B 632 28.78 -9.59 36.28
N VAL B 633 28.31 -10.81 36.50
CA VAL B 633 28.52 -11.46 37.79
C VAL B 633 30.00 -11.73 37.99
N SER B 634 30.70 -12.04 36.90
CA SER B 634 32.11 -12.37 36.93
C SER B 634 32.96 -11.24 37.49
N LEU B 635 32.44 -10.03 37.47
CA LEU B 635 33.18 -8.84 37.89
C LEU B 635 32.76 -8.36 39.27
N LEU B 636 32.35 -9.27 40.15
CA LEU B 636 32.02 -8.93 41.54
C LEU B 636 32.79 -9.85 42.48
N ASN B 637 33.33 -9.28 43.55
CA ASN B 637 34.18 -10.00 44.48
C ASN B 637 33.36 -10.89 45.41
N PRO B 638 33.74 -12.16 45.66
CA PRO B 638 32.95 -13.02 46.54
C PRO B 638 32.82 -12.51 47.98
N CYS B 639 31.95 -13.13 48.78
CA CYS B 639 31.94 -12.99 50.22
C CYS B 639 32.85 -13.99 50.91
N ALA B 640 33.86 -14.50 50.20
CA ALA B 640 35.03 -15.15 50.76
C ALA B 640 36.14 -14.14 51.03
N ASN B 641 35.76 -12.92 51.40
CA ASN B 641 36.67 -11.81 51.63
C ASN B 641 37.66 -12.13 52.73
N VAL B 654 31.40 -6.57 55.10
CA VAL B 654 31.91 -7.66 54.26
C VAL B 654 30.88 -8.77 53.97
N PRO B 655 29.80 -8.95 54.80
CA PRO B 655 28.63 -9.69 54.30
C PRO B 655 27.62 -8.78 53.62
N THR B 656 27.84 -8.41 52.37
CA THR B 656 26.97 -7.47 51.65
C THR B 656 26.47 -8.14 50.38
N TYR B 657 25.28 -7.72 49.93
CA TYR B 657 24.99 -7.84 48.51
C TYR B 657 25.45 -6.62 47.71
N PRO B 658 25.13 -5.37 48.12
CA PRO B 658 25.45 -4.24 47.24
C PRO B 658 26.94 -3.93 47.11
N SER B 659 27.81 -4.70 47.78
CA SER B 659 29.24 -4.64 47.52
C SER B 659 29.79 -6.02 47.13
N CYS B 660 29.43 -7.05 47.89
CA CYS B 660 29.88 -8.41 47.66
C CYS B 660 28.89 -9.22 46.83
N ARG B 661 29.25 -10.46 46.48
CA ARG B 661 28.35 -11.36 45.74
C ARG B 661 28.41 -12.75 46.36
N ASP B 662 27.23 -13.31 46.68
CA ASP B 662 27.16 -14.68 47.15
C ASP B 662 25.75 -15.25 47.02
N SER B 663 25.61 -16.26 46.15
CA SER B 663 24.58 -17.31 46.22
C SER B 663 23.21 -16.79 45.78
N GLU B 664 23.02 -15.51 45.49
CA GLU B 664 21.77 -15.03 44.91
C GLU B 664 22.03 -13.91 43.91
N THR B 665 23.29 -13.76 43.52
CA THR B 665 23.69 -12.55 42.79
C THR B 665 23.39 -12.70 41.31
N PHE B 666 23.55 -13.91 40.78
CA PHE B 666 23.03 -14.20 39.45
C PHE B 666 21.56 -13.88 39.38
N SER B 667 20.75 -14.53 40.23
CA SER B 667 19.29 -14.50 40.11
C SER B 667 18.74 -13.08 40.13
N THR B 668 19.20 -12.25 41.06
CA THR B 668 18.65 -10.90 41.15
C THR B 668 19.02 -10.05 39.95
N PHE B 669 20.24 -10.21 39.42
CA PHE B 669 20.62 -9.51 38.19
C PHE B 669 19.64 -9.81 37.06
N LEU B 670 19.17 -11.04 36.95
CA LEU B 670 18.20 -11.37 35.92
C LEU B 670 16.94 -10.55 36.07
N LEU B 671 16.60 -10.19 37.30
CA LEU B 671 15.44 -9.33 37.54
C LEU B 671 15.79 -7.87 37.30
N ASP B 672 16.95 -7.43 37.79
CA ASP B 672 17.39 -6.07 37.54
C ASP B 672 17.62 -5.82 36.06
N LEU B 673 18.33 -6.72 35.38
CA LEU B 673 18.49 -6.62 33.94
C LEU B 673 17.18 -6.84 33.20
N PHE B 674 16.15 -7.36 33.87
CA PHE B 674 14.82 -7.38 33.28
C PHE B 674 14.11 -6.05 33.47
N LYS B 675 14.04 -5.57 34.72
CA LYS B 675 13.56 -4.23 35.00
C LYS B 675 14.24 -3.17 34.15
N LEU B 676 15.52 -3.37 33.86
CA LEU B 676 16.32 -2.35 33.18
C LEU B 676 15.90 -2.18 31.72
N THR B 677 15.74 -3.28 31.00
CA THR B 677 15.24 -3.21 29.63
C THR B 677 13.79 -2.80 29.55
N ILE B 678 12.99 -3.09 30.58
CA ILE B 678 11.59 -2.70 30.55
C ILE B 678 11.43 -1.19 30.77
N GLY B 679 12.48 -0.48 31.09
CA GLY B 679 12.39 0.92 31.43
C GLY B 679 11.84 1.14 32.81
N MET B 680 12.11 0.23 33.73
CA MET B 680 11.41 0.13 35.01
C MET B 680 12.38 0.08 36.18
N GLY B 681 13.65 -0.23 35.92
CA GLY B 681 14.68 -0.18 36.93
C GLY B 681 15.76 0.80 36.52
N ASP B 682 16.53 1.20 37.51
CA ASP B 682 17.59 2.20 37.35
C ASP B 682 18.93 1.48 37.36
N LEU B 683 19.91 2.03 36.65
CA LEU B 683 21.26 1.46 36.67
C LEU B 683 21.77 1.38 38.09
N GLU B 684 22.00 2.54 38.71
CA GLU B 684 22.46 2.62 40.08
C GLU B 684 23.71 1.77 40.25
N MET B 685 24.80 2.17 39.56
CA MET B 685 26.00 1.37 39.40
C MET B 685 26.48 0.75 40.70
N LEU B 686 26.62 -0.57 40.69
CA LEU B 686 27.12 -1.30 41.84
C LEU B 686 28.48 -0.78 42.28
N SER B 687 29.43 -0.71 41.35
CA SER B 687 30.69 0.01 41.52
C SER B 687 31.69 -0.68 42.43
N SER B 688 31.29 -1.77 43.09
CA SER B 688 32.16 -2.52 44.00
C SER B 688 32.76 -3.71 43.25
N THR B 689 33.59 -3.38 42.26
CA THR B 689 34.08 -4.36 41.30
C THR B 689 35.55 -4.15 41.04
N LYS B 690 36.24 -5.24 40.71
CA LYS B 690 37.64 -5.21 40.35
C LYS B 690 37.88 -4.25 39.18
N TYR B 691 36.97 -4.26 38.22
CA TYR B 691 37.05 -3.45 37.00
C TYR B 691 35.74 -2.70 36.87
N PRO B 692 35.67 -1.43 37.31
CA PRO B 692 34.36 -0.75 37.31
C PRO B 692 33.98 -0.16 35.96
N VAL B 693 34.95 0.15 35.11
CA VAL B 693 34.65 0.90 33.91
C VAL B 693 34.26 -0.05 32.78
N VAL B 694 34.79 -1.27 32.78
CA VAL B 694 34.29 -2.29 31.87
C VAL B 694 32.83 -2.62 32.20
N PHE B 695 32.51 -2.58 33.49
CA PHE B 695 31.16 -2.91 33.95
C PHE B 695 30.14 -1.94 33.37
N ILE B 696 30.43 -0.65 33.43
CA ILE B 696 29.50 0.37 32.96
C ILE B 696 29.40 0.34 31.44
N ILE B 697 30.49 0.02 30.75
CA ILE B 697 30.46 -0.05 29.30
C ILE B 697 29.52 -1.16 28.84
N LEU B 698 29.36 -2.20 29.66
CA LEU B 698 28.54 -3.34 29.27
C LEU B 698 27.05 -3.06 29.47
N LEU B 699 26.69 -2.49 30.62
CA LEU B 699 25.29 -2.16 30.87
C LEU B 699 24.75 -1.20 29.83
N VAL B 700 25.58 -0.28 29.35
CA VAL B 700 25.13 0.67 28.34
C VAL B 700 24.87 -0.05 27.02
N THR B 701 25.71 -1.03 26.71
CA THR B 701 25.49 -1.84 25.52
C THR B 701 24.26 -2.75 25.69
N TYR B 702 23.85 -2.97 26.94
CA TYR B 702 22.68 -3.80 27.21
C TYR B 702 21.43 -2.96 26.99
N ILE B 703 21.47 -1.69 27.40
CA ILE B 703 20.34 -0.79 27.22
C ILE B 703 20.15 -0.55 25.73
N ILE B 704 21.24 -0.16 25.05
CA ILE B 704 21.18 0.19 23.63
C ILE B 704 20.63 -0.98 22.83
N LEU B 705 21.11 -2.18 23.11
CA LEU B 705 20.71 -3.34 22.33
C LEU B 705 19.33 -3.83 22.74
N THR B 706 19.06 -3.89 24.04
CA THR B 706 17.83 -4.50 24.52
C THR B 706 16.66 -3.55 24.62
N PHE B 707 16.85 -2.30 25.06
CA PHE B 707 15.77 -1.33 25.12
C PHE B 707 15.68 -0.52 23.83
N VAL B 708 16.73 0.20 23.47
CA VAL B 708 16.69 1.16 22.37
C VAL B 708 16.45 0.46 21.05
N LEU B 709 16.87 -0.80 20.95
CA LEU B 709 16.93 -1.49 19.67
C LEU B 709 16.02 -2.70 19.59
N LEU B 710 15.95 -3.54 20.63
CA LEU B 710 15.11 -4.72 20.55
C LEU B 710 13.66 -4.44 20.93
N LEU B 711 13.44 -3.74 22.03
CA LEU B 711 12.08 -3.51 22.49
C LEU B 711 11.35 -2.48 21.64
N ASN B 712 12.07 -1.55 21.01
CA ASN B 712 11.42 -0.61 20.11
C ASN B 712 11.29 -1.17 18.70
N MET B 713 12.13 -2.13 18.35
CA MET B 713 11.89 -2.96 17.18
C MET B 713 10.68 -3.85 17.39
N LEU B 714 10.39 -4.20 18.63
CA LEU B 714 9.28 -5.07 18.93
C LEU B 714 7.97 -4.37 18.67
N ILE B 715 7.90 -3.09 19.01
CA ILE B 715 6.77 -2.26 18.65
C ILE B 715 6.61 -2.23 17.13
N ALA B 716 7.71 -2.03 16.43
CA ALA B 716 7.70 -2.00 14.97
C ALA B 716 7.16 -3.29 14.37
N LEU B 717 7.59 -4.43 14.91
CA LEU B 717 7.16 -5.71 14.36
C LEU B 717 5.67 -5.93 14.57
N MET B 718 5.17 -5.60 15.76
CA MET B 718 3.74 -5.63 16.00
C MET B 718 2.98 -4.84 14.94
N GLY B 719 3.47 -3.65 14.60
CA GLY B 719 2.82 -2.84 13.58
C GLY B 719 2.76 -3.54 12.24
N GLU B 720 3.75 -4.37 11.95
CA GLU B 720 3.73 -5.19 10.74
C GLU B 720 2.79 -6.36 10.91
N THR B 721 2.74 -6.92 12.12
CA THR B 721 1.80 -7.99 12.39
C THR B 721 0.37 -7.50 12.24
N VAL B 722 -0.03 -6.50 13.03
CA VAL B 722 -1.43 -6.07 13.06
C VAL B 722 -1.88 -5.59 11.69
N GLY B 723 -0.96 -5.10 10.88
CA GLY B 723 -1.30 -4.70 9.54
C GLY B 723 -1.53 -5.89 8.63
N GLN B 724 -0.78 -6.97 8.86
CA GLN B 724 -0.90 -8.17 8.06
C GLN B 724 -2.09 -9.03 8.49
N VAL B 725 -2.32 -9.17 9.79
CA VAL B 725 -3.27 -10.12 10.32
C VAL B 725 -4.60 -9.49 10.68
N SER B 726 -4.82 -8.22 10.33
CA SER B 726 -6.11 -7.60 10.61
C SER B 726 -7.22 -8.31 9.84
N LYS B 727 -7.12 -8.31 8.52
CA LYS B 727 -8.12 -9.00 7.69
C LYS B 727 -8.21 -10.48 8.05
N GLU B 728 -7.07 -11.14 8.20
CA GLU B 728 -7.05 -12.54 8.61
C GLU B 728 -7.71 -12.74 9.97
N SER B 729 -7.73 -11.71 10.81
CA SER B 729 -8.36 -11.83 12.12
C SER B 729 -9.85 -11.55 12.03
N LYS B 730 -10.27 -10.77 11.04
CA LYS B 730 -11.69 -10.63 10.76
C LYS B 730 -12.29 -11.94 10.33
N HIS B 731 -11.53 -12.73 9.57
CA HIS B 731 -12.04 -13.96 8.98
C HIS B 731 -12.07 -15.08 10.01
N ILE B 732 -11.08 -15.13 10.89
CA ILE B 732 -11.09 -16.09 11.98
C ILE B 732 -12.30 -15.87 12.86
N TRP B 733 -12.54 -14.61 13.26
CA TRP B 733 -13.67 -14.29 14.12
C TRP B 733 -14.98 -14.81 13.54
N LYS B 734 -15.12 -14.77 12.22
CA LYS B 734 -16.34 -15.29 11.60
C LYS B 734 -16.45 -16.79 11.79
N LEU B 735 -15.30 -17.47 11.87
CA LEU B 735 -15.28 -18.88 12.22
C LEU B 735 -15.54 -19.06 13.71
N GLN B 736 -14.93 -18.21 14.53
CA GLN B 736 -15.23 -18.21 15.96
C GLN B 736 -16.71 -18.02 16.23
N TRP B 737 -17.25 -16.95 15.68
CA TRP B 737 -18.64 -16.59 15.88
C TRP B 737 -19.59 -17.69 15.46
N ALA B 738 -19.34 -18.28 14.28
CA ALA B 738 -20.19 -19.36 13.80
C ALA B 738 -20.08 -20.58 14.68
N THR B 739 -18.86 -20.92 15.11
CA THR B 739 -18.66 -22.03 16.03
C THR B 739 -19.40 -21.80 17.33
N THR B 740 -19.46 -20.54 17.78
CA THR B 740 -20.18 -20.21 19.00
C THR B 740 -21.67 -20.51 18.85
N ILE B 741 -22.23 -20.18 17.70
CA ILE B 741 -23.66 -20.34 17.47
C ILE B 741 -24.03 -21.81 17.51
N LEU B 742 -23.25 -22.64 16.83
CA LEU B 742 -23.59 -24.05 16.71
C LEU B 742 -23.28 -24.82 17.99
N ASP B 743 -22.29 -24.38 18.75
CA ASP B 743 -22.05 -24.99 20.05
C ASP B 743 -23.25 -24.78 20.97
N ILE B 744 -23.92 -23.63 20.81
CA ILE B 744 -25.14 -23.37 21.55
C ILE B 744 -26.27 -24.24 21.03
N GLU B 745 -26.47 -24.22 19.72
CA GLU B 745 -27.53 -24.95 19.06
C GLU B 745 -27.46 -26.44 19.35
N ARG B 746 -26.29 -27.04 19.19
CA ARG B 746 -26.10 -28.45 19.48
C ARG B 746 -26.42 -28.77 20.93
N SER B 747 -26.23 -27.81 21.82
CA SER B 747 -26.50 -28.01 23.23
C SER B 747 -27.99 -27.98 23.57
N PHE B 748 -28.86 -27.79 22.58
CA PHE B 748 -30.29 -27.78 22.77
C PHE B 748 -30.88 -29.16 22.46
N PRO B 749 -32.04 -29.50 23.01
CA PRO B 749 -32.77 -30.64 22.48
C PRO B 749 -33.31 -30.34 21.09
N VAL B 750 -33.74 -31.40 20.41
CA VAL B 750 -34.08 -31.29 19.01
C VAL B 750 -35.35 -30.49 18.80
N PHE B 751 -36.37 -30.71 19.64
CA PHE B 751 -37.64 -30.00 19.47
C PHE B 751 -37.44 -28.50 19.62
N LEU B 752 -36.49 -28.08 20.45
CA LEU B 752 -36.21 -26.67 20.62
C LEU B 752 -35.48 -26.12 19.40
N ARG B 753 -34.60 -26.94 18.81
CA ARG B 753 -33.93 -26.53 17.59
C ARG B 753 -34.90 -26.40 16.44
N LYS B 754 -35.95 -27.22 16.42
CA LYS B 754 -36.95 -27.12 15.37
C LYS B 754 -37.87 -25.92 15.61
N ALA B 755 -38.06 -25.52 16.85
CA ALA B 755 -38.80 -24.31 17.14
C ALA B 755 -38.06 -23.09 16.62
N PHE B 756 -36.75 -23.05 16.82
CA PHE B 756 -35.90 -22.02 16.26
C PHE B 756 -35.46 -22.31 14.83
N ARG B 757 -36.10 -23.26 14.15
CA ARG B 757 -35.72 -23.61 12.79
C ARG B 757 -35.78 -22.38 11.90
N SER B 758 -34.71 -22.14 11.16
CA SER B 758 -34.53 -20.94 10.38
C SER B 758 -34.95 -21.20 8.94
N GLY B 759 -35.72 -20.29 8.38
CA GLY B 759 -36.33 -20.45 7.08
C GLY B 759 -37.80 -20.69 7.21
N GLU B 760 -38.45 -20.81 6.05
CA GLU B 760 -39.89 -21.00 5.98
C GLU B 760 -40.20 -22.14 5.03
N MET B 761 -41.21 -22.93 5.38
CA MET B 761 -41.65 -24.00 4.50
C MET B 761 -42.33 -23.42 3.27
N VAL B 762 -42.06 -24.03 2.12
CA VAL B 762 -42.55 -23.53 0.85
C VAL B 762 -42.88 -24.70 -0.08
N THR B 763 -43.97 -24.57 -0.83
CA THR B 763 -44.22 -25.41 -1.99
C THR B 763 -43.51 -24.80 -3.18
N VAL B 764 -42.27 -25.20 -3.41
CA VAL B 764 -41.51 -24.62 -4.52
C VAL B 764 -42.04 -25.12 -5.86
N GLY B 765 -42.52 -26.35 -5.90
CA GLY B 765 -43.07 -26.87 -7.14
C GLY B 765 -43.73 -28.21 -6.91
N LYS B 766 -44.11 -28.83 -8.01
CA LYS B 766 -44.80 -30.10 -8.01
C LYS B 766 -43.84 -31.23 -8.36
N SER B 767 -44.05 -32.39 -7.72
CA SER B 767 -43.15 -33.53 -7.81
C SER B 767 -44.00 -34.80 -7.88
N SER B 768 -43.40 -35.96 -7.57
CA SER B 768 -43.93 -37.30 -7.87
C SER B 768 -45.42 -37.45 -7.70
N ASP B 769 -46.09 -37.83 -8.80
CA ASP B 769 -47.54 -37.93 -8.87
C ASP B 769 -48.21 -36.64 -8.37
N GLY B 770 -47.62 -35.49 -8.68
CA GLY B 770 -48.18 -34.21 -8.29
C GLY B 770 -47.91 -33.83 -6.85
N THR B 771 -47.21 -34.69 -6.10
CA THR B 771 -46.82 -34.39 -4.73
C THR B 771 -45.97 -33.12 -4.72
N PRO B 772 -46.28 -32.11 -3.89
CA PRO B 772 -45.44 -30.90 -3.91
C PRO B 772 -44.07 -31.12 -3.27
N ASP B 773 -43.18 -30.13 -3.44
CA ASP B 773 -41.89 -30.09 -2.78
C ASP B 773 -42.00 -29.25 -1.51
N ARG B 774 -41.99 -29.91 -0.36
CA ARG B 774 -42.06 -29.22 0.92
C ARG B 774 -40.66 -28.96 1.44
N ARG B 775 -39.98 -28.01 0.82
CA ARG B 775 -38.59 -27.70 1.13
C ARG B 775 -38.53 -26.45 1.99
N TRP B 776 -37.94 -26.58 3.18
CA TRP B 776 -37.60 -25.40 3.94
C TRP B 776 -36.63 -24.55 3.13
N CYS B 777 -36.85 -23.25 3.17
CA CYS B 777 -36.06 -22.34 2.35
C CYS B 777 -35.90 -21.02 3.07
N PHE B 778 -35.05 -20.17 2.50
CA PHE B 778 -34.56 -18.95 3.13
C PHE B 778 -34.62 -17.84 2.11
N ARG B 779 -35.54 -16.89 2.30
CA ARG B 779 -35.71 -15.84 1.32
C ARG B 779 -34.59 -14.82 1.40
N VAL B 780 -34.16 -14.34 0.23
CA VAL B 780 -33.15 -13.30 0.14
C VAL B 780 -33.58 -12.32 -0.95
N ASP B 781 -34.20 -11.23 -0.54
CA ASP B 781 -34.61 -10.20 -1.48
C ASP B 781 -33.39 -9.47 -2.05
N GLU B 782 -33.51 -9.05 -3.29
CA GLU B 782 -32.38 -8.53 -4.05
C GLU B 782 -32.90 -7.52 -5.07
N VAL B 783 -31.99 -6.63 -5.48
CA VAL B 783 -32.32 -5.58 -6.44
C VAL B 783 -31.19 -5.50 -7.45
N ASN B 784 -31.54 -5.47 -8.73
CA ASN B 784 -30.64 -5.05 -9.80
C ASN B 784 -31.44 -4.20 -10.77
N TRP B 785 -30.98 -2.96 -10.98
CA TRP B 785 -31.58 -2.09 -11.97
C TRP B 785 -30.89 -2.29 -13.32
N SER B 786 -30.65 -3.54 -13.73
CA SER B 786 -29.97 -3.81 -14.98
C SER B 786 -30.62 -4.87 -15.86
N HIS B 787 -31.07 -6.00 -15.28
CA HIS B 787 -31.53 -7.12 -16.10
C HIS B 787 -33.05 -7.13 -16.19
N TRP B 788 -33.58 -6.11 -16.86
CA TRP B 788 -35.02 -5.99 -17.11
C TRP B 788 -35.57 -7.20 -17.87
N VAL C 148 -72.22 -21.94 -14.39
CA VAL C 148 -71.31 -22.47 -15.45
C VAL C 148 -69.89 -21.96 -15.17
N PHE C 149 -69.79 -20.68 -14.78
CA PHE C 149 -68.52 -20.04 -14.49
C PHE C 149 -68.55 -19.49 -13.07
N ASN C 150 -67.90 -20.20 -12.16
CA ASN C 150 -67.78 -19.80 -10.77
C ASN C 150 -66.51 -18.95 -10.63
N ARG C 151 -66.19 -18.56 -9.39
CA ARG C 151 -64.97 -17.80 -9.17
C ARG C 151 -63.75 -18.65 -9.56
N PRO C 152 -63.49 -19.83 -8.96
CA PRO C 152 -62.25 -20.55 -9.33
C PRO C 152 -62.18 -20.96 -10.80
N ILE C 153 -63.32 -21.05 -11.48
CA ILE C 153 -63.36 -21.52 -12.87
C ILE C 153 -62.61 -20.54 -13.75
N LEU C 154 -63.01 -19.26 -13.70
CA LEU C 154 -62.46 -18.29 -14.63
C LEU C 154 -60.98 -18.04 -14.38
N PHE C 155 -60.59 -17.86 -13.11
CA PHE C 155 -59.21 -17.51 -12.79
C PHE C 155 -58.24 -18.59 -13.27
N ASP C 156 -58.72 -19.83 -13.40
CA ASP C 156 -57.96 -20.86 -14.10
C ASP C 156 -57.86 -20.54 -15.59
N ILE C 157 -59.01 -20.33 -16.23
CA ILE C 157 -59.12 -20.20 -17.68
C ILE C 157 -58.25 -19.05 -18.16
N VAL C 158 -58.37 -17.89 -17.51
CA VAL C 158 -57.57 -16.74 -17.90
C VAL C 158 -56.10 -16.95 -17.54
N SER C 159 -55.84 -17.60 -16.41
CA SER C 159 -54.46 -17.94 -16.06
C SER C 159 -53.85 -18.90 -17.07
N ARG C 160 -54.66 -19.77 -17.67
CA ARG C 160 -54.22 -20.63 -18.75
C ARG C 160 -54.04 -19.88 -20.06
N GLY C 161 -54.69 -18.73 -20.21
CA GLY C 161 -54.47 -17.86 -21.35
C GLY C 161 -54.78 -18.52 -22.68
N SER C 162 -56.04 -18.87 -22.90
CA SER C 162 -56.49 -19.55 -24.11
C SER C 162 -57.96 -19.19 -24.31
N THR C 163 -58.21 -18.39 -25.35
CA THR C 163 -59.50 -17.73 -25.54
C THR C 163 -60.48 -18.59 -26.32
N ALA C 164 -60.67 -19.84 -25.88
CA ALA C 164 -61.65 -20.74 -26.48
C ALA C 164 -62.58 -21.30 -25.40
N ASP C 165 -62.01 -21.61 -24.23
CA ASP C 165 -62.80 -22.18 -23.15
C ASP C 165 -63.66 -21.13 -22.48
N LEU C 166 -63.26 -19.86 -22.55
CA LEU C 166 -64.01 -18.77 -21.96
C LEU C 166 -65.24 -18.39 -22.77
N ASP C 167 -65.24 -18.64 -24.08
CA ASP C 167 -66.32 -18.20 -24.93
C ASP C 167 -67.63 -18.86 -24.54
N GLY C 168 -68.66 -18.04 -24.34
CA GLY C 168 -69.95 -18.48 -23.86
C GLY C 168 -70.29 -17.89 -22.52
N LEU C 169 -69.27 -17.46 -21.76
CA LEU C 169 -69.54 -16.72 -20.53
C LEU C 169 -70.18 -15.38 -20.83
N LEU C 170 -70.00 -14.86 -22.05
CA LEU C 170 -70.63 -13.60 -22.44
C LEU C 170 -72.16 -13.77 -22.37
N PRO C 171 -72.83 -14.59 -23.20
CA PRO C 171 -74.29 -14.66 -23.04
C PRO C 171 -74.75 -15.21 -21.70
N PHE C 172 -73.95 -16.06 -21.06
CA PHE C 172 -74.34 -16.61 -19.76
C PHE C 172 -74.49 -15.51 -18.74
N LEU C 173 -73.51 -14.61 -18.68
CA LEU C 173 -73.50 -13.57 -17.66
C LEU C 173 -74.59 -12.53 -17.92
N LEU C 174 -74.86 -12.22 -19.18
CA LEU C 174 -75.88 -11.23 -19.54
C LEU C 174 -77.26 -11.64 -19.05
N THR C 175 -77.52 -12.95 -18.94
CA THR C 175 -78.86 -13.42 -18.58
C THR C 175 -79.10 -13.38 -17.08
N HIS C 176 -78.12 -13.81 -16.29
CA HIS C 176 -78.30 -13.99 -14.85
C HIS C 176 -78.14 -12.68 -14.07
N LYS C 177 -78.12 -11.54 -14.78
CA LYS C 177 -78.05 -10.23 -14.14
C LYS C 177 -76.81 -10.09 -13.28
N LYS C 178 -75.63 -10.14 -13.92
CA LYS C 178 -74.36 -10.02 -13.22
C LYS C 178 -73.48 -9.03 -13.96
N ARG C 179 -72.38 -8.65 -13.30
CA ARG C 179 -71.28 -7.90 -13.90
C ARG C 179 -70.02 -8.48 -13.29
N LEU C 180 -68.96 -8.62 -14.09
CA LEU C 180 -67.75 -9.35 -13.70
C LEU C 180 -67.20 -8.87 -12.35
N THR C 181 -67.31 -7.57 -12.10
CA THR C 181 -66.85 -6.96 -10.86
C THR C 181 -67.57 -7.43 -9.61
N ASP C 182 -68.70 -8.12 -9.75
CA ASP C 182 -69.54 -8.52 -8.63
C ASP C 182 -68.77 -9.31 -7.57
N GLU C 183 -69.13 -9.11 -6.31
CA GLU C 183 -68.36 -9.55 -5.15
C GLU C 183 -68.06 -11.04 -5.16
N GLU C 184 -69.06 -11.87 -5.47
CA GLU C 184 -68.91 -13.31 -5.36
C GLU C 184 -68.39 -13.92 -6.65
N PHE C 185 -67.64 -13.13 -7.43
CA PHE C 185 -66.90 -13.63 -8.59
C PHE C 185 -65.43 -13.23 -8.50
N ARG C 186 -65.10 -12.25 -7.66
CA ARG C 186 -63.74 -11.79 -7.46
C ARG C 186 -63.21 -12.33 -6.14
N GLU C 187 -61.87 -12.39 -6.02
CA GLU C 187 -61.22 -13.04 -4.89
C GLU C 187 -61.60 -12.35 -3.57
N PRO C 188 -61.69 -13.08 -2.45
CA PRO C 188 -62.13 -12.44 -1.20
C PRO C 188 -61.02 -11.67 -0.49
N SER C 189 -59.78 -12.12 -0.64
CA SER C 189 -58.69 -11.53 0.14
C SER C 189 -58.21 -10.22 -0.46
N THR C 190 -57.71 -10.27 -1.69
CA THR C 190 -57.18 -9.09 -2.33
C THR C 190 -58.29 -8.20 -2.88
N GLY C 191 -59.06 -8.76 -3.80
CA GLY C 191 -60.02 -8.01 -4.59
C GLY C 191 -59.76 -8.18 -6.07
N LYS C 192 -58.98 -9.20 -6.42
CA LYS C 192 -58.54 -9.39 -7.79
C LYS C 192 -59.69 -9.91 -8.66
N THR C 193 -59.66 -9.49 -9.91
CA THR C 193 -60.65 -9.88 -10.90
C THR C 193 -59.91 -10.58 -12.04
N CYS C 194 -60.64 -10.86 -13.12
CA CYS C 194 -60.07 -11.58 -14.26
C CYS C 194 -58.90 -10.82 -14.87
N LEU C 195 -59.05 -9.52 -15.04
CA LEU C 195 -58.13 -8.76 -15.88
C LEU C 195 -56.71 -8.70 -15.31
N PRO C 196 -56.52 -8.50 -13.99
CA PRO C 196 -55.16 -8.64 -13.45
C PRO C 196 -54.58 -10.01 -13.70
N LYS C 197 -55.34 -11.06 -13.36
CA LYS C 197 -54.87 -12.44 -13.47
C LYS C 197 -54.41 -12.76 -14.88
N ALA C 198 -55.03 -12.12 -15.87
CA ALA C 198 -54.58 -12.26 -17.26
C ALA C 198 -53.19 -11.66 -17.41
N LEU C 199 -53.00 -10.47 -16.85
CA LEU C 199 -51.78 -9.72 -17.05
C LEU C 199 -50.62 -10.26 -16.21
N LEU C 200 -50.91 -10.68 -14.98
CA LEU C 200 -49.88 -11.27 -14.13
C LEU C 200 -49.33 -12.53 -14.77
N ASN C 201 -50.22 -13.39 -15.29
CA ASN C 201 -49.82 -14.64 -15.91
C ASN C 201 -49.63 -14.46 -17.42
N LEU C 202 -49.31 -13.25 -17.85
CA LEU C 202 -48.97 -12.99 -19.24
C LEU C 202 -47.74 -13.81 -19.62
N SER C 203 -47.67 -14.24 -20.88
CA SER C 203 -46.54 -15.04 -21.34
C SER C 203 -46.20 -14.64 -22.77
N ASN C 204 -44.91 -14.45 -23.00
CA ASN C 204 -44.34 -14.23 -24.33
C ASN C 204 -44.64 -12.83 -24.85
N GLY C 205 -45.24 -11.97 -24.02
CA GLY C 205 -45.48 -10.59 -24.39
C GLY C 205 -46.91 -10.27 -24.76
N ARG C 206 -47.74 -11.29 -24.94
CA ARG C 206 -49.13 -11.09 -25.36
C ARG C 206 -49.99 -12.20 -24.75
N ASN C 207 -51.29 -11.95 -24.74
CA ASN C 207 -52.29 -12.93 -24.31
C ASN C 207 -53.64 -12.43 -24.83
N ASP C 208 -54.30 -13.22 -25.67
CA ASP C 208 -55.48 -12.75 -26.38
C ASP C 208 -56.78 -12.92 -25.59
N THR C 209 -56.72 -13.38 -24.34
CA THR C 209 -57.90 -13.36 -23.50
C THR C 209 -58.38 -11.94 -23.25
N ILE C 210 -57.46 -11.00 -23.10
CA ILE C 210 -57.76 -9.67 -22.56
C ILE C 210 -58.67 -8.90 -23.50
N PRO C 211 -58.41 -8.82 -24.82
CA PRO C 211 -59.36 -8.10 -25.69
C PRO C 211 -60.77 -8.67 -25.67
N VAL C 212 -60.92 -9.94 -25.31
CA VAL C 212 -62.25 -10.54 -25.28
C VAL C 212 -62.93 -10.23 -23.94
N LEU C 213 -62.20 -10.40 -22.83
CA LEU C 213 -62.75 -10.01 -21.54
C LEU C 213 -63.08 -8.51 -21.51
N LEU C 214 -62.31 -7.70 -22.25
CA LEU C 214 -62.66 -6.30 -22.39
C LEU C 214 -63.80 -6.12 -23.38
N ASP C 215 -63.84 -6.93 -24.44
CA ASP C 215 -64.99 -6.92 -25.33
C ASP C 215 -66.26 -7.31 -24.58
N ILE C 216 -66.12 -8.22 -23.63
CA ILE C 216 -67.25 -8.64 -22.79
C ILE C 216 -67.58 -7.56 -21.77
N ALA C 217 -66.61 -6.69 -21.46
CA ALA C 217 -66.80 -5.67 -20.43
C ALA C 217 -67.85 -4.65 -20.85
N GLU C 218 -67.75 -4.12 -22.08
CA GLU C 218 -68.71 -3.11 -22.50
C GLU C 218 -70.10 -3.71 -22.64
N ARG C 219 -70.16 -5.01 -22.94
CA ARG C 219 -71.45 -5.69 -23.01
C ARG C 219 -72.12 -5.68 -21.65
N THR C 220 -71.35 -5.86 -20.57
CA THR C 220 -71.84 -5.64 -19.23
C THR C 220 -71.87 -4.17 -18.84
N GLY C 221 -71.07 -3.33 -19.51
CA GLY C 221 -71.06 -1.91 -19.24
C GLY C 221 -70.33 -1.58 -17.96
N ASN C 222 -69.06 -1.99 -17.89
CA ASN C 222 -68.28 -1.82 -16.67
C ASN C 222 -66.83 -1.40 -16.97
N MET C 223 -66.48 -1.13 -18.23
CA MET C 223 -65.13 -0.70 -18.63
C MET C 223 -64.53 0.32 -17.68
N ARG C 224 -65.31 1.33 -17.32
CA ARG C 224 -64.91 2.31 -16.33
C ARG C 224 -64.60 1.60 -15.01
N GLU C 225 -65.53 0.74 -14.58
CA GLU C 225 -65.35 0.00 -13.34
C GLU C 225 -64.49 -1.25 -13.54
N PHE C 226 -64.22 -1.64 -14.79
CA PHE C 226 -63.56 -2.90 -15.07
C PHE C 226 -62.05 -2.73 -15.15
N ILE C 227 -61.56 -1.75 -15.92
CA ILE C 227 -60.17 -1.33 -15.76
C ILE C 227 -60.21 -0.23 -14.71
N ASN C 228 -60.49 -0.61 -13.48
CA ASN C 228 -60.37 0.22 -12.30
C ASN C 228 -60.66 -0.69 -11.13
N SER C 229 -59.76 -0.78 -10.18
CA SER C 229 -60.08 -1.59 -9.00
C SER C 229 -59.09 -1.34 -7.88
N PRO C 230 -59.56 -1.02 -6.66
CA PRO C 230 -58.68 -1.09 -5.49
C PRO C 230 -58.55 -2.48 -4.94
N PHE C 231 -57.54 -3.25 -5.34
CA PHE C 231 -57.13 -4.36 -4.50
C PHE C 231 -57.08 -3.83 -3.08
N ARG C 232 -57.99 -4.26 -2.22
CA ARG C 232 -58.04 -3.68 -0.88
C ARG C 232 -57.14 -4.46 0.08
N ASP C 233 -56.21 -5.24 -0.47
CA ASP C 233 -55.17 -5.85 0.34
C ASP C 233 -54.33 -4.77 0.96
N ILE C 234 -53.92 -4.97 2.21
CA ILE C 234 -53.08 -4.01 2.91
C ILE C 234 -51.63 -4.11 2.44
N TYR C 235 -51.36 -5.00 1.45
CA TYR C 235 -50.14 -4.94 0.69
C TYR C 235 -50.34 -4.41 -0.72
N TYR C 236 -51.57 -4.14 -1.16
CA TYR C 236 -51.82 -3.69 -2.54
C TYR C 236 -52.90 -2.63 -2.63
N ARG C 237 -53.00 -1.73 -1.65
CA ARG C 237 -54.09 -0.76 -1.62
C ARG C 237 -53.99 0.24 -2.76
N GLY C 238 -54.39 -0.19 -3.96
CA GLY C 238 -54.67 0.72 -5.05
C GLY C 238 -54.26 0.22 -6.41
N GLN C 239 -53.56 -0.92 -6.46
CA GLN C 239 -53.05 -1.43 -7.71
C GLN C 239 -54.16 -1.72 -8.69
N THR C 240 -53.96 -1.33 -9.94
CA THR C 240 -54.92 -1.51 -11.02
C THR C 240 -54.27 -2.33 -12.12
N ALA C 241 -55.03 -2.55 -13.18
CA ALA C 241 -54.50 -3.26 -14.34
C ALA C 241 -53.46 -2.43 -15.08
N LEU C 242 -53.50 -1.10 -14.93
CA LEU C 242 -52.53 -0.26 -15.62
C LEU C 242 -51.19 -0.28 -14.89
N HIS C 243 -51.22 -0.30 -13.56
CA HIS C 243 -50.00 -0.49 -12.78
C HIS C 243 -49.33 -1.81 -13.17
N ILE C 244 -50.15 -2.81 -13.47
CA ILE C 244 -49.63 -4.12 -13.87
C ILE C 244 -49.15 -4.07 -15.31
N ALA C 245 -49.87 -3.35 -16.17
CA ALA C 245 -49.56 -3.32 -17.59
C ALA C 245 -48.18 -2.74 -17.85
N ILE C 246 -47.72 -1.86 -16.97
CA ILE C 246 -46.50 -1.11 -17.19
C ILE C 246 -45.31 -1.86 -16.63
N GLU C 247 -45.44 -2.36 -15.39
CA GLU C 247 -44.34 -3.07 -14.76
C GLU C 247 -44.00 -4.36 -15.48
N ARG C 248 -44.93 -4.93 -16.24
CA ARG C 248 -44.64 -6.08 -17.09
C ARG C 248 -43.98 -5.70 -18.40
N ARG C 249 -43.68 -4.41 -18.62
CA ARG C 249 -43.09 -3.93 -19.85
C ARG C 249 -43.97 -4.28 -21.06
N CYS C 250 -45.28 -4.21 -20.86
CA CYS C 250 -46.25 -4.60 -21.87
C CYS C 250 -46.83 -3.35 -22.52
N LYS C 251 -46.12 -2.85 -23.52
CA LYS C 251 -46.53 -1.62 -24.21
C LYS C 251 -47.90 -1.77 -24.85
N HIS C 252 -48.15 -2.91 -25.45
CA HIS C 252 -49.30 -3.11 -26.33
C HIS C 252 -50.60 -2.90 -25.58
N TYR C 253 -50.65 -3.37 -24.34
CA TYR C 253 -51.85 -3.22 -23.53
C TYR C 253 -51.90 -1.90 -22.79
N VAL C 254 -50.76 -1.27 -22.50
CA VAL C 254 -50.78 0.03 -21.85
C VAL C 254 -51.42 1.02 -22.82
N GLU C 255 -51.12 0.87 -24.10
CA GLU C 255 -51.85 1.63 -25.12
C GLU C 255 -53.34 1.25 -25.08
N LEU C 256 -53.64 -0.03 -24.89
CA LEU C 256 -55.03 -0.48 -24.80
C LEU C 256 -55.74 0.15 -23.60
N LEU C 257 -55.28 -0.20 -22.39
CA LEU C 257 -56.07 0.04 -21.17
C LEU C 257 -56.44 1.50 -21.00
N VAL C 258 -55.57 2.41 -21.43
CA VAL C 258 -55.89 3.83 -21.35
C VAL C 258 -56.90 4.21 -22.43
N ALA C 259 -56.89 3.50 -23.55
CA ALA C 259 -57.74 3.84 -24.69
C ALA C 259 -59.22 3.71 -24.35
N GLN C 260 -59.57 2.72 -23.54
CA GLN C 260 -60.94 2.57 -23.06
C GLN C 260 -61.22 3.45 -21.84
N GLY C 261 -60.34 4.41 -21.56
CA GLY C 261 -60.62 5.42 -20.57
C GLY C 261 -60.66 4.88 -19.16
N ALA C 262 -59.53 4.37 -18.67
CA ALA C 262 -59.54 3.67 -17.39
C ALA C 262 -59.15 4.56 -16.22
N ASP C 263 -57.88 4.93 -16.16
CA ASP C 263 -57.32 5.83 -15.16
C ASP C 263 -55.84 5.97 -15.47
N VAL C 264 -55.21 7.09 -15.10
CA VAL C 264 -53.76 7.18 -15.11
C VAL C 264 -53.28 7.89 -13.85
N HIS C 265 -54.09 7.83 -12.78
CA HIS C 265 -53.82 8.59 -11.57
C HIS C 265 -54.09 7.77 -10.30
N ALA C 266 -54.33 6.47 -10.45
CA ALA C 266 -54.66 5.64 -9.30
C ALA C 266 -53.49 5.54 -8.35
N GLN C 267 -53.75 5.85 -7.08
CA GLN C 267 -52.72 5.89 -6.04
C GLN C 267 -52.50 4.47 -5.53
N ALA C 268 -51.44 3.83 -6.00
CA ALA C 268 -51.04 2.53 -5.48
C ALA C 268 -50.40 2.66 -4.10
N ARG C 269 -51.23 2.81 -3.09
CA ARG C 269 -50.81 3.16 -1.74
C ARG C 269 -50.53 1.96 -0.83
N GLY C 270 -50.48 0.75 -1.38
CA GLY C 270 -50.32 -0.42 -0.54
C GLY C 270 -48.95 -0.48 0.09
N ARG C 271 -48.88 -1.12 1.26
CA ARG C 271 -47.66 -1.23 2.05
C ARG C 271 -46.49 -1.78 1.23
N PHE C 272 -46.79 -2.66 0.27
CA PHE C 272 -45.79 -3.07 -0.70
C PHE C 272 -45.29 -1.84 -1.44
N PHE C 273 -46.23 -0.97 -1.81
CA PHE C 273 -45.96 0.21 -2.61
C PHE C 273 -45.66 1.42 -1.73
N GLN C 274 -44.74 1.21 -0.79
CA GLN C 274 -44.29 2.27 0.10
C GLN C 274 -42.76 2.22 0.12
N PRO C 275 -42.11 3.24 0.64
CA PRO C 275 -40.65 3.17 0.75
C PRO C 275 -40.19 2.04 1.66
N LYS C 276 -38.94 1.61 1.47
CA LYS C 276 -38.39 0.46 2.16
C LYS C 276 -38.24 0.68 3.67
N ASP C 277 -38.38 1.92 4.13
CA ASP C 277 -38.32 2.23 5.55
C ASP C 277 -39.69 2.25 6.22
N GLU C 278 -40.78 2.30 5.45
CA GLU C 278 -42.11 2.08 5.97
C GLU C 278 -42.43 0.59 6.13
N GLY C 279 -41.51 -0.29 5.75
CA GLY C 279 -41.80 -1.69 5.63
C GLY C 279 -42.43 -1.99 4.29
N GLY C 280 -41.68 -1.72 3.23
CA GLY C 280 -42.15 -1.92 1.87
C GLY C 280 -40.99 -2.35 1.01
N TYR C 281 -41.25 -2.45 -0.29
CA TYR C 281 -40.28 -2.98 -1.24
C TYR C 281 -39.94 -2.00 -2.35
N PHE C 282 -40.93 -1.33 -2.94
CA PHE C 282 -40.72 -0.53 -4.15
C PHE C 282 -41.62 0.68 -4.15
N TYR C 283 -41.07 1.84 -3.76
CA TYR C 283 -41.70 3.14 -3.97
C TYR C 283 -41.27 3.65 -5.34
N PHE C 284 -42.22 4.22 -6.07
CA PHE C 284 -41.98 4.76 -7.40
C PHE C 284 -42.72 6.07 -7.61
N GLY C 285 -43.20 6.67 -6.52
CA GLY C 285 -44.34 7.56 -6.59
C GLY C 285 -45.50 6.69 -6.19
N GLU C 286 -46.70 6.96 -6.72
CA GLU C 286 -47.81 6.05 -6.52
C GLU C 286 -48.68 5.97 -7.77
N LEU C 287 -48.12 6.35 -8.92
CA LEU C 287 -48.91 6.65 -10.10
C LEU C 287 -48.35 5.90 -11.30
N PRO C 288 -49.15 5.62 -12.33
CA PRO C 288 -48.62 4.92 -13.50
C PRO C 288 -47.53 5.68 -14.23
N LEU C 289 -47.65 7.00 -14.34
CA LEU C 289 -46.59 7.78 -14.99
C LEU C 289 -45.33 7.76 -14.14
N SER C 290 -45.48 7.85 -12.83
CA SER C 290 -44.33 7.82 -11.95
C SER C 290 -43.67 6.44 -11.97
N LEU C 291 -44.45 5.40 -12.31
CA LEU C 291 -43.90 4.06 -12.41
C LEU C 291 -43.09 3.91 -13.69
N ALA C 292 -43.69 4.26 -14.83
CA ALA C 292 -43.06 4.06 -16.12
C ALA C 292 -41.71 4.76 -16.20
N ALA C 293 -41.59 5.90 -15.54
CA ALA C 293 -40.30 6.55 -15.38
C ALA C 293 -39.39 5.74 -14.48
N CYS C 294 -39.85 5.45 -13.26
CA CYS C 294 -39.01 4.78 -12.28
C CYS C 294 -38.69 3.34 -12.63
N THR C 295 -39.33 2.78 -13.67
CA THR C 295 -39.09 1.40 -14.10
C THR C 295 -38.36 1.31 -15.44
N ASN C 296 -37.74 2.40 -15.89
CA ASN C 296 -36.93 2.41 -17.10
C ASN C 296 -37.74 2.00 -18.33
N GLN C 297 -38.81 2.76 -18.59
CA GLN C 297 -39.67 2.56 -19.76
C GLN C 297 -39.93 3.90 -20.42
N PRO C 298 -38.98 4.41 -21.21
CA PRO C 298 -39.21 5.71 -21.87
C PRO C 298 -40.41 5.74 -22.80
N HIS C 299 -40.70 4.61 -23.45
CA HIS C 299 -41.72 4.57 -24.48
C HIS C 299 -43.11 4.80 -23.88
N ILE C 300 -43.37 4.15 -22.75
CA ILE C 300 -44.62 4.35 -22.04
C ILE C 300 -44.78 5.81 -21.64
N VAL C 301 -43.70 6.38 -21.10
CA VAL C 301 -43.73 7.69 -20.47
C VAL C 301 -44.04 8.74 -21.53
N ASN C 302 -43.41 8.61 -22.70
CA ASN C 302 -43.74 9.45 -23.84
C ASN C 302 -45.21 9.29 -24.19
N TYR C 303 -45.65 8.05 -24.35
CA TYR C 303 -47.03 7.77 -24.77
C TYR C 303 -48.04 8.33 -23.78
N LEU C 304 -47.90 8.01 -22.49
CA LEU C 304 -48.87 8.37 -21.46
C LEU C 304 -49.15 9.87 -21.44
N THR C 305 -48.17 10.66 -21.85
CA THR C 305 -48.35 12.11 -21.93
C THR C 305 -49.07 12.50 -23.22
N GLU C 306 -48.45 12.24 -24.38
CA GLU C 306 -49.07 12.56 -25.66
C GLU C 306 -49.78 11.31 -26.20
N ASN C 307 -50.75 10.85 -25.40
CA ASN C 307 -51.74 9.86 -25.84
C ASN C 307 -53.04 10.63 -26.06
N PRO C 308 -53.91 10.18 -27.00
CA PRO C 308 -55.13 10.95 -27.28
C PRO C 308 -56.14 11.00 -26.14
N HIS C 309 -56.59 9.84 -25.65
CA HIS C 309 -57.81 9.76 -24.85
C HIS C 309 -57.73 10.55 -23.55
N LYS C 310 -56.89 10.11 -22.63
CA LYS C 310 -56.58 10.80 -21.40
C LYS C 310 -55.07 10.93 -21.32
N LYS C 311 -54.57 11.77 -20.42
CA LYS C 311 -53.13 11.87 -20.22
C LYS C 311 -52.84 12.28 -18.79
N ALA C 312 -51.86 11.63 -18.18
CA ALA C 312 -51.40 12.06 -16.87
C ALA C 312 -50.50 13.27 -17.02
N ASP C 313 -50.93 14.38 -16.42
CA ASP C 313 -50.06 15.54 -16.35
C ASP C 313 -48.84 15.19 -15.52
N MET C 314 -47.72 15.85 -15.85
CA MET C 314 -46.47 15.62 -15.15
C MET C 314 -46.41 16.36 -13.82
N ARG C 315 -47.52 17.00 -13.42
CA ARG C 315 -47.61 17.73 -12.18
C ARG C 315 -48.17 16.93 -11.02
N ARG C 316 -48.82 15.80 -11.28
CA ARG C 316 -49.66 15.21 -10.25
C ARG C 316 -48.82 14.73 -9.09
N GLN C 317 -49.31 15.00 -7.89
CA GLN C 317 -48.64 14.63 -6.65
C GLN C 317 -49.27 13.35 -6.12
N ASP C 318 -48.44 12.44 -5.63
CA ASP C 318 -48.94 11.29 -4.91
C ASP C 318 -49.40 11.69 -3.52
N SER C 319 -49.64 10.72 -2.65
CA SER C 319 -50.15 10.97 -1.32
C SER C 319 -49.08 11.47 -0.34
N ARG C 320 -47.89 11.79 -0.85
CA ARG C 320 -46.87 12.51 -0.09
C ARG C 320 -46.52 13.87 -0.67
N GLY C 321 -47.18 14.31 -1.75
CA GLY C 321 -46.78 15.49 -2.46
C GLY C 321 -45.81 15.20 -3.58
N ASN C 322 -45.20 14.01 -3.59
CA ASN C 322 -44.10 13.74 -4.49
C ASN C 322 -44.59 13.49 -5.90
N THR C 323 -44.08 14.29 -6.83
CA THR C 323 -44.32 14.10 -8.24
C THR C 323 -43.32 13.09 -8.79
N VAL C 324 -43.29 12.97 -10.12
CA VAL C 324 -42.41 11.99 -10.76
C VAL C 324 -40.95 12.27 -10.45
N LEU C 325 -40.53 13.53 -10.41
CA LEU C 325 -39.12 13.82 -10.18
C LEU C 325 -38.74 13.56 -8.73
N HIS C 326 -39.63 13.90 -7.81
CA HIS C 326 -39.47 13.50 -6.41
C HIS C 326 -39.26 12.00 -6.29
N ALA C 327 -39.94 11.22 -7.13
CA ALA C 327 -39.90 9.78 -7.05
C ALA C 327 -38.67 9.19 -7.69
N LEU C 328 -38.14 9.81 -8.74
CA LEU C 328 -36.87 9.39 -9.30
C LEU C 328 -35.71 9.60 -8.33
N VAL C 329 -35.83 10.56 -7.42
CA VAL C 329 -34.85 10.74 -6.37
C VAL C 329 -35.00 9.69 -5.30
N ALA C 330 -36.17 9.07 -5.18
CA ALA C 330 -36.41 8.06 -4.16
C ALA C 330 -35.90 6.68 -4.55
N ILE C 331 -35.64 6.45 -5.83
CA ILE C 331 -35.27 5.14 -6.36
C ILE C 331 -33.83 5.15 -6.87
N ALA C 332 -33.24 6.32 -6.99
CA ALA C 332 -31.87 6.45 -7.46
C ALA C 332 -30.94 6.03 -6.33
N ASP C 333 -30.27 4.89 -6.51
CA ASP C 333 -29.05 4.64 -5.79
C ASP C 333 -27.89 5.21 -6.58
N ASN C 334 -26.77 5.37 -5.90
CA ASN C 334 -25.59 5.97 -6.50
C ASN C 334 -24.71 4.95 -7.19
N THR C 335 -25.32 4.16 -8.07
CA THR C 335 -24.63 3.19 -8.91
C THR C 335 -24.59 3.73 -10.33
N ARG C 336 -23.75 3.13 -11.15
CA ARG C 336 -23.61 3.56 -12.55
C ARG C 336 -24.93 3.40 -13.29
N GLU C 337 -25.48 2.20 -13.27
CA GLU C 337 -26.66 1.89 -14.08
C GLU C 337 -27.89 2.66 -13.60
N ASN C 338 -28.04 2.82 -12.28
CA ASN C 338 -29.18 3.54 -11.74
C ASN C 338 -29.08 5.03 -12.06
N THR C 339 -27.94 5.63 -11.76
CA THR C 339 -27.78 7.08 -11.97
C THR C 339 -27.85 7.43 -13.45
N LYS C 340 -27.56 6.46 -14.32
CA LYS C 340 -27.69 6.70 -15.76
C LYS C 340 -29.13 7.03 -16.14
N PHE C 341 -30.05 6.07 -15.99
CA PHE C 341 -31.38 6.27 -16.56
C PHE C 341 -32.27 7.14 -15.68
N VAL C 342 -31.79 7.51 -14.49
CA VAL C 342 -32.51 8.49 -13.70
C VAL C 342 -32.33 9.88 -14.28
N THR C 343 -31.08 10.21 -14.62
CA THR C 343 -30.78 11.55 -15.11
C THR C 343 -31.40 11.79 -16.49
N LYS C 344 -31.47 10.75 -17.31
CA LYS C 344 -32.05 10.86 -18.63
C LYS C 344 -33.51 11.28 -18.53
N MET C 345 -34.30 10.49 -17.80
CA MET C 345 -35.73 10.75 -17.70
C MET C 345 -36.02 12.00 -16.88
N TYR C 346 -35.23 12.24 -15.85
CA TYR C 346 -35.35 13.48 -15.09
C TYR C 346 -35.30 14.67 -16.04
N ASP C 347 -34.27 14.72 -16.88
CA ASP C 347 -34.18 15.74 -17.91
C ASP C 347 -35.40 15.70 -18.82
N LEU C 348 -35.63 14.56 -19.47
CA LEU C 348 -36.71 14.31 -20.42
C LEU C 348 -38.03 14.92 -19.99
N LEU C 349 -38.53 14.52 -18.83
CA LEU C 349 -39.77 15.08 -18.32
C LEU C 349 -39.64 16.56 -18.03
N LEU C 350 -38.49 16.98 -17.51
CA LEU C 350 -38.31 18.38 -17.13
C LEU C 350 -38.25 19.26 -18.38
N LEU C 351 -37.49 18.82 -19.39
CA LEU C 351 -37.50 19.52 -20.67
C LEU C 351 -38.84 19.41 -21.35
N LYS C 352 -39.51 18.26 -21.22
CA LYS C 352 -40.81 18.06 -21.84
C LYS C 352 -41.89 18.92 -21.19
N CYS C 353 -41.85 19.04 -19.85
CA CYS C 353 -42.85 19.83 -19.15
C CYS C 353 -42.60 21.31 -19.31
N ALA C 354 -41.51 21.70 -19.96
CA ALA C 354 -41.30 23.10 -20.31
C ALA C 354 -42.11 23.46 -21.55
N ARG C 355 -42.16 22.54 -22.52
CA ARG C 355 -42.98 22.69 -23.71
C ARG C 355 -44.43 22.94 -23.31
N LEU C 356 -45.02 21.97 -22.60
CA LEU C 356 -46.33 22.16 -21.99
C LEU C 356 -46.22 23.12 -20.84
N PHE C 357 -47.38 23.67 -20.39
CA PHE C 357 -47.49 24.50 -19.20
C PHE C 357 -46.34 25.49 -19.03
N PRO C 358 -46.07 26.37 -20.00
CA PRO C 358 -44.83 27.18 -19.94
C PRO C 358 -44.84 28.17 -18.78
N ASP C 359 -44.77 27.62 -17.57
CA ASP C 359 -45.02 28.29 -16.31
C ASP C 359 -44.09 27.63 -15.28
N SER C 360 -44.43 27.72 -13.98
CA SER C 360 -43.66 27.14 -12.87
C SER C 360 -43.00 25.80 -13.18
N ASN C 361 -41.69 25.72 -12.92
CA ASN C 361 -40.94 24.51 -13.23
C ASN C 361 -41.38 23.38 -12.33
N LEU C 362 -41.46 22.18 -12.91
CA LEU C 362 -41.95 21.03 -12.17
C LEU C 362 -40.95 20.65 -11.08
N GLU C 363 -39.68 21.01 -11.27
CA GLU C 363 -38.66 20.86 -10.24
C GLU C 363 -38.88 21.79 -9.06
N ALA C 364 -39.73 22.80 -9.19
CA ALA C 364 -40.06 23.69 -8.09
C ALA C 364 -41.23 23.21 -7.26
N VAL C 365 -41.91 22.14 -7.69
CA VAL C 365 -43.09 21.66 -6.99
C VAL C 365 -42.67 21.05 -5.66
N LEU C 366 -42.93 21.77 -4.59
CA LEU C 366 -42.64 21.27 -3.26
C LEU C 366 -43.60 20.13 -2.93
N ASN C 367 -43.11 19.16 -2.16
CA ASN C 367 -43.93 18.06 -1.68
C ASN C 367 -44.49 18.42 -0.30
N ASN C 368 -45.08 17.46 0.40
CA ASN C 368 -45.76 17.73 1.66
C ASN C 368 -44.82 17.74 2.86
N ASP C 369 -43.52 17.87 2.62
CA ASP C 369 -42.61 18.40 3.61
C ASP C 369 -41.67 19.43 3.01
N GLY C 370 -42.07 20.11 1.93
CA GLY C 370 -41.29 21.13 1.28
C GLY C 370 -40.32 20.60 0.25
N LEU C 371 -39.53 19.61 0.63
CA LEU C 371 -38.27 19.32 -0.04
C LEU C 371 -38.45 19.00 -1.51
N SER C 372 -37.96 19.91 -2.36
CA SER C 372 -37.93 19.79 -3.79
C SER C 372 -37.05 18.60 -4.20
N PRO C 373 -37.01 18.21 -5.47
CA PRO C 373 -36.20 17.04 -5.85
C PRO C 373 -34.72 17.20 -5.57
N LEU C 374 -34.20 18.43 -5.64
CA LEU C 374 -32.81 18.67 -5.27
C LEU C 374 -32.64 18.61 -3.76
N MET C 375 -33.47 19.34 -3.01
CA MET C 375 -33.47 19.25 -1.56
C MET C 375 -33.73 17.84 -1.09
N MET C 376 -34.49 17.07 -1.85
CA MET C 376 -34.85 15.71 -1.45
C MET C 376 -33.69 14.76 -1.70
N ALA C 377 -32.89 15.03 -2.74
CA ALA C 377 -31.67 14.29 -2.96
C ALA C 377 -30.59 14.63 -1.94
N ALA C 378 -30.48 15.89 -1.58
CA ALA C 378 -29.50 16.31 -0.59
C ALA C 378 -29.76 15.68 0.76
N LYS C 379 -31.01 15.50 1.14
CA LYS C 379 -31.35 14.87 2.40
C LYS C 379 -31.19 13.37 2.36
N THR C 380 -31.27 12.78 1.17
CA THR C 380 -31.20 11.33 0.98
C THR C 380 -29.88 10.86 0.38
N GLY C 381 -28.96 11.75 0.05
CA GLY C 381 -27.61 11.36 -0.26
C GLY C 381 -27.39 10.82 -1.64
N LYS C 382 -28.05 11.39 -2.64
CA LYS C 382 -28.03 10.87 -4.01
C LYS C 382 -27.18 11.79 -4.88
N ILE C 383 -25.92 11.39 -5.08
CA ILE C 383 -24.95 12.26 -5.74
C ILE C 383 -25.27 12.38 -7.23
N GLY C 384 -25.58 11.26 -7.88
CA GLY C 384 -25.72 11.21 -9.31
C GLY C 384 -26.74 12.19 -9.85
N ILE C 385 -27.88 12.28 -9.15
CA ILE C 385 -28.90 13.25 -9.51
C ILE C 385 -28.53 14.63 -8.99
N PHE C 386 -27.99 14.69 -7.77
CA PHE C 386 -27.64 15.96 -7.17
C PHE C 386 -26.59 16.69 -7.99
N GLN C 387 -25.54 15.97 -8.38
CA GLN C 387 -24.51 16.55 -9.22
C GLN C 387 -25.09 16.99 -10.56
N HIS C 388 -25.97 16.16 -11.14
CA HIS C 388 -26.53 16.45 -12.44
C HIS C 388 -27.35 17.73 -12.44
N ILE C 389 -28.13 17.96 -11.39
CA ILE C 389 -29.04 19.10 -11.35
C ILE C 389 -28.26 20.41 -11.34
N ILE C 390 -27.17 20.45 -10.58
CA ILE C 390 -26.48 21.72 -10.37
C ILE C 390 -25.79 22.17 -11.65
N ARG C 391 -24.98 21.29 -12.25
CA ARG C 391 -24.26 21.63 -13.47
C ARG C 391 -25.14 21.29 -14.69
N ARG C 392 -26.37 21.78 -14.67
CA ARG C 392 -27.32 21.54 -15.74
C ARG C 392 -27.26 22.71 -16.70
N GLU C 393 -26.71 22.48 -17.89
CA GLU C 393 -26.56 23.49 -18.93
C GLU C 393 -27.33 23.04 -20.16
N VAL C 394 -28.56 23.53 -20.27
CA VAL C 394 -29.38 23.32 -21.47
C VAL C 394 -29.17 24.55 -22.34
N THR C 395 -29.28 24.37 -23.66
CA THR C 395 -28.83 25.39 -24.62
C THR C 395 -29.97 25.96 -25.46
N ASP C 396 -30.96 25.14 -25.82
CA ASP C 396 -32.03 25.59 -26.69
C ASP C 396 -32.80 26.74 -26.06
N GLU C 397 -33.15 27.74 -26.87
CA GLU C 397 -33.55 29.06 -26.39
C GLU C 397 -34.75 29.01 -25.46
N ASP C 398 -35.70 28.13 -25.74
CA ASP C 398 -36.88 28.01 -24.89
C ASP C 398 -36.50 27.57 -23.49
N THR C 399 -35.83 26.43 -23.41
CA THR C 399 -35.49 25.81 -22.12
C THR C 399 -34.06 26.17 -21.72
N ARG C 400 -33.84 27.47 -21.52
CA ARG C 400 -32.60 27.97 -20.95
C ARG C 400 -32.79 28.52 -19.56
N HIS C 401 -34.02 28.82 -19.16
CA HIS C 401 -34.34 29.13 -17.77
C HIS C 401 -34.19 27.90 -16.88
N LEU C 402 -34.13 26.72 -17.47
CA LEU C 402 -33.94 25.49 -16.72
C LEU C 402 -32.47 25.16 -16.47
N SER C 403 -31.54 25.95 -16.99
CA SER C 403 -30.13 25.70 -16.76
C SER C 403 -29.66 26.39 -15.50
N ARG C 404 -28.69 25.75 -14.84
CA ARG C 404 -28.08 26.27 -13.62
C ARG C 404 -26.58 26.43 -13.75
N LYS C 405 -26.01 26.28 -14.94
CA LYS C 405 -24.58 26.45 -15.19
C LYS C 405 -24.47 27.15 -16.54
N PHE C 406 -24.16 28.44 -16.50
CA PHE C 406 -24.08 29.27 -17.69
C PHE C 406 -22.63 29.41 -18.17
N LYS C 407 -22.44 30.19 -19.23
CA LYS C 407 -21.18 30.26 -19.96
C LYS C 407 -20.83 31.73 -20.21
N ASP C 408 -20.76 32.49 -19.11
CA ASP C 408 -20.62 33.95 -19.06
C ASP C 408 -19.69 34.52 -20.13
N TRP C 409 -18.45 34.08 -20.17
CA TRP C 409 -17.50 34.54 -21.17
C TRP C 409 -16.38 33.54 -21.34
N ALA C 410 -15.78 33.56 -22.53
CA ALA C 410 -14.64 32.74 -22.87
C ALA C 410 -13.68 33.56 -23.72
N TYR C 411 -12.39 33.23 -23.60
CA TYR C 411 -11.38 33.83 -24.45
C TYR C 411 -10.20 32.88 -24.61
N GLY C 412 -10.21 32.09 -25.68
CA GLY C 412 -9.19 31.11 -25.86
C GLY C 412 -9.26 30.07 -24.76
N PRO C 413 -8.11 29.58 -24.26
CA PRO C 413 -8.16 28.55 -23.22
C PRO C 413 -8.32 29.14 -21.82
N VAL C 414 -9.42 29.85 -21.63
CA VAL C 414 -9.89 30.18 -20.30
C VAL C 414 -11.39 30.41 -20.45
N TYR C 415 -12.18 29.75 -19.60
CA TYR C 415 -13.62 29.64 -19.77
C TYR C 415 -14.27 29.95 -18.45
N SER C 416 -14.94 31.09 -18.37
CA SER C 416 -15.72 31.37 -17.18
C SER C 416 -17.01 30.56 -17.20
N SER C 417 -17.69 30.56 -16.07
CA SER C 417 -18.90 29.79 -15.87
C SER C 417 -19.55 30.30 -14.62
N LEU C 418 -20.86 30.09 -14.51
CA LEU C 418 -21.69 30.88 -13.61
C LEU C 418 -22.82 30.00 -13.10
N TYR C 419 -22.65 29.51 -11.87
CA TYR C 419 -23.61 28.59 -11.27
C TYR C 419 -24.72 29.33 -10.55
N ASP C 420 -25.91 28.75 -10.56
CA ASP C 420 -27.07 29.35 -9.91
C ASP C 420 -27.14 28.92 -8.46
N LEU C 421 -27.30 29.90 -7.57
CA LEU C 421 -27.41 29.70 -6.13
C LEU C 421 -28.80 30.03 -5.61
N SER C 422 -29.82 29.80 -6.42
CA SER C 422 -31.19 30.14 -6.04
C SER C 422 -31.63 29.40 -4.79
N SER C 423 -31.36 28.10 -4.72
CA SER C 423 -31.74 27.31 -3.56
C SER C 423 -30.58 27.14 -2.60
N LEU C 424 -29.37 26.93 -3.13
CA LEU C 424 -28.17 26.66 -2.37
C LEU C 424 -27.91 27.66 -1.26
N ASP C 425 -27.96 28.95 -1.60
CA ASP C 425 -27.70 30.04 -0.68
C ASP C 425 -28.94 30.91 -0.62
N THR C 426 -29.68 30.80 0.46
CA THR C 426 -30.87 31.63 0.70
C THR C 426 -30.76 32.16 2.12
N CYS C 427 -30.45 33.43 2.25
CA CYS C 427 -30.15 33.99 3.55
C CYS C 427 -31.44 34.12 4.36
N GLY C 428 -31.76 33.07 5.12
CA GLY C 428 -32.91 33.08 5.99
C GLY C 428 -34.23 32.74 5.32
N GLU C 429 -34.56 33.48 4.26
CA GLU C 429 -35.95 33.53 3.80
C GLU C 429 -36.25 32.49 2.73
N GLU C 430 -35.85 31.24 3.01
CA GLU C 430 -36.18 30.05 2.21
C GLU C 430 -35.39 28.88 2.80
N ALA C 431 -35.82 27.65 2.51
CA ALA C 431 -35.00 26.47 2.81
C ALA C 431 -33.91 26.32 1.75
N SER C 432 -32.76 25.81 2.18
CA SER C 432 -31.59 25.73 1.33
C SER C 432 -30.95 24.36 1.40
N VAL C 433 -30.41 23.93 0.26
CA VAL C 433 -29.67 22.68 0.14
C VAL C 433 -28.52 22.63 1.10
N LEU C 434 -27.83 23.75 1.28
CA LEU C 434 -26.58 23.75 2.03
C LEU C 434 -26.85 23.56 3.52
N GLU C 435 -27.94 24.13 4.02
CA GLU C 435 -28.37 23.84 5.39
C GLU C 435 -28.71 22.38 5.53
N ILE C 436 -29.36 21.81 4.52
CA ILE C 436 -29.81 20.42 4.59
C ILE C 436 -28.60 19.48 4.62
N LEU C 437 -27.69 19.64 3.65
CA LEU C 437 -26.49 18.80 3.62
C LEU C 437 -25.73 18.85 4.93
N VAL C 438 -25.32 20.04 5.34
CA VAL C 438 -24.47 20.20 6.51
C VAL C 438 -25.14 19.75 7.81
N TYR C 439 -26.47 19.69 7.87
CA TYR C 439 -27.20 19.34 9.07
C TYR C 439 -28.04 18.08 8.92
N ASN C 440 -28.90 18.02 7.90
CA ASN C 440 -29.94 17.02 7.78
C ASN C 440 -29.73 16.23 6.49
N SER C 441 -28.94 15.16 6.57
CA SER C 441 -28.65 14.37 5.40
C SER C 441 -28.01 13.05 5.80
N LYS C 442 -27.56 12.31 4.79
CA LYS C 442 -26.88 11.05 5.04
C LYS C 442 -25.39 11.31 5.24
N ILE C 443 -24.89 10.89 6.40
CA ILE C 443 -23.53 11.22 6.81
C ILE C 443 -22.54 10.37 6.01
N GLU C 444 -23.00 9.29 5.39
CA GLU C 444 -22.13 8.35 4.70
C GLU C 444 -21.48 8.94 3.45
N ASN C 445 -22.11 9.92 2.81
CA ASN C 445 -21.62 10.53 1.58
C ASN C 445 -21.74 12.05 1.60
N ARG C 446 -21.88 12.63 2.79
CA ARG C 446 -22.07 14.07 2.89
C ARG C 446 -20.82 14.84 2.48
N HIS C 447 -19.66 14.16 2.46
CA HIS C 447 -18.43 14.81 2.05
C HIS C 447 -18.34 14.93 0.54
N GLU C 448 -18.92 13.97 -0.18
CA GLU C 448 -19.01 14.07 -1.63
C GLU C 448 -20.05 15.09 -2.07
N MET C 449 -21.02 15.41 -1.20
CA MET C 449 -22.03 16.40 -1.52
C MET C 449 -21.48 17.81 -1.37
N LEU C 450 -20.62 18.02 -0.36
CA LEU C 450 -20.01 19.31 -0.11
C LEU C 450 -18.71 19.50 -0.87
N ALA C 451 -18.48 18.65 -1.88
CA ALA C 451 -17.26 18.71 -2.67
C ALA C 451 -17.61 18.78 -4.14
N VAL C 452 -18.67 19.50 -4.47
CA VAL C 452 -19.10 19.71 -5.83
C VAL C 452 -19.24 21.22 -6.03
N GLU C 453 -19.79 21.60 -7.14
CA GLU C 453 -19.30 22.72 -7.93
C GLU C 453 -19.23 24.07 -7.21
N PRO C 454 -20.31 24.73 -6.76
CA PRO C 454 -20.10 25.90 -5.89
C PRO C 454 -19.88 25.59 -4.43
N ILE C 455 -20.27 24.41 -3.96
CA ILE C 455 -20.49 24.21 -2.53
C ILE C 455 -19.18 24.36 -1.77
N ASN C 456 -18.09 23.89 -2.37
CA ASN C 456 -16.78 24.01 -1.73
C ASN C 456 -16.32 25.45 -1.73
N GLU C 457 -16.49 26.14 -2.85
CA GLU C 457 -16.02 27.52 -2.96
C GLU C 457 -17.02 28.49 -2.38
N LEU C 458 -18.25 28.04 -2.09
CA LEU C 458 -19.25 28.90 -1.49
C LEU C 458 -19.07 28.96 0.02
N LEU C 459 -18.58 27.88 0.62
CA LEU C 459 -18.27 27.87 2.04
C LEU C 459 -16.96 28.57 2.32
N ARG C 460 -15.97 28.36 1.45
CA ARG C 460 -14.70 29.02 1.58
C ARG C 460 -14.87 30.53 1.47
N ASP C 461 -15.82 30.98 0.67
CA ASP C 461 -16.07 32.41 0.53
C ASP C 461 -16.69 32.98 1.80
N LYS C 462 -17.59 32.23 2.43
CA LYS C 462 -18.14 32.65 3.71
C LYS C 462 -17.08 32.67 4.79
N TRP C 463 -16.11 31.75 4.70
CA TRP C 463 -15.03 31.70 5.66
C TRP C 463 -14.18 32.96 5.59
N ARG C 464 -13.94 33.44 4.39
CA ARG C 464 -13.22 34.70 4.19
C ARG C 464 -13.96 35.86 4.84
N LYS C 465 -15.19 36.11 4.40
CA LYS C 465 -15.98 37.25 4.83
C LYS C 465 -16.17 37.32 6.34
N PHE C 466 -16.88 36.35 6.90
CA PHE C 466 -17.26 36.36 8.31
C PHE C 466 -16.90 35.09 9.05
N GLY C 467 -16.80 33.97 8.35
CA GLY C 467 -16.66 32.70 9.02
C GLY C 467 -15.39 32.58 9.81
N ALA C 468 -14.27 32.95 9.19
CA ALA C 468 -12.99 32.89 9.86
C ALA C 468 -12.93 33.85 11.03
N VAL C 469 -13.32 35.09 10.80
CA VAL C 469 -13.24 36.12 11.83
C VAL C 469 -14.04 35.71 13.06
N SER C 470 -15.35 35.54 12.88
CA SER C 470 -16.23 35.29 14.01
C SER C 470 -15.85 34.03 14.77
N PHE C 471 -15.26 33.06 14.09
CA PHE C 471 -14.78 31.87 14.77
C PHE C 471 -13.62 32.20 15.70
N TYR C 472 -12.73 33.10 15.28
CA TYR C 472 -11.58 33.45 16.10
C TYR C 472 -11.89 34.52 17.14
N ILE C 473 -13.11 35.06 17.16
CA ILE C 473 -13.61 35.76 18.34
C ILE C 473 -14.21 34.75 19.32
N ASN C 474 -14.85 33.72 18.79
CA ASN C 474 -15.43 32.70 19.66
C ASN C 474 -14.35 31.98 20.47
N VAL C 475 -13.18 31.77 19.88
CA VAL C 475 -12.14 31.00 20.54
C VAL C 475 -11.56 31.81 21.71
N VAL C 476 -11.13 33.04 21.46
CA VAL C 476 -10.52 33.85 22.52
C VAL C 476 -11.55 34.22 23.57
N SER C 477 -12.79 34.45 23.16
CA SER C 477 -13.86 34.62 24.12
C SER C 477 -13.96 33.40 25.03
N TYR C 478 -13.74 32.22 24.47
CA TYR C 478 -13.82 31.01 25.27
C TYR C 478 -12.53 30.78 26.06
N LEU C 479 -11.38 30.98 25.43
CA LEU C 479 -10.12 30.83 26.16
C LEU C 479 -10.05 31.76 27.35
N CYS C 480 -10.56 32.98 27.21
CA CYS C 480 -10.59 33.93 28.31
C CYS C 480 -11.54 33.48 29.41
N ALA C 481 -12.75 33.06 29.04
CA ALA C 481 -13.71 32.58 30.01
C ALA C 481 -13.16 31.43 30.84
N MET C 482 -12.18 30.69 30.31
CA MET C 482 -11.56 29.60 31.03
C MET C 482 -10.33 30.05 31.81
N VAL C 483 -9.77 31.21 31.46
CA VAL C 483 -8.85 31.90 32.36
C VAL C 483 -9.60 32.39 33.60
N ILE C 484 -10.74 33.04 33.40
CA ILE C 484 -11.55 33.49 34.52
C ILE C 484 -12.00 32.32 35.37
N PHE C 485 -12.41 31.22 34.75
CA PHE C 485 -12.82 30.06 35.53
C PHE C 485 -11.63 29.37 36.18
N THR C 486 -10.41 29.73 35.75
CA THR C 486 -9.20 29.22 36.38
C THR C 486 -8.81 30.08 37.57
N LEU C 487 -8.72 31.39 37.38
CA LEU C 487 -8.26 32.27 38.43
C LEU C 487 -9.22 32.30 39.61
N THR C 488 -10.51 32.14 39.34
CA THR C 488 -11.48 32.09 40.42
C THR C 488 -11.35 30.81 41.21
N ALA C 489 -10.73 29.79 40.62
CA ALA C 489 -10.54 28.51 41.30
C ALA C 489 -9.23 28.48 42.08
N TYR C 490 -8.21 29.16 41.59
CA TYR C 490 -6.94 29.27 42.30
C TYR C 490 -7.00 30.30 43.43
N TYR C 491 -8.03 31.16 43.45
CA TYR C 491 -8.26 32.11 44.52
C TYR C 491 -9.57 31.83 45.25
N GLN C 492 -10.26 30.75 44.90
CA GLN C 492 -11.35 30.29 45.74
C GLN C 492 -10.79 29.92 47.11
N PRO C 493 -11.36 30.42 48.23
CA PRO C 493 -10.88 29.97 49.53
C PRO C 493 -11.17 28.49 49.77
N LEU C 494 -10.69 27.96 50.89
CA LEU C 494 -10.78 26.55 51.19
C LEU C 494 -11.13 26.25 52.64
N GLU C 495 -11.46 27.26 53.45
CA GLU C 495 -11.82 27.07 54.84
C GLU C 495 -13.22 27.63 55.09
N GLY C 496 -14.03 26.84 55.78
CA GLY C 496 -15.35 27.27 56.20
C GLY C 496 -16.44 27.03 55.18
N THR C 497 -17.66 26.78 55.68
CA THR C 497 -18.85 26.66 54.85
C THR C 497 -19.08 28.04 54.23
N PRO C 498 -20.00 28.19 53.26
CA PRO C 498 -19.65 28.86 51.98
C PRO C 498 -18.63 29.97 52.16
N PRO C 499 -17.46 29.91 51.51
CA PRO C 499 -16.51 31.02 51.64
C PRO C 499 -16.97 32.31 50.96
N TYR C 500 -18.08 32.87 51.43
CA TYR C 500 -18.56 34.18 51.00
C TYR C 500 -17.60 35.32 51.33
N PRO C 501 -17.03 35.43 52.56
CA PRO C 501 -16.81 36.78 53.13
C PRO C 501 -15.98 37.73 52.26
N TYR C 502 -16.64 38.30 51.24
CA TYR C 502 -15.92 38.97 50.18
C TYR C 502 -15.29 40.28 50.66
N ARG C 503 -16.12 41.32 50.83
CA ARG C 503 -15.78 42.63 51.39
C ARG C 503 -14.33 43.07 51.14
N THR C 504 -13.86 42.91 49.90
CA THR C 504 -12.46 43.14 49.58
C THR C 504 -12.34 43.25 48.07
N THR C 505 -11.37 44.06 47.63
CA THR C 505 -11.20 44.30 46.20
C THR C 505 -10.81 43.01 45.48
N VAL C 506 -10.02 42.15 46.12
CA VAL C 506 -9.71 40.86 45.54
C VAL C 506 -10.97 40.00 45.46
N ASP C 507 -11.66 39.83 46.58
CA ASP C 507 -12.79 38.91 46.61
C ASP C 507 -13.97 39.41 45.80
N TYR C 508 -14.09 40.72 45.60
CA TYR C 508 -15.03 41.26 44.63
C TYR C 508 -14.58 41.02 43.20
N LEU C 509 -13.27 40.99 42.96
CA LEU C 509 -12.76 40.61 41.66
C LEU C 509 -13.01 39.14 41.39
N ARG C 510 -12.82 38.29 42.40
CA ARG C 510 -13.24 36.90 42.30
C ARG C 510 -14.73 36.79 42.05
N LEU C 511 -15.52 37.74 42.57
CA LEU C 511 -16.97 37.65 42.41
C LEU C 511 -17.38 37.94 40.98
N ALA C 512 -16.61 38.79 40.29
CA ALA C 512 -16.81 38.97 38.86
C ALA C 512 -16.55 37.66 38.13
N GLY C 513 -15.62 36.86 38.64
CA GLY C 513 -15.26 35.62 38.00
C GLY C 513 -16.34 34.57 38.04
N GLU C 514 -16.85 34.27 39.24
CA GLU C 514 -17.89 33.26 39.37
C GLU C 514 -19.15 33.64 38.60
N VAL C 515 -19.45 34.93 38.50
CA VAL C 515 -20.68 35.36 37.85
C VAL C 515 -20.55 35.23 36.34
N ILE C 516 -19.43 35.69 35.79
CA ILE C 516 -19.15 35.46 34.36
C ILE C 516 -19.18 33.98 34.05
N THR C 517 -18.64 33.16 34.95
CA THR C 517 -18.68 31.71 34.78
C THR C 517 -20.12 31.22 34.68
N LEU C 518 -20.94 31.54 35.69
CA LEU C 518 -22.30 31.05 35.72
C LEU C 518 -23.10 31.55 34.52
N PHE C 519 -22.74 32.72 34.00
CA PHE C 519 -23.34 33.20 32.76
C PHE C 519 -23.07 32.26 31.60
N THR C 520 -21.85 31.71 31.54
CA THR C 520 -21.53 30.75 30.49
C THR C 520 -22.28 29.45 30.70
N GLY C 521 -22.40 29.01 31.95
CA GLY C 521 -23.09 27.76 32.21
C GLY C 521 -24.55 27.82 31.85
N VAL C 522 -25.22 28.92 32.20
CA VAL C 522 -26.62 29.07 31.85
C VAL C 522 -26.77 29.29 30.34
N LEU C 523 -25.76 29.91 29.73
CA LEU C 523 -25.76 30.08 28.28
C LEU C 523 -25.69 28.73 27.58
N PHE C 524 -24.65 27.95 27.87
CA PHE C 524 -24.46 26.65 27.22
C PHE C 524 -25.60 25.70 27.55
N PHE C 525 -26.29 25.93 28.65
CA PHE C 525 -27.45 25.11 28.99
C PHE C 525 -28.61 25.43 28.05
N PHE C 526 -28.90 26.72 27.85
CA PHE C 526 -30.04 27.10 27.03
C PHE C 526 -29.78 26.86 25.55
N THR C 527 -28.56 27.15 25.09
CA THR C 527 -28.24 26.95 23.69
C THR C 527 -28.36 25.49 23.29
N ASN C 528 -28.12 24.57 24.24
CA ASN C 528 -28.27 23.15 23.96
C ASN C 528 -29.73 22.73 24.04
N ILE C 529 -30.48 23.29 24.97
CA ILE C 529 -31.91 23.01 25.05
C ILE C 529 -32.68 23.79 24.01
N LYS C 530 -32.15 24.92 23.54
CA LYS C 530 -32.67 25.53 22.33
C LYS C 530 -32.51 24.57 21.17
N ASP C 531 -31.37 23.86 21.13
CA ASP C 531 -31.16 22.87 20.09
C ASP C 531 -32.06 21.65 20.29
N LEU C 532 -32.63 21.47 21.48
CA LEU C 532 -33.57 20.38 21.68
C LEU C 532 -34.85 20.64 20.89
N PHE C 533 -35.38 21.86 20.97
CA PHE C 533 -36.52 22.29 20.16
C PHE C 533 -36.08 22.78 18.78
N MET C 534 -34.83 22.50 18.41
CA MET C 534 -34.20 22.96 17.19
C MET C 534 -33.20 21.85 16.86
N LYS C 535 -32.05 22.15 16.29
CA LYS C 535 -31.18 21.11 15.75
C LYS C 535 -30.56 20.23 16.85
N LYS C 536 -31.33 19.26 17.34
CA LYS C 536 -30.80 18.13 18.11
C LYS C 536 -31.68 16.92 17.76
N CYS C 537 -31.39 15.76 18.33
CA CYS C 537 -32.03 14.47 18.08
C CYS C 537 -31.77 13.95 16.67
N PRO C 538 -30.53 14.03 16.17
CA PRO C 538 -29.95 12.85 15.50
C PRO C 538 -29.33 11.95 16.55
N GLY C 539 -28.54 10.97 16.14
CA GLY C 539 -27.84 10.12 17.09
C GLY C 539 -26.64 10.83 17.68
N VAL C 540 -26.88 11.89 18.42
CA VAL C 540 -25.82 12.76 18.94
C VAL C 540 -25.30 12.18 20.26
N ASN C 541 -24.46 11.16 20.16
CA ASN C 541 -23.72 10.66 21.33
C ASN C 541 -22.27 10.35 20.99
N SER C 542 -21.98 10.04 19.72
CA SER C 542 -20.64 9.63 19.31
C SER C 542 -20.23 10.18 17.94
N LEU C 543 -21.02 11.05 17.34
CA LEU C 543 -20.60 11.71 16.10
C LEU C 543 -19.33 12.49 16.35
N PHE C 544 -18.45 12.51 15.35
CA PHE C 544 -17.26 13.34 15.37
C PHE C 544 -17.51 14.69 14.73
N ILE C 545 -18.77 15.09 14.64
CA ILE C 545 -19.24 16.26 13.89
C ILE C 545 -20.00 17.13 14.87
N ASP C 546 -19.44 17.28 16.08
CA ASP C 546 -19.96 18.11 17.18
C ASP C 546 -20.99 17.37 18.01
N GLY C 547 -21.36 16.15 17.62
CA GLY C 547 -22.23 15.38 18.49
C GLY C 547 -21.60 15.10 19.83
N SER C 548 -20.28 14.92 19.86
CA SER C 548 -19.58 14.69 21.12
C SER C 548 -19.66 15.91 22.03
N PHE C 549 -19.38 17.09 21.49
CA PHE C 549 -19.19 18.26 22.34
C PHE C 549 -20.50 18.85 22.82
N GLN C 550 -21.60 18.65 22.09
CA GLN C 550 -22.91 19.07 22.54
C GLN C 550 -23.22 18.51 23.93
N LEU C 551 -22.78 17.28 24.18
CA LEU C 551 -22.94 16.69 25.50
C LEU C 551 -22.03 17.36 26.51
N LEU C 552 -20.74 17.50 26.18
CA LEU C 552 -19.78 17.93 27.18
C LEU C 552 -19.97 19.40 27.54
N TYR C 553 -20.40 20.22 26.60
CA TYR C 553 -20.83 21.57 26.98
C TYR C 553 -22.07 21.53 27.82
N PHE C 554 -22.93 20.53 27.62
CA PHE C 554 -24.09 20.40 28.49
C PHE C 554 -23.64 19.93 29.86
N ILE C 555 -22.73 18.95 29.91
CA ILE C 555 -22.17 18.51 31.18
C ILE C 555 -21.48 19.66 31.89
N TYR C 556 -20.65 20.42 31.17
CA TYR C 556 -20.07 21.63 31.72
C TYR C 556 -21.15 22.58 32.23
N SER C 557 -22.26 22.69 31.50
CA SER C 557 -23.29 23.64 31.86
C SER C 557 -24.00 23.20 33.12
N VAL C 558 -24.41 21.94 33.17
CA VAL C 558 -25.02 21.37 34.36
C VAL C 558 -24.07 21.50 35.54
N LEU C 559 -22.79 21.22 35.31
CA LEU C 559 -21.87 20.96 36.41
C LEU C 559 -21.37 22.24 37.03
N VAL C 560 -21.56 23.37 36.34
CA VAL C 560 -21.35 24.68 36.95
C VAL C 560 -22.57 25.09 37.74
N ILE C 561 -23.75 24.72 37.26
CA ILE C 561 -25.00 25.06 37.93
C ILE C 561 -25.07 24.37 39.28
N VAL C 562 -24.71 23.09 39.32
CA VAL C 562 -24.75 22.32 40.56
C VAL C 562 -23.78 22.91 41.58
N SER C 563 -22.57 23.27 41.14
CA SER C 563 -21.61 23.89 42.04
C SER C 563 -22.13 25.24 42.54
N ALA C 564 -22.77 25.99 41.66
CA ALA C 564 -23.39 27.25 42.07
C ALA C 564 -24.52 27.00 43.05
N ALA C 565 -25.16 25.84 42.94
CA ALA C 565 -26.26 25.51 43.85
C ALA C 565 -25.73 25.13 45.24
N LEU C 566 -24.59 24.43 45.27
CA LEU C 566 -24.06 23.92 46.54
C LEU C 566 -23.21 24.97 47.24
N TYR C 567 -22.60 25.89 46.49
CA TYR C 567 -21.94 27.03 47.11
C TYR C 567 -22.91 27.98 47.76
N LEU C 568 -24.19 27.91 47.39
CA LEU C 568 -25.25 28.68 48.01
C LEU C 568 -26.08 27.87 48.99
N ALA C 569 -26.13 26.55 48.83
CA ALA C 569 -26.83 25.66 49.75
C ALA C 569 -25.94 25.17 50.88
N GLY C 570 -24.82 25.85 51.14
CA GLY C 570 -23.98 25.51 52.28
C GLY C 570 -22.96 24.43 52.06
N ILE C 571 -23.28 23.45 51.21
CA ILE C 571 -22.45 22.26 51.04
C ILE C 571 -21.08 22.66 50.54
N GLU C 572 -20.05 21.97 51.02
CA GLU C 572 -18.66 22.34 50.78
C GLU C 572 -18.06 21.64 49.57
N ALA C 573 -18.80 20.73 48.95
CA ALA C 573 -18.39 20.08 47.71
C ALA C 573 -18.73 20.89 46.47
N TYR C 574 -18.91 22.21 46.61
CA TYR C 574 -18.82 23.11 45.47
C TYR C 574 -17.51 22.91 44.72
N LEU C 575 -16.46 22.58 45.47
CA LEU C 575 -15.11 22.52 44.92
C LEU C 575 -14.94 21.30 44.03
N ALA C 576 -15.18 20.11 44.57
CA ALA C 576 -15.02 18.86 43.83
C ALA C 576 -15.80 18.88 42.52
N VAL C 577 -17.02 19.40 42.58
CA VAL C 577 -17.87 19.49 41.39
C VAL C 577 -17.30 20.52 40.42
N MET C 578 -16.65 21.57 40.95
CA MET C 578 -16.04 22.58 40.09
C MET C 578 -14.83 22.02 39.37
N VAL C 579 -14.04 21.19 40.05
CA VAL C 579 -12.76 20.73 39.51
C VAL C 579 -12.98 19.92 38.24
N PHE C 580 -14.01 19.07 38.24
CA PHE C 580 -14.38 18.36 37.03
C PHE C 580 -14.76 19.32 35.92
N ALA C 581 -15.50 20.37 36.26
CA ALA C 581 -15.98 21.32 35.27
C ALA C 581 -14.81 22.03 34.60
N LEU C 582 -13.74 22.26 35.36
CA LEU C 582 -12.60 22.99 34.83
C LEU C 582 -11.81 22.15 33.83
N VAL C 583 -11.45 20.92 34.22
CA VAL C 583 -10.74 20.03 33.31
C VAL C 583 -11.61 19.72 32.10
N LEU C 584 -12.91 19.57 32.33
CA LEU C 584 -13.82 19.31 31.21
C LEU C 584 -13.86 20.50 30.29
N GLY C 585 -13.70 21.71 30.82
CA GLY C 585 -13.88 22.90 30.03
C GLY C 585 -12.72 23.19 29.09
N TRP C 586 -11.49 23.01 29.58
CA TRP C 586 -10.34 23.16 28.69
C TRP C 586 -10.34 22.09 27.62
N MET C 587 -10.79 20.88 27.97
CA MET C 587 -10.91 19.82 26.98
C MET C 587 -12.03 20.07 25.99
N ASN C 588 -12.86 21.08 26.22
CA ASN C 588 -13.79 21.56 25.22
C ASN C 588 -13.19 22.58 24.28
N ALA C 589 -11.99 23.08 24.55
CA ALA C 589 -11.35 23.97 23.62
C ALA C 589 -10.84 23.25 22.38
N LEU C 590 -10.87 21.92 22.37
CA LEU C 590 -10.61 21.14 21.18
C LEU C 590 -11.69 21.29 20.13
N TYR C 591 -12.87 21.73 20.54
CA TYR C 591 -13.86 22.15 19.57
C TYR C 591 -13.31 23.22 18.65
N PHE C 592 -12.47 24.09 19.17
CA PHE C 592 -12.00 25.24 18.42
C PHE C 592 -10.76 24.93 17.59
N THR C 593 -10.37 23.67 17.53
CA THR C 593 -9.42 23.17 16.54
C THR C 593 -10.06 22.90 15.19
N ARG C 594 -11.34 23.22 15.03
CA ARG C 594 -12.07 23.02 13.78
C ARG C 594 -11.75 24.07 12.73
N GLY C 595 -11.12 25.16 13.12
CA GLY C 595 -10.76 26.21 12.18
C GLY C 595 -9.42 25.97 11.51
N LEU C 596 -8.88 24.76 11.67
CA LEU C 596 -7.66 24.38 11.00
C LEU C 596 -7.66 22.88 10.75
N LYS C 597 -7.40 22.49 9.51
CA LYS C 597 -7.27 21.07 9.18
C LYS C 597 -6.17 20.44 10.00
N LEU C 598 -5.13 21.20 10.28
CA LEU C 598 -3.99 20.74 11.05
C LEU C 598 -4.41 20.21 12.41
N THR C 599 -5.05 21.06 13.21
CA THR C 599 -5.41 20.68 14.57
C THR C 599 -6.72 19.92 14.62
N GLY C 600 -7.59 20.10 13.63
CA GLY C 600 -8.92 19.52 13.69
C GLY C 600 -8.94 18.06 13.30
N THR C 601 -8.19 17.70 12.26
CA THR C 601 -8.00 16.31 11.93
C THR C 601 -7.37 15.56 13.08
N TYR C 602 -6.40 16.17 13.74
CA TYR C 602 -5.78 15.61 14.91
C TYR C 602 -6.79 15.30 16.02
N SER C 603 -7.65 16.26 16.32
CA SER C 603 -8.62 16.07 17.40
C SER C 603 -9.62 14.98 17.06
N ILE C 604 -9.85 14.73 15.77
CA ILE C 604 -10.72 13.64 15.36
C ILE C 604 -10.06 12.30 15.62
N MET C 605 -8.77 12.19 15.33
CA MET C 605 -8.08 10.92 15.55
C MET C 605 -7.97 10.60 17.02
N ILE C 606 -7.96 11.61 17.88
CA ILE C 606 -7.97 11.37 19.32
C ILE C 606 -9.21 10.59 19.72
N GLN C 607 -10.36 10.96 19.18
CA GLN C 607 -11.62 10.43 19.69
C GLN C 607 -11.91 9.07 19.09
N LYS C 608 -11.53 8.86 17.84
CA LYS C 608 -11.63 7.53 17.24
C LYS C 608 -10.77 6.53 17.98
N ILE C 609 -9.50 6.87 18.19
CA ILE C 609 -8.60 6.03 18.96
C ILE C 609 -9.15 5.80 20.36
N LEU C 610 -9.79 6.80 20.93
CA LEU C 610 -10.44 6.64 22.22
C LEU C 610 -11.58 5.64 22.16
N PHE C 611 -12.18 5.45 20.99
CA PHE C 611 -13.29 4.52 20.83
C PHE C 611 -12.81 3.20 20.27
N LYS C 612 -12.18 3.24 19.11
CA LYS C 612 -11.85 2.02 18.38
C LYS C 612 -10.65 1.28 18.96
N ASP C 613 -9.90 1.91 19.87
CA ASP C 613 -8.60 1.35 20.25
C ASP C 613 -8.37 1.31 21.76
N LEU C 614 -8.93 2.26 22.51
CA LEU C 614 -8.58 2.37 23.93
C LEU C 614 -9.55 1.64 24.83
N PHE C 615 -10.83 1.61 24.50
CA PHE C 615 -11.77 0.89 25.36
C PHE C 615 -11.55 -0.60 25.31
N ARG C 616 -11.35 -1.15 24.10
CA ARG C 616 -11.06 -2.58 23.99
C ARG C 616 -9.76 -2.92 24.71
N PHE C 617 -8.88 -1.95 24.85
CA PHE C 617 -7.65 -2.14 25.61
C PHE C 617 -7.90 -2.14 27.12
N LEU C 618 -8.79 -1.29 27.61
CA LEU C 618 -9.07 -1.24 29.04
C LEU C 618 -9.92 -2.41 29.48
N LEU C 619 -10.79 -2.90 28.59
CA LEU C 619 -11.56 -4.11 28.88
C LEU C 619 -10.64 -5.25 29.25
N VAL C 620 -9.72 -5.59 28.34
CA VAL C 620 -8.77 -6.66 28.62
C VAL C 620 -7.90 -6.28 29.82
N TYR C 621 -7.36 -5.06 29.83
CA TYR C 621 -6.39 -4.68 30.85
C TYR C 621 -6.97 -4.80 32.24
N LEU C 622 -8.17 -4.27 32.43
CA LEU C 622 -8.90 -4.46 33.66
C LEU C 622 -9.07 -5.93 33.99
N LEU C 623 -9.46 -6.72 32.98
CA LEU C 623 -9.76 -8.13 33.16
C LEU C 623 -8.56 -8.90 33.68
N PHE C 624 -7.38 -8.61 33.13
CA PHE C 624 -6.15 -9.16 33.69
C PHE C 624 -5.98 -8.68 35.12
N MET C 625 -6.19 -7.39 35.35
CA MET C 625 -5.76 -6.76 36.60
C MET C 625 -6.51 -7.33 37.81
N ILE C 626 -7.84 -7.46 37.73
CA ILE C 626 -8.58 -8.13 38.80
C ILE C 626 -8.11 -9.57 38.93
N GLY C 627 -7.69 -10.16 37.82
CA GLY C 627 -7.25 -11.54 37.86
C GLY C 627 -6.00 -11.69 38.68
N TYR C 628 -4.95 -10.95 38.32
CA TYR C 628 -3.69 -11.04 39.03
C TYR C 628 -3.80 -10.44 40.43
N ALA C 629 -4.47 -9.29 40.55
CA ALA C 629 -4.49 -8.57 41.83
C ALA C 629 -5.13 -9.41 42.91
N SER C 630 -6.33 -9.92 42.66
CA SER C 630 -6.95 -10.89 43.55
C SER C 630 -6.02 -12.07 43.81
N ALA C 631 -5.39 -12.57 42.76
CA ALA C 631 -4.43 -13.65 42.88
C ALA C 631 -3.25 -13.28 43.76
N LEU C 632 -2.86 -12.01 43.77
CA LEU C 632 -1.71 -11.56 44.53
C LEU C 632 -2.08 -11.10 45.93
N VAL C 633 -3.28 -10.59 46.13
CA VAL C 633 -3.73 -10.25 47.47
C VAL C 633 -3.85 -11.52 48.31
N SER C 634 -4.25 -12.61 47.67
CA SER C 634 -4.46 -13.88 48.33
C SER C 634 -3.19 -14.41 49.00
N LEU C 635 -2.04 -13.92 48.57
CA LEU C 635 -0.74 -14.39 49.06
C LEU C 635 -0.12 -13.42 50.06
N LEU C 636 -0.92 -12.70 50.83
CA LEU C 636 -0.44 -11.81 51.87
C LEU C 636 -1.14 -12.13 53.18
N ASN C 637 -0.38 -12.16 54.27
CA ASN C 637 -0.90 -12.55 55.58
C ASN C 637 -1.72 -11.44 56.21
N PRO C 638 -2.90 -11.71 56.80
CA PRO C 638 -3.70 -10.63 57.40
C PRO C 638 -3.01 -9.91 58.55
N CYS C 639 -3.58 -8.78 59.01
CA CYS C 639 -3.25 -8.17 60.28
C CYS C 639 -4.06 -8.73 61.45
N ALA C 640 -4.57 -9.95 61.29
CA ALA C 640 -5.05 -10.79 62.38
C ALA C 640 -3.93 -11.67 62.92
N ASN C 641 -2.70 -11.14 62.90
CA ASN C 641 -1.50 -11.85 63.30
C ASN C 641 -1.58 -12.29 64.76
N VAL C 654 3.71 -5.51 63.41
CA VAL C 654 2.56 -6.35 63.05
C VAL C 654 1.34 -5.56 62.54
N PRO C 655 1.19 -4.24 62.86
CA PRO C 655 0.30 -3.39 62.06
C PRO C 655 1.00 -2.74 60.88
N THR C 656 1.22 -3.47 59.79
CA THR C 656 1.97 -2.95 58.65
C THR C 656 1.10 -3.04 57.41
N TYR C 657 1.36 -2.15 56.44
CA TYR C 657 1.01 -2.49 55.07
C TYR C 657 2.14 -3.21 54.34
N PRO C 658 3.41 -2.73 54.38
CA PRO C 658 4.42 -3.37 53.54
C PRO C 658 4.84 -4.77 53.98
N SER C 659 4.25 -5.29 55.06
CA SER C 659 4.39 -6.70 55.41
C SER C 659 3.03 -7.38 55.51
N CYS C 660 2.09 -6.75 56.22
CA CYS C 660 0.75 -7.29 56.40
C CYS C 660 -0.25 -6.75 55.38
N ARG C 661 -1.49 -7.25 55.41
CA ARG C 661 -2.55 -6.77 54.53
C ARG C 661 -3.85 -6.57 55.33
N ASP C 662 -4.45 -5.38 55.21
CA ASP C 662 -5.75 -5.15 55.83
C ASP C 662 -6.45 -3.93 55.22
N SER C 663 -7.56 -4.19 54.54
CA SER C 663 -8.67 -3.25 54.35
C SER C 663 -8.34 -2.18 53.31
N GLU C 664 -7.13 -2.10 52.77
CA GLU C 664 -6.85 -1.21 51.66
C GLU C 664 -5.86 -1.84 50.69
N THR C 665 -5.65 -3.15 50.83
CA THR C 665 -4.54 -3.79 50.15
C THR C 665 -4.91 -4.14 48.72
N PHE C 666 -6.16 -4.53 48.51
CA PHE C 666 -6.68 -4.63 47.15
C PHE C 666 -6.48 -3.31 46.42
N SER C 667 -7.08 -2.23 46.96
CA SER C 667 -7.19 -0.96 46.25
C SER C 667 -5.83 -0.42 45.81
N THR C 668 -4.84 -0.43 46.70
CA THR C 668 -3.55 0.13 46.34
C THR C 668 -2.84 -0.70 45.28
N PHE C 669 -2.96 -2.03 45.33
CA PHE C 669 -2.42 -2.87 44.27
C PHE C 669 -2.94 -2.47 42.91
N LEU C 670 -4.22 -2.11 42.81
CA LEU C 670 -4.77 -1.68 41.54
C LEU C 670 -4.04 -0.45 41.02
N LEU C 671 -3.54 0.39 41.94
CA LEU C 671 -2.76 1.55 41.53
C LEU C 671 -1.33 1.17 41.23
N ASP C 672 -0.73 0.32 42.07
CA ASP C 672 0.62 -0.16 41.81
C ASP C 672 0.67 -0.98 40.54
N LEU C 673 -0.25 -1.92 40.37
CA LEU C 673 -0.32 -2.67 39.13
C LEU C 673 -0.76 -1.80 37.95
N PHE C 674 -1.25 -0.59 38.21
CA PHE C 674 -1.48 0.37 37.14
C PHE C 674 -0.19 1.12 36.81
N LYS C 675 0.44 1.71 37.83
CA LYS C 675 1.77 2.29 37.67
C LYS C 675 2.76 1.34 37.01
N LEU C 676 2.63 0.05 37.30
CA LEU C 676 3.60 -0.94 36.86
C LEU C 676 3.53 -1.17 35.36
N THR C 677 2.34 -1.34 34.82
CA THR C 677 2.18 -1.47 33.37
C THR C 677 2.46 -0.17 32.65
N ILE C 678 2.24 0.98 33.28
CA ILE C 678 2.51 2.25 32.62
C ILE C 678 4.01 2.52 32.50
N GLY C 679 4.85 1.69 33.12
CA GLY C 679 6.26 1.95 33.15
C GLY C 679 6.63 3.02 34.13
N MET C 680 5.87 3.16 35.21
CA MET C 680 5.90 4.32 36.09
C MET C 680 6.08 3.93 37.54
N GLY C 681 5.84 2.67 37.88
CA GLY C 681 6.12 2.17 39.20
C GLY C 681 7.12 1.03 39.13
N ASP C 682 7.72 0.74 40.28
CA ASP C 682 8.76 -0.26 40.40
C ASP C 682 8.17 -1.49 41.08
N LEU C 683 8.71 -2.67 40.76
CA LEU C 683 8.26 -3.88 41.42
C LEU C 683 8.42 -3.76 42.93
N GLU C 684 9.67 -3.68 43.39
CA GLU C 684 9.98 -3.54 44.80
C GLU C 684 9.26 -4.61 45.59
N MET C 685 9.65 -5.87 45.36
CA MET C 685 8.94 -7.05 45.84
C MET C 685 8.54 -6.95 47.30
N LEU C 686 7.25 -7.12 47.56
CA LEU C 686 6.73 -7.09 48.92
C LEU C 686 7.43 -8.13 49.78
N SER C 687 7.44 -9.38 49.33
CA SER C 687 8.28 -10.44 49.88
C SER C 687 7.80 -10.98 51.22
N SER C 688 6.78 -10.36 51.82
CA SER C 688 6.26 -10.80 53.11
C SER C 688 5.03 -11.67 52.88
N THR C 689 5.28 -12.83 52.28
CA THR C 689 4.21 -13.68 51.78
C THR C 689 4.51 -15.13 52.12
N LYS C 690 3.45 -15.92 52.27
CA LYS C 690 3.55 -17.35 52.53
C LYS C 690 4.36 -18.03 51.43
N TYR C 691 4.13 -17.60 50.19
CA TYR C 691 4.78 -18.18 49.01
C TYR C 691 5.40 -17.02 48.22
N PRO C 692 6.70 -16.75 48.38
CA PRO C 692 7.27 -15.56 47.74
C PRO C 692 7.62 -15.76 46.28
N VAL C 693 7.89 -16.99 45.87
CA VAL C 693 8.45 -17.21 44.54
C VAL C 693 7.33 -17.35 43.51
N VAL C 694 6.16 -17.85 43.93
CA VAL C 694 4.99 -17.80 43.07
C VAL C 694 4.60 -16.35 42.82
N PHE C 695 4.77 -15.50 43.84
CA PHE C 695 4.39 -14.10 43.75
C PHE C 695 5.19 -13.40 42.66
N ILE C 696 6.50 -13.61 42.64
CA ILE C 696 7.36 -12.95 41.65
C ILE C 696 7.11 -13.48 40.26
N ILE C 697 6.79 -14.77 40.14
CA ILE C 697 6.52 -15.36 38.83
C ILE C 697 5.28 -14.73 38.22
N LEU C 698 4.36 -14.24 39.05
CA LEU C 698 3.11 -13.69 38.54
C LEU C 698 3.29 -12.25 38.07
N LEU C 699 3.98 -11.43 38.86
CA LEU C 699 4.22 -10.05 38.45
C LEU C 699 4.98 -9.98 37.14
N VAL C 700 5.89 -10.91 36.91
CA VAL C 700 6.65 -10.91 35.67
C VAL C 700 5.75 -11.24 34.50
N THR C 701 4.80 -12.15 34.71
CA THR C 701 3.82 -12.46 33.68
C THR C 701 2.86 -11.31 33.48
N TYR C 702 2.76 -10.40 34.46
CA TYR C 702 1.89 -9.24 34.35
C TYR C 702 2.59 -8.18 33.51
N ILE C 703 3.89 -8.02 33.70
CA ILE C 703 4.67 -7.07 32.93
C ILE C 703 4.69 -7.51 31.47
N ILE C 704 5.06 -8.77 31.24
CA ILE C 704 5.20 -9.31 29.89
C ILE C 704 3.89 -9.18 29.13
N LEU C 705 2.79 -9.51 29.78
CA LEU C 705 1.51 -9.49 29.09
C LEU C 705 0.96 -8.08 28.97
N THR C 706 1.06 -7.29 30.03
CA THR C 706 0.42 -5.99 30.06
C THR C 706 1.28 -4.86 29.52
N PHE C 707 2.58 -4.84 29.79
CA PHE C 707 3.47 -3.81 29.25
C PHE C 707 4.07 -4.25 27.92
N VAL C 708 4.83 -5.34 27.92
CA VAL C 708 5.61 -5.74 26.76
C VAL C 708 4.71 -6.09 25.58
N LEU C 709 3.49 -6.54 25.86
CA LEU C 709 2.65 -7.15 24.86
C LEU C 709 1.36 -6.37 24.60
N LEU C 710 0.69 -5.89 25.65
CA LEU C 710 -0.57 -5.19 25.41
C LEU C 710 -0.36 -3.71 25.11
N LEU C 711 0.46 -3.03 25.90
CA LEU C 711 0.64 -1.60 25.71
C LEU C 711 1.47 -1.27 24.48
N ASN C 712 2.36 -2.17 24.07
CA ASN C 712 3.12 -1.94 22.84
C ASN C 712 2.35 -2.42 21.63
N MET C 713 1.43 -3.35 21.81
CA MET C 713 0.44 -3.64 20.78
C MET C 713 -0.52 -2.48 20.61
N LEU C 714 -0.71 -1.70 21.67
CA LEU C 714 -1.64 -0.58 21.62
C LEU C 714 -1.08 0.52 20.73
N ILE C 715 0.22 0.74 20.81
CA ILE C 715 0.90 1.64 19.88
C ILE C 715 0.69 1.15 18.45
N ALA C 716 0.89 -0.14 18.24
CA ALA C 716 0.73 -0.74 16.93
C ALA C 716 -0.67 -0.53 16.38
N LEU C 717 -1.69 -0.72 17.21
CA LEU C 717 -3.06 -0.58 16.75
C LEU C 717 -3.38 0.85 16.37
N MET C 718 -2.92 1.82 17.17
CA MET C 718 -3.05 3.22 16.79
C MET C 718 -2.48 3.47 15.41
N GLY C 719 -1.31 2.91 15.11
CA GLY C 719 -0.71 3.08 13.81
C GLY C 719 -1.59 2.56 12.68
N GLU C 720 -2.36 1.53 12.97
CA GLU C 720 -3.33 1.03 12.00
C GLU C 720 -4.54 1.93 11.95
N THR C 721 -4.93 2.47 13.11
CA THR C 721 -6.03 3.41 13.14
C THR C 721 -5.69 4.66 12.34
N VAL C 722 -4.63 5.37 12.72
CA VAL C 722 -4.32 6.66 12.11
C VAL C 722 -4.07 6.51 10.61
N GLY C 723 -3.61 5.33 10.19
CA GLY C 723 -3.44 5.09 8.78
C GLY C 723 -4.75 4.90 8.06
N GLN C 724 -5.72 4.29 8.75
CA GLN C 724 -7.04 4.05 8.17
C GLN C 724 -7.92 5.29 8.20
N VAL C 725 -7.90 6.04 9.31
CA VAL C 725 -8.85 7.11 9.53
C VAL C 725 -8.28 8.48 9.22
N SER C 726 -7.09 8.56 8.60
CA SER C 726 -6.56 9.85 8.22
C SER C 726 -7.44 10.53 7.20
N LYS C 727 -7.63 9.88 6.04
CA LYS C 727 -8.50 10.42 5.00
C LYS C 727 -9.92 10.64 5.52
N GLU C 728 -10.46 9.65 6.23
CA GLU C 728 -11.78 9.78 6.83
C GLU C 728 -11.85 10.94 7.81
N SER C 729 -10.72 11.33 8.39
CA SER C 729 -10.71 12.45 9.33
C SER C 729 -10.57 13.77 8.59
N LYS C 730 -9.98 13.75 7.40
CA LYS C 730 -9.99 14.93 6.55
C LYS C 730 -11.40 15.26 6.12
N HIS C 731 -12.22 14.24 5.88
CA HIS C 731 -13.54 14.43 5.34
C HIS C 731 -14.52 14.87 6.42
N ILE C 732 -14.36 14.34 7.63
CA ILE C 732 -15.16 14.79 8.76
C ILE C 732 -14.92 16.26 9.01
N TRP C 733 -13.65 16.67 9.07
CA TRP C 733 -13.31 18.06 9.32
C TRP C 733 -14.01 19.00 8.36
N LYS C 734 -14.16 18.58 7.11
CA LYS C 734 -14.86 19.41 6.13
C LYS C 734 -16.33 19.56 6.51
N LEU C 735 -16.89 18.54 7.15
CA LEU C 735 -18.23 18.64 7.69
C LEU C 735 -18.23 19.50 8.95
N GLN C 736 -17.23 19.31 9.81
CA GLN C 736 -17.05 20.17 10.97
C GLN C 736 -16.96 21.63 10.57
N TRP C 737 -16.02 21.92 9.68
CA TRP C 737 -15.75 23.27 9.24
C TRP C 737 -16.99 23.93 8.64
N ALA C 738 -17.70 23.20 7.78
CA ALA C 738 -18.90 23.76 7.18
C ALA C 738 -19.99 24.00 8.21
N THR C 739 -20.15 23.06 9.14
CA THR C 739 -21.10 23.25 10.23
C THR C 739 -20.76 24.47 11.06
N THR C 740 -19.46 24.73 11.23
CA THR C 740 -19.03 25.91 11.98
C THR C 740 -19.46 27.19 11.29
N ILE C 741 -19.34 27.22 9.96
CA ILE C 741 -19.65 28.42 9.21
C ILE C 741 -21.14 28.75 9.31
N LEU C 742 -21.98 27.73 9.15
CA LEU C 742 -23.42 27.97 9.13
C LEU C 742 -23.97 28.21 10.53
N ASP C 743 -23.35 27.64 11.56
CA ASP C 743 -23.75 27.96 12.91
C ASP C 743 -23.52 29.43 13.22
N ILE C 744 -22.47 29.99 12.61
CA ILE C 744 -22.21 31.42 12.73
C ILE C 744 -23.24 32.21 11.94
N GLU C 745 -23.41 31.84 10.67
CA GLU C 745 -24.32 32.52 9.77
C GLU C 745 -25.74 32.55 10.29
N ARG C 746 -26.25 31.40 10.74
CA ARG C 746 -27.58 31.33 11.29
C ARG C 746 -27.74 32.22 12.51
N SER C 747 -26.65 32.44 13.23
CA SER C 747 -26.67 33.27 14.42
C SER C 747 -26.72 34.76 14.10
N PHE C 748 -26.75 35.14 12.83
CA PHE C 748 -26.82 36.53 12.41
C PHE C 748 -28.28 36.90 12.11
N PRO C 749 -28.63 38.17 12.17
CA PRO C 749 -29.90 38.60 11.58
C PRO C 749 -29.84 38.51 10.07
N VAL C 750 -31.02 38.59 9.46
CA VAL C 750 -31.13 38.32 8.03
C VAL C 750 -30.48 39.40 7.20
N PHE C 751 -30.66 40.67 7.57
CA PHE C 751 -30.09 41.76 6.78
C PHE C 751 -28.57 41.67 6.75
N LEU C 752 -27.96 41.17 7.83
CA LEU C 752 -26.52 41.02 7.87
C LEU C 752 -26.08 39.85 7.00
N ARG C 753 -26.90 38.79 6.95
CA ARG C 753 -26.61 37.68 6.07
C ARG C 753 -26.73 38.08 4.61
N LYS C 754 -27.62 39.01 4.29
CA LYS C 754 -27.75 39.48 2.92
C LYS C 754 -26.61 40.43 2.57
N ALA C 755 -26.06 41.14 3.55
CA ALA C 755 -24.89 41.95 3.31
C ALA C 755 -23.70 41.09 2.94
N PHE C 756 -23.52 39.98 3.66
CA PHE C 756 -22.50 38.99 3.34
C PHE C 756 -22.95 37.99 2.28
N ARG C 757 -24.04 38.26 1.56
CA ARG C 757 -24.54 37.34 0.55
C ARG C 757 -23.46 37.04 -0.46
N SER C 758 -23.23 35.77 -0.72
CA SER C 758 -22.13 35.30 -1.55
C SER C 758 -22.63 35.07 -2.97
N GLY C 759 -21.87 35.56 -3.92
CA GLY C 759 -22.25 35.56 -5.32
C GLY C 759 -22.59 36.95 -5.78
N GLU C 760 -22.92 37.04 -7.07
CA GLU C 760 -23.23 38.32 -7.69
C GLU C 760 -24.52 38.18 -8.49
N MET C 761 -25.35 39.23 -8.47
CA MET C 761 -26.56 39.25 -9.26
C MET C 761 -26.21 39.35 -10.73
N VAL C 762 -26.95 38.61 -11.55
CA VAL C 762 -26.67 38.53 -12.99
C VAL C 762 -27.98 38.42 -13.76
N THR C 763 -28.04 39.10 -14.91
CA THR C 763 -29.06 38.83 -15.92
C THR C 763 -28.55 37.69 -16.80
N VAL C 764 -28.88 36.46 -16.42
CA VAL C 764 -28.40 35.32 -17.20
C VAL C 764 -29.11 35.23 -18.53
N GLY C 765 -30.38 35.63 -18.58
CA GLY C 765 -31.10 35.59 -19.83
C GLY C 765 -32.45 36.26 -19.68
N LYS C 766 -33.24 36.14 -20.73
CA LYS C 766 -34.56 36.74 -20.81
C LYS C 766 -35.64 35.70 -20.55
N SER C 767 -36.70 36.13 -19.88
CA SER C 767 -37.78 35.26 -19.41
C SER C 767 -39.11 35.98 -19.61
N SER C 768 -40.17 35.54 -18.90
CA SER C 768 -41.57 35.87 -19.16
C SER C 768 -41.83 37.30 -19.62
N ASP C 769 -42.40 37.43 -20.81
CA ASP C 769 -42.62 38.73 -21.46
C ASP C 769 -41.35 39.57 -21.50
N GLY C 770 -40.21 38.91 -21.71
CA GLY C 770 -38.94 39.62 -21.80
C GLY C 770 -38.34 39.98 -20.45
N THR C 771 -39.03 39.64 -19.35
CA THR C 771 -38.52 39.88 -18.02
C THR C 771 -37.19 39.12 -17.86
N PRO C 772 -36.10 39.77 -17.39
CA PRO C 772 -34.84 39.02 -17.25
C PRO C 772 -34.85 38.04 -16.10
N ASP C 773 -33.83 37.20 -16.04
CA ASP C 773 -33.59 36.29 -14.92
C ASP C 773 -32.60 36.94 -13.96
N ARG C 774 -33.08 37.40 -12.82
CA ARG C 774 -32.23 38.01 -11.80
C ARG C 774 -31.79 36.96 -10.81
N ARG C 775 -30.88 36.11 -11.23
CA ARG C 775 -30.42 34.98 -10.44
C ARG C 775 -29.06 35.31 -9.84
N TRP C 776 -28.98 35.27 -8.51
CA TRP C 776 -27.67 35.30 -7.86
C TRP C 776 -26.87 34.11 -8.33
N CYS C 777 -25.59 34.34 -8.59
CA CYS C 777 -24.75 33.30 -9.15
C CYS C 777 -23.33 33.48 -8.64
N PHE C 778 -22.50 32.48 -8.95
CA PHE C 778 -21.17 32.32 -8.38
C PHE C 778 -20.22 31.97 -9.49
N ARG C 779 -19.33 32.90 -9.85
CA ARG C 779 -18.44 32.66 -10.98
C ARG C 779 -17.33 31.70 -10.60
N VAL C 780 -16.98 30.83 -11.55
CA VAL C 780 -15.89 29.90 -11.39
C VAL C 780 -15.10 29.85 -12.69
N ASP C 781 -14.02 30.61 -12.76
CA ASP C 781 -13.16 30.59 -13.94
C ASP C 781 -12.42 29.27 -14.05
N GLU C 782 -12.19 28.87 -15.30
CA GLU C 782 -11.69 27.53 -15.59
C GLU C 782 -10.86 27.60 -16.87
N VAL C 783 -9.98 26.61 -17.02
CA VAL C 783 -9.10 26.53 -18.18
C VAL C 783 -9.06 25.08 -18.64
N ASN C 784 -9.23 24.86 -19.93
CA ASN C 784 -8.90 23.61 -20.59
C ASN C 784 -8.25 23.94 -21.92
N TRP C 785 -7.02 23.46 -22.12
CA TRP C 785 -6.35 23.61 -23.40
C TRP C 785 -6.67 22.41 -24.28
N SER C 786 -7.95 22.00 -24.36
CA SER C 786 -8.33 20.85 -25.17
C SER C 786 -9.55 21.05 -26.05
N HIS C 787 -10.61 21.68 -25.53
CA HIS C 787 -11.88 21.73 -26.27
C HIS C 787 -12.03 23.07 -26.99
N TRP C 788 -11.16 23.30 -27.96
CA TRP C 788 -11.19 24.49 -28.80
C TRP C 788 -12.53 24.65 -29.51
N VAL D 148 -29.68 59.10 -39.13
CA VAL D 148 -30.27 57.82 -39.61
C VAL D 148 -29.62 56.67 -38.85
N PHE D 149 -28.30 56.76 -38.67
CA PHE D 149 -27.51 55.73 -37.99
C PHE D 149 -26.78 56.37 -36.82
N ASN D 150 -27.29 56.16 -35.62
CA ASN D 150 -26.70 56.64 -34.39
C ASN D 150 -25.74 55.56 -33.87
N ARG D 151 -25.16 55.79 -32.69
CA ARG D 151 -24.28 54.79 -32.11
C ARG D 151 -25.07 53.51 -31.83
N PRO D 152 -26.12 53.50 -31.00
CA PRO D 152 -26.78 52.21 -30.70
C PRO D 152 -27.38 51.52 -31.92
N ILE D 153 -27.67 52.27 -32.98
CA ILE D 153 -28.32 51.72 -34.17
C ILE D 153 -27.41 50.68 -34.82
N LEU D 154 -26.18 51.09 -35.14
CA LEU D 154 -25.31 50.21 -35.90
C LEU D 154 -24.89 48.98 -35.11
N PHE D 155 -24.51 49.16 -33.84
CA PHE D 155 -24.01 48.05 -33.04
C PHE D 155 -25.06 46.95 -32.90
N ASP D 156 -26.34 47.31 -33.01
CA ASP D 156 -27.38 46.31 -33.16
C ASP D 156 -27.27 45.60 -34.51
N ILE D 157 -27.25 46.38 -35.59
CA ILE D 157 -27.32 45.87 -36.96
C ILE D 157 -26.19 44.90 -37.22
N VAL D 158 -24.96 45.31 -36.87
CA VAL D 158 -23.81 44.44 -37.08
C VAL D 158 -23.85 43.25 -36.12
N SER D 159 -24.31 43.47 -34.88
CA SER D 159 -24.48 42.36 -33.95
C SER D 159 -25.52 41.36 -34.45
N ARG D 160 -26.52 41.84 -35.18
CA ARG D 160 -27.48 40.97 -35.83
C ARG D 160 -26.91 40.28 -37.05
N GLY D 161 -25.84 40.81 -37.64
CA GLY D 161 -25.13 40.16 -38.71
C GLY D 161 -25.99 39.87 -39.93
N SER D 162 -26.46 40.92 -40.59
CA SER D 162 -27.35 40.80 -41.75
C SER D 162 -27.14 42.05 -42.60
N THR D 163 -26.52 41.86 -43.76
CA THR D 163 -26.00 42.97 -44.56
C THR D 163 -27.03 43.52 -45.53
N ALA D 164 -28.22 43.85 -45.02
CA ALA D 164 -29.28 44.47 -45.81
C ALA D 164 -29.75 45.74 -45.14
N ASP D 165 -29.85 45.72 -43.81
CA ASP D 165 -30.34 46.87 -43.06
C ASP D 165 -29.28 47.96 -42.99
N LEU D 166 -28.01 47.58 -43.09
CA LEU D 166 -26.91 48.54 -43.04
C LEU D 166 -26.75 49.33 -44.34
N ASP D 167 -27.18 48.77 -45.46
CA ASP D 167 -26.94 49.41 -46.75
C ASP D 167 -27.66 50.75 -46.83
N GLY D 168 -26.91 51.77 -47.21
CA GLY D 168 -27.39 53.14 -47.24
C GLY D 168 -26.63 54.03 -46.27
N LEU D 169 -26.03 53.42 -45.23
CA LEU D 169 -25.15 54.19 -44.36
C LEU D 169 -23.92 54.68 -45.11
N LEU D 170 -23.57 54.00 -46.22
CA LEU D 170 -22.43 54.44 -47.02
C LEU D 170 -22.71 55.85 -47.56
N PRO D 171 -23.69 56.11 -48.45
CA PRO D 171 -23.87 57.49 -48.90
C PRO D 171 -24.26 58.46 -47.79
N PHE D 172 -24.95 57.99 -46.75
CA PHE D 172 -25.34 58.87 -45.66
C PHE D 172 -24.12 59.47 -44.98
N LEU D 173 -23.15 58.61 -44.67
CA LEU D 173 -21.98 59.06 -43.92
C LEU D 173 -21.09 59.95 -44.76
N LEU D 174 -20.97 59.67 -46.07
CA LEU D 174 -20.14 60.47 -46.96
C LEU D 174 -20.59 61.93 -47.02
N THR D 175 -21.88 62.18 -46.82
CA THR D 175 -22.42 63.53 -46.97
C THR D 175 -22.18 64.39 -45.73
N HIS D 176 -22.41 63.82 -44.55
CA HIS D 176 -22.41 64.58 -43.30
C HIS D 176 -20.99 64.79 -42.75
N LYS D 177 -19.97 64.50 -43.56
CA LYS D 177 -18.58 64.73 -43.16
C LYS D 177 -18.23 63.95 -41.90
N LYS D 178 -18.26 62.63 -41.98
CA LYS D 178 -17.95 61.77 -40.86
C LYS D 178 -17.00 60.67 -41.32
N ARG D 179 -16.43 59.97 -40.33
CA ARG D 179 -15.69 58.72 -40.54
C ARG D 179 -16.07 57.83 -39.37
N LEU D 180 -16.23 56.52 -39.63
CA LEU D 180 -16.79 55.59 -38.67
C LEU D 180 -16.09 55.65 -37.31
N THR D 181 -14.78 55.89 -37.34
CA THR D 181 -13.96 55.99 -36.14
C THR D 181 -14.32 57.17 -35.23
N ASP D 182 -15.12 58.12 -35.72
CA ASP D 182 -15.43 59.35 -34.99
C ASP D 182 -16.00 59.07 -33.60
N GLU D 183 -15.66 59.94 -32.65
CA GLU D 183 -15.86 59.71 -31.22
C GLU D 183 -17.31 59.41 -30.86
N GLU D 184 -18.25 60.16 -31.42
CA GLU D 184 -19.65 60.05 -31.03
C GLU D 184 -20.39 59.02 -31.88
N PHE D 185 -19.66 58.04 -32.39
CA PHE D 185 -20.24 56.88 -33.05
C PHE D 185 -19.71 55.58 -32.44
N ARG D 186 -18.60 55.65 -31.70
CA ARG D 186 -18.01 54.50 -31.02
C ARG D 186 -18.32 54.57 -29.54
N GLU D 187 -18.25 53.41 -28.87
CA GLU D 187 -18.67 53.27 -27.49
C GLU D 187 -17.85 54.19 -26.57
N PRO D 188 -18.43 54.72 -25.48
CA PRO D 188 -17.66 55.65 -24.65
C PRO D 188 -16.70 54.97 -23.68
N SER D 189 -17.06 53.77 -23.23
CA SER D 189 -16.29 53.12 -22.18
C SER D 189 -15.04 52.46 -22.74
N THR D 190 -15.21 51.49 -23.62
CA THR D 190 -14.08 50.75 -24.18
C THR D 190 -13.38 51.55 -25.26
N GLY D 191 -14.12 51.86 -26.31
CA GLY D 191 -13.58 52.41 -27.53
C GLY D 191 -13.91 51.54 -28.72
N LYS D 192 -14.90 50.67 -28.56
CA LYS D 192 -15.25 49.70 -29.57
C LYS D 192 -15.98 50.37 -30.74
N THR D 193 -15.73 49.82 -31.93
CA THR D 193 -16.33 50.29 -33.17
C THR D 193 -17.13 49.14 -33.76
N CYS D 194 -17.61 49.34 -34.99
CA CYS D 194 -18.43 48.33 -35.65
C CYS D 194 -17.67 47.03 -35.84
N LEU D 195 -16.42 47.12 -36.27
CA LEU D 195 -15.71 45.94 -36.76
C LEU D 195 -15.45 44.90 -35.68
N PRO D 196 -15.04 45.27 -34.45
CA PRO D 196 -14.99 44.27 -33.38
C PRO D 196 -16.35 43.60 -33.15
N LYS D 197 -17.39 44.42 -32.98
CA LYS D 197 -18.73 43.93 -32.67
C LYS D 197 -19.21 42.91 -33.71
N ALA D 198 -18.77 43.06 -34.95
CA ALA D 198 -19.04 42.07 -35.99
C ALA D 198 -18.36 40.77 -35.65
N LEU D 199 -17.10 40.85 -35.25
CA LEU D 199 -16.28 39.66 -35.04
C LEU D 199 -16.61 38.96 -33.73
N LEU D 200 -16.87 39.73 -32.68
CA LEU D 200 -17.25 39.14 -31.40
C LEU D 200 -18.54 38.34 -31.54
N ASN D 201 -19.53 38.92 -32.24
CA ASN D 201 -20.82 38.27 -32.43
C ASN D 201 -20.83 37.48 -33.74
N LEU D 202 -19.67 37.03 -34.19
CA LEU D 202 -19.58 36.14 -35.33
C LEU D 202 -20.33 34.85 -35.04
N SER D 203 -20.91 34.25 -36.08
CA SER D 203 -21.67 33.02 -35.90
C SER D 203 -21.45 32.11 -37.10
N ASN D 204 -21.19 30.84 -36.81
CA ASN D 204 -21.10 29.77 -37.80
C ASN D 204 -19.82 29.86 -38.61
N GLY D 205 -18.91 30.77 -38.25
CA GLY D 205 -17.61 30.86 -38.90
C GLY D 205 -17.47 32.01 -39.87
N ARG D 206 -18.57 32.66 -40.21
CA ARG D 206 -18.55 33.75 -41.19
C ARG D 206 -19.63 34.76 -40.82
N ASN D 207 -19.50 35.96 -41.39
CA ASN D 207 -20.48 37.03 -41.27
C ASN D 207 -20.18 38.05 -42.36
N ASP D 208 -21.13 38.28 -43.27
CA ASP D 208 -20.86 39.06 -44.46
C ASP D 208 -21.03 40.57 -44.26
N THR D 209 -21.31 41.02 -43.03
CA THR D 209 -21.27 42.46 -42.77
C THR D 209 -19.87 43.03 -42.97
N ILE D 210 -18.85 42.27 -42.61
CA ILE D 210 -17.49 42.78 -42.46
C ILE D 210 -16.94 43.23 -43.81
N PRO D 211 -17.02 42.44 -44.90
CA PRO D 211 -16.49 42.96 -46.18
C PRO D 211 -17.18 44.23 -46.66
N VAL D 212 -18.40 44.49 -46.19
CA VAL D 212 -19.10 45.71 -46.61
C VAL D 212 -18.67 46.88 -45.74
N LEU D 213 -18.62 46.70 -44.41
CA LEU D 213 -18.09 47.74 -43.54
C LEU D 213 -16.65 48.07 -43.89
N LEU D 214 -15.88 47.09 -44.37
CA LEU D 214 -14.54 47.38 -44.86
C LEU D 214 -14.60 48.00 -46.25
N ASP D 215 -15.55 47.58 -47.08
CA ASP D 215 -15.76 48.25 -48.36
C ASP D 215 -16.14 49.70 -48.15
N ILE D 216 -16.90 49.96 -47.09
CA ILE D 216 -17.30 51.32 -46.73
C ILE D 216 -16.12 52.07 -46.12
N ALA D 217 -15.14 51.33 -45.59
CA ALA D 217 -14.01 51.96 -44.91
C ALA D 217 -13.14 52.75 -45.88
N GLU D 218 -12.79 52.16 -47.02
CA GLU D 218 -11.91 52.88 -47.96
C GLU D 218 -12.65 54.06 -48.57
N ARG D 219 -13.98 53.97 -48.65
CA ARG D 219 -14.77 55.09 -49.13
C ARG D 219 -14.63 56.28 -48.19
N THR D 220 -14.58 56.02 -46.89
CA THR D 220 -14.23 57.04 -45.91
C THR D 220 -12.73 57.25 -45.81
N GLY D 221 -11.93 56.27 -46.21
CA GLY D 221 -10.48 56.40 -46.19
C GLY D 221 -9.93 56.28 -44.79
N ASN D 222 -10.21 55.16 -44.14
CA ASN D 222 -9.82 54.94 -42.77
C ASN D 222 -9.32 53.52 -42.49
N MET D 223 -9.20 52.68 -43.53
CA MET D 223 -8.72 51.30 -43.40
C MET D 223 -7.53 51.16 -42.46
N ARG D 224 -6.54 52.04 -42.62
CA ARG D 224 -5.41 52.11 -41.72
C ARG D 224 -5.91 52.37 -40.31
N GLU D 225 -6.77 53.37 -40.16
CA GLU D 225 -7.32 53.72 -38.86
C GLU D 225 -8.50 52.83 -38.48
N PHE D 226 -9.03 52.05 -39.43
CA PHE D 226 -10.26 51.31 -39.20
C PHE D 226 -9.98 49.92 -38.69
N ILE D 227 -9.08 49.17 -39.34
CA ILE D 227 -8.53 47.98 -38.68
C ILE D 227 -7.30 48.48 -37.95
N ASN D 228 -7.53 49.25 -36.89
CA ASN D 228 -6.53 49.64 -35.91
C ASN D 228 -7.29 50.38 -34.83
N SER D 229 -7.19 49.96 -33.59
CA SER D 229 -7.84 50.74 -32.54
C SER D 229 -7.36 50.31 -31.16
N PRO D 230 -6.92 51.25 -30.32
CA PRO D 230 -6.74 50.94 -28.90
C PRO D 230 -8.04 51.03 -28.12
N PHE D 231 -8.76 49.92 -27.94
CA PHE D 231 -9.72 49.89 -26.84
C PHE D 231 -8.99 50.45 -25.64
N ARG D 232 -9.38 51.63 -25.16
CA ARG D 232 -8.63 52.25 -24.08
C ARG D 232 -9.18 51.81 -22.73
N ASP D 233 -9.95 50.73 -22.70
CA ASP D 233 -10.36 50.12 -21.45
C ASP D 233 -9.13 49.62 -20.73
N ILE D 234 -9.13 49.78 -19.41
CA ILE D 234 -8.01 49.32 -18.58
C ILE D 234 -8.05 47.81 -18.39
N TYR D 235 -9.04 47.15 -19.03
CA TYR D 235 -8.99 45.70 -19.22
C TYR D 235 -8.67 45.31 -20.66
N TYR D 236 -8.57 46.25 -21.60
CA TYR D 236 -8.34 45.90 -23.00
C TYR D 236 -7.39 46.87 -23.71
N ARG D 237 -6.39 47.39 -23.00
CA ARG D 237 -5.51 48.40 -23.59
C ARG D 237 -4.68 47.86 -24.73
N GLY D 238 -5.30 47.70 -25.89
CA GLY D 238 -4.57 47.52 -27.14
C GLY D 238 -5.22 46.57 -28.11
N GLN D 239 -6.29 45.89 -27.68
CA GLN D 239 -6.93 44.89 -28.51
C GLN D 239 -7.44 45.49 -29.81
N THR D 240 -7.21 44.78 -30.90
CA THR D 240 -7.61 45.20 -32.24
C THR D 240 -8.52 44.13 -32.83
N ALA D 241 -8.94 44.37 -34.07
CA ALA D 241 -9.76 43.40 -34.77
C ALA D 241 -8.96 42.15 -35.13
N LEU D 242 -7.63 42.28 -35.23
CA LEU D 242 -6.81 41.12 -35.58
C LEU D 242 -6.62 40.22 -34.37
N HIS D 243 -6.46 40.80 -33.19
CA HIS D 243 -6.44 40.01 -31.97
C HIS D 243 -7.74 39.23 -31.82
N ILE D 244 -8.84 39.82 -32.26
CA ILE D 244 -10.14 39.16 -32.20
C ILE D 244 -10.24 38.11 -33.31
N ALA D 245 -9.72 38.43 -34.50
CA ALA D 245 -9.86 37.54 -35.64
C ALA D 245 -9.20 36.19 -35.40
N ILE D 246 -8.17 36.17 -34.56
CA ILE D 246 -7.35 34.98 -34.39
C ILE D 246 -7.93 34.12 -33.27
N GLU D 247 -8.25 34.74 -32.13
CA GLU D 247 -8.78 34.00 -31.00
C GLU D 247 -10.13 33.36 -31.29
N ARG D 248 -10.87 33.89 -32.27
CA ARG D 248 -12.09 33.25 -32.73
C ARG D 248 -11.84 32.10 -33.70
N ARG D 249 -10.58 31.77 -33.98
CA ARG D 249 -10.22 30.71 -34.91
C ARG D 249 -10.80 31.00 -36.30
N CYS D 250 -10.82 32.28 -36.67
CA CYS D 250 -11.42 32.72 -37.92
C CYS D 250 -10.32 33.01 -38.94
N LYS D 251 -9.91 31.94 -39.62
CA LYS D 251 -8.83 32.06 -40.60
C LYS D 251 -9.17 33.02 -41.72
N HIS D 252 -10.41 32.97 -42.18
CA HIS D 252 -10.82 33.64 -43.41
C HIS D 252 -10.63 35.15 -43.31
N TYR D 253 -10.92 35.70 -42.14
CA TYR D 253 -10.76 37.14 -41.93
C TYR D 253 -9.35 37.52 -41.50
N VAL D 254 -8.61 36.62 -40.86
CA VAL D 254 -7.23 36.93 -40.51
C VAL D 254 -6.44 37.13 -41.79
N GLU D 255 -6.74 36.31 -42.80
CA GLU D 255 -6.20 36.57 -44.13
C GLU D 255 -6.69 37.91 -44.66
N LEU D 256 -7.94 38.25 -44.40
CA LEU D 256 -8.48 39.53 -44.82
C LEU D 256 -7.77 40.69 -44.13
N LEU D 257 -7.91 40.79 -42.80
CA LEU D 257 -7.58 42.01 -42.07
C LEU D 257 -6.13 42.46 -42.31
N VAL D 258 -5.23 41.50 -42.49
CA VAL D 258 -3.84 41.85 -42.76
C VAL D 258 -3.70 42.32 -44.20
N ALA D 259 -4.55 41.82 -45.10
CA ALA D 259 -4.44 42.13 -46.52
C ALA D 259 -4.65 43.61 -46.80
N GLN D 260 -5.55 44.25 -46.06
CA GLN D 260 -5.74 45.69 -46.18
C GLN D 260 -4.73 46.47 -45.34
N GLY D 261 -3.66 45.81 -44.88
CA GLY D 261 -2.56 46.50 -44.26
C GLY D 261 -2.90 47.12 -42.92
N ALA D 262 -3.25 46.29 -41.95
CA ALA D 262 -3.77 46.82 -40.69
C ALA D 262 -2.69 46.98 -39.61
N ASP D 263 -2.20 45.84 -39.10
CA ASP D 263 -1.13 45.78 -38.11
C ASP D 263 -0.92 44.30 -37.80
N VAL D 264 0.29 43.91 -37.41
CA VAL D 264 0.50 42.59 -36.82
C VAL D 264 1.42 42.71 -35.61
N HIS D 265 1.43 43.88 -34.97
CA HIS D 265 2.37 44.17 -33.89
C HIS D 265 1.71 44.93 -32.74
N ALA D 266 0.40 45.06 -32.76
CA ALA D 266 -0.30 45.83 -31.73
C ALA D 266 -0.16 45.15 -30.38
N GLN D 267 0.29 45.93 -29.39
CA GLN D 267 0.55 45.43 -28.05
C GLN D 267 -0.75 45.42 -27.27
N ALA D 268 -1.37 44.24 -27.16
CA ALA D 268 -2.54 44.07 -26.32
C ALA D 268 -2.16 44.08 -24.84
N ARG D 269 -1.95 45.27 -24.30
CA ARG D 269 -1.37 45.46 -22.97
C ARG D 269 -2.41 45.55 -21.86
N GLY D 270 -3.69 45.26 -22.13
CA GLY D 270 -4.71 45.45 -21.12
C GLY D 270 -4.58 44.46 -19.98
N ARG D 271 -5.04 44.88 -18.80
CA ARG D 271 -4.94 44.10 -17.58
C ARG D 271 -5.50 42.69 -17.74
N PHE D 272 -6.51 42.54 -18.58
CA PHE D 272 -6.96 41.21 -18.98
C PHE D 272 -5.81 40.48 -19.64
N PHE D 273 -5.09 41.20 -20.49
CA PHE D 273 -4.00 40.62 -21.28
C PHE D 273 -2.67 40.75 -20.56
N GLN D 274 -2.66 40.31 -19.31
CA GLN D 274 -1.46 40.28 -18.49
C GLN D 274 -1.39 38.92 -17.84
N PRO D 275 -0.25 38.55 -17.27
CA PRO D 275 -0.19 37.27 -16.55
C PRO D 275 -1.13 37.21 -15.37
N LYS D 276 -1.47 36.00 -14.96
CA LYS D 276 -2.47 35.77 -13.92
C LYS D 276 -2.04 36.26 -12.54
N ASP D 277 -0.76 36.60 -12.38
CA ASP D 277 -0.25 37.16 -11.14
C ASP D 277 -0.25 38.67 -11.11
N GLU D 278 -0.41 39.34 -12.25
CA GLU D 278 -0.67 40.78 -12.30
C GLU D 278 -2.14 41.10 -12.04
N GLY D 279 -2.97 40.09 -11.87
CA GLY D 279 -4.41 40.28 -11.87
C GLY D 279 -4.94 40.28 -13.30
N GLY D 280 -4.75 39.16 -13.97
CA GLY D 280 -5.18 39.01 -15.35
C GLY D 280 -5.62 37.58 -15.58
N TYR D 281 -5.92 37.28 -16.84
CA TYR D 281 -6.49 36.00 -17.21
C TYR D 281 -5.65 35.23 -18.22
N PHE D 282 -5.15 35.89 -19.27
CA PHE D 282 -4.51 35.22 -20.39
C PHE D 282 -3.38 36.06 -20.95
N TYR D 283 -2.15 35.73 -20.57
CA TYR D 283 -0.95 36.24 -21.21
C TYR D 283 -0.59 35.29 -22.35
N PHE D 284 -0.20 35.85 -23.49
CA PHE D 284 0.17 35.08 -24.67
C PHE D 284 1.36 35.71 -25.37
N GLY D 285 2.06 36.60 -24.69
CA GLY D 285 2.83 37.62 -25.36
C GLY D 285 1.94 38.84 -25.35
N GLU D 286 2.03 39.70 -26.35
CA GLU D 286 1.06 40.78 -26.49
C GLU D 286 0.74 41.04 -27.95
N LEU D 287 1.00 40.06 -28.81
CA LEU D 287 1.06 40.28 -30.25
C LEU D 287 0.21 39.25 -30.97
N PRO D 288 -0.27 39.56 -32.18
CA PRO D 288 -1.08 38.56 -32.90
C PRO D 288 -0.33 37.29 -33.23
N LEU D 289 0.94 37.37 -33.59
CA LEU D 289 1.71 36.15 -33.86
C LEU D 289 1.91 35.36 -32.58
N SER D 290 2.16 36.06 -31.47
CA SER D 290 2.35 35.38 -30.21
C SER D 290 1.05 34.75 -29.74
N LEU D 291 -0.09 35.28 -30.20
CA LEU D 291 -1.38 34.71 -29.84
C LEU D 291 -1.64 33.44 -30.64
N ALA D 292 -1.50 33.52 -31.96
CA ALA D 292 -1.82 32.40 -32.83
C ALA D 292 -1.03 31.16 -32.46
N ALA D 293 0.20 31.35 -31.99
CA ALA D 293 0.96 30.25 -31.44
C ALA D 293 0.37 29.79 -30.11
N CYS D 294 0.22 30.71 -29.16
CA CYS D 294 -0.24 30.35 -27.83
C CYS D 294 -1.69 29.88 -27.78
N THR D 295 -2.44 30.02 -28.89
CA THR D 295 -3.84 29.60 -28.96
C THR D 295 -4.05 28.38 -29.86
N ASN D 296 -2.98 27.64 -30.17
CA ASN D 296 -3.06 26.40 -30.93
C ASN D 296 -3.71 26.62 -32.30
N GLN D 297 -3.09 27.49 -33.09
CA GLN D 297 -3.52 27.77 -34.46
C GLN D 297 -2.31 27.76 -35.38
N PRO D 298 -1.83 26.58 -35.77
CA PRO D 298 -0.66 26.52 -36.66
C PRO D 298 -0.86 27.22 -38.00
N HIS D 299 -2.08 27.19 -38.52
CA HIS D 299 -2.34 27.70 -39.86
C HIS D 299 -2.16 29.20 -39.92
N ILE D 300 -2.67 29.91 -38.92
CA ILE D 300 -2.48 31.35 -38.83
C ILE D 300 -1.00 31.68 -38.76
N VAL D 301 -0.27 30.94 -37.93
CA VAL D 301 1.12 31.26 -37.59
C VAL D 301 1.97 31.12 -38.84
N ASN D 302 1.74 30.05 -39.60
CA ASN D 302 2.39 29.88 -40.91
C ASN D 302 2.06 31.07 -41.80
N TYR D 303 0.76 31.38 -41.93
CA TYR D 303 0.32 32.45 -42.81
C TYR D 303 0.93 33.80 -42.43
N LEU D 304 0.79 34.19 -41.16
CA LEU D 304 1.21 35.51 -40.71
C LEU D 304 2.67 35.81 -41.04
N THR D 305 3.48 34.76 -41.12
CA THR D 305 4.88 34.92 -41.51
C THR D 305 5.03 35.04 -43.02
N GLU D 306 4.66 33.99 -43.76
CA GLU D 306 4.75 34.01 -45.22
C GLU D 306 3.39 34.42 -45.80
N ASN D 307 2.96 35.61 -45.41
CA ASN D 307 1.85 36.32 -46.04
C ASN D 307 2.46 37.42 -46.91
N PRO D 308 1.82 37.80 -48.03
CA PRO D 308 2.44 38.80 -48.92
C PRO D 308 2.56 40.20 -48.32
N HIS D 309 1.45 40.79 -47.87
CA HIS D 309 1.37 42.23 -47.64
C HIS D 309 2.33 42.72 -46.57
N LYS D 310 2.09 42.33 -45.33
CA LYS D 310 2.98 42.59 -44.20
C LYS D 310 3.24 41.25 -43.53
N LYS D 311 4.24 41.19 -42.66
CA LYS D 311 4.48 39.98 -41.90
C LYS D 311 5.12 40.31 -40.56
N ALA D 312 4.63 39.67 -39.51
CA ALA D 312 5.27 39.81 -38.21
C ALA D 312 6.52 38.95 -38.17
N ASP D 313 7.66 39.61 -37.98
CA ASP D 313 8.90 38.88 -37.75
C ASP D 313 8.77 38.10 -36.46
N MET D 314 9.46 36.97 -36.39
CA MET D 314 9.43 36.12 -35.20
C MET D 314 10.35 36.65 -34.10
N ARG D 315 10.95 37.82 -34.31
CA ARG D 315 11.83 38.44 -33.35
C ARG D 315 11.15 39.42 -32.42
N ARG D 316 9.96 39.88 -32.73
CA ARG D 316 9.43 41.07 -32.06
C ARG D 316 9.19 40.79 -30.59
N GLN D 317 9.58 41.74 -29.76
CA GLN D 317 9.45 41.64 -28.31
C GLN D 317 8.21 42.41 -27.90
N ASP D 318 7.44 41.84 -26.98
CA ASP D 318 6.36 42.58 -26.34
C ASP D 318 6.91 43.58 -25.34
N SER D 319 6.04 44.15 -24.52
CA SER D 319 6.44 45.18 -23.56
C SER D 319 7.15 44.62 -22.33
N ARG D 320 7.51 43.34 -22.35
CA ARG D 320 8.40 42.73 -21.37
C ARG D 320 9.70 42.22 -21.96
N GLY D 321 9.93 42.37 -23.26
CA GLY D 321 11.02 41.72 -23.92
C GLY D 321 10.66 40.37 -24.49
N ASN D 322 9.55 39.79 -24.05
CA ASN D 322 9.24 38.41 -24.37
C ASN D 322 8.76 38.25 -25.79
N THR D 323 9.46 37.41 -26.54
CA THR D 323 9.08 37.04 -27.88
C THR D 323 8.08 35.88 -27.81
N VAL D 324 7.78 35.29 -28.96
CA VAL D 324 6.80 34.21 -29.03
C VAL D 324 7.24 33.02 -28.18
N LEU D 325 8.52 32.68 -28.18
CA LEU D 325 8.95 31.50 -27.43
C LEU D 325 8.94 31.76 -25.94
N HIS D 326 9.32 32.97 -25.53
CA HIS D 326 9.13 33.39 -24.15
C HIS D 326 7.68 33.22 -23.71
N ALA D 327 6.75 33.47 -24.63
CA ALA D 327 5.34 33.44 -24.30
C ALA D 327 4.76 32.04 -24.27
N LEU D 328 5.27 31.14 -25.10
CA LEU D 328 4.90 29.74 -25.01
C LEU D 328 5.33 29.11 -23.70
N VAL D 329 6.40 29.62 -23.09
CA VAL D 329 6.80 29.16 -21.78
C VAL D 329 5.89 29.72 -20.70
N ALA D 330 5.20 30.83 -20.97
CA ALA D 330 4.33 31.46 -19.99
C ALA D 330 2.95 30.80 -19.92
N ILE D 331 2.57 30.03 -20.93
CA ILE D 331 1.24 29.44 -21.04
C ILE D 331 1.30 27.94 -20.90
N ALA D 332 2.49 27.35 -20.96
CA ALA D 332 2.66 25.91 -20.84
C ALA D 332 2.48 25.55 -19.38
N ASP D 333 1.39 24.85 -19.08
CA ASP D 333 1.35 24.02 -17.89
C ASP D 333 1.89 22.65 -18.22
N ASN D 334 2.24 21.93 -17.16
CA ASN D 334 2.85 20.62 -17.31
C ASN D 334 1.82 19.50 -17.41
N THR D 335 0.87 19.68 -18.32
CA THR D 335 -0.14 18.68 -18.64
C THR D 335 0.20 18.06 -19.98
N ARG D 336 -0.44 16.94 -20.29
CA ARG D 336 -0.19 16.25 -21.54
C ARG D 336 -0.56 17.12 -22.72
N GLU D 337 -1.79 17.62 -22.74
CA GLU D 337 -2.31 18.34 -23.90
C GLU D 337 -1.59 19.67 -24.10
N ASN D 338 -1.27 20.36 -23.01
CA ASN D 338 -0.56 21.63 -23.10
C ASN D 338 0.87 21.44 -23.59
N THR D 339 1.61 20.53 -22.94
CA THR D 339 3.01 20.33 -23.30
C THR D 339 3.14 19.78 -24.72
N LYS D 340 2.10 19.14 -25.22
CA LYS D 340 2.13 18.65 -26.60
C LYS D 340 2.27 19.80 -27.59
N PHE D 341 1.27 20.68 -27.68
CA PHE D 341 1.28 21.66 -28.77
C PHE D 341 2.18 22.85 -28.49
N VAL D 342 2.76 22.92 -27.28
CA VAL D 342 3.76 23.93 -27.02
C VAL D 342 5.08 23.55 -27.69
N THR D 343 5.47 22.28 -27.54
CA THR D 343 6.74 21.82 -28.08
C THR D 343 6.74 21.80 -29.59
N LYS D 344 5.59 21.50 -30.19
CA LYS D 344 5.47 21.49 -31.65
C LYS D 344 5.77 22.86 -32.23
N MET D 345 5.03 23.87 -31.76
CA MET D 345 5.18 25.21 -32.29
C MET D 345 6.49 25.84 -31.89
N TYR D 346 6.94 25.56 -30.66
CA TYR D 346 8.27 26.00 -30.24
C TYR D 346 9.31 25.59 -31.26
N ASP D 347 9.33 24.31 -31.59
CA ASP D 347 10.21 23.82 -32.65
C ASP D 347 9.94 24.53 -33.97
N LEU D 348 8.70 24.45 -34.45
CA LEU D 348 8.23 25.02 -35.71
C LEU D 348 8.79 26.41 -35.97
N LEU D 349 8.51 27.35 -35.06
CA LEU D 349 9.03 28.70 -35.21
C LEU D 349 10.54 28.73 -35.13
N LEU D 350 11.12 27.91 -34.25
CA LEU D 350 12.56 27.93 -34.08
C LEU D 350 13.27 27.38 -35.30
N LEU D 351 12.77 26.26 -35.83
CA LEU D 351 13.28 25.73 -37.09
C LEU D 351 12.97 26.67 -38.24
N LYS D 352 11.79 27.30 -38.22
CA LYS D 352 11.40 28.23 -39.28
C LYS D 352 12.25 29.49 -39.26
N CYS D 353 12.55 30.01 -38.08
CA CYS D 353 13.34 31.24 -37.98
C CYS D 353 14.81 30.98 -38.26
N ALA D 354 15.20 29.72 -38.45
CA ALA D 354 16.54 29.41 -38.91
C ALA D 354 16.66 29.64 -40.41
N ARG D 355 15.61 29.25 -41.15
CA ARG D 355 15.53 29.49 -42.58
C ARG D 355 15.71 30.99 -42.86
N LEU D 356 14.80 31.80 -42.32
CA LEU D 356 14.96 33.25 -42.34
C LEU D 356 16.08 33.65 -41.41
N PHE D 357 16.58 34.89 -41.57
CA PHE D 357 17.55 35.51 -40.68
C PHE D 357 18.65 34.56 -40.21
N PRO D 358 19.41 33.92 -41.11
CA PRO D 358 20.32 32.84 -40.67
C PRO D 358 21.46 33.36 -39.81
N ASP D 359 21.09 33.79 -38.60
CA ASP D 359 21.91 34.55 -37.67
C ASP D 359 21.47 34.13 -36.26
N SER D 360 21.71 34.98 -35.25
CA SER D 360 21.35 34.74 -33.84
C SER D 360 20.05 33.98 -33.63
N ASN D 361 20.11 32.91 -32.85
CA ASN D 361 18.94 32.07 -32.62
C ASN D 361 17.91 32.83 -31.83
N LEU D 362 16.64 32.64 -32.18
CA LEU D 362 15.56 33.36 -31.53
C LEU D 362 15.42 32.91 -30.09
N GLU D 363 15.86 31.69 -29.79
CA GLU D 363 15.94 31.19 -28.43
C GLU D 363 16.99 31.91 -27.60
N ALA D 364 17.91 32.64 -28.23
CA ALA D 364 18.91 33.42 -27.52
C ALA D 364 18.44 34.82 -27.19
N VAL D 365 17.28 35.24 -27.68
CA VAL D 365 16.80 36.59 -27.46
C VAL D 365 16.42 36.75 -26.01
N LEU D 366 17.26 37.45 -25.26
CA LEU D 366 16.96 37.73 -23.87
C LEU D 366 15.81 38.72 -23.78
N ASN D 367 15.01 38.59 -22.74
CA ASN D 367 13.91 39.51 -22.47
C ASN D 367 14.40 40.60 -21.51
N ASN D 368 13.50 41.42 -20.98
CA ASN D 368 13.88 42.57 -20.17
C ASN D 368 14.14 42.22 -18.71
N ASP D 369 14.34 40.94 -18.41
CA ASP D 369 15.08 40.54 -17.22
C ASP D 369 16.10 39.46 -17.55
N GLY D 370 16.58 39.39 -18.78
CA GLY D 370 17.56 38.41 -19.22
C GLY D 370 16.98 37.10 -19.65
N LEU D 371 16.12 36.51 -18.83
CA LEU D 371 15.84 35.08 -18.87
C LEU D 371 15.33 34.62 -20.21
N SER D 372 16.14 33.85 -20.91
CA SER D 372 15.82 33.20 -22.17
C SER D 372 14.68 32.22 -21.98
N PRO D 373 14.11 31.64 -23.04
CA PRO D 373 12.99 30.73 -22.86
C PRO D 373 13.31 29.50 -22.03
N LEU D 374 14.54 29.02 -22.08
CA LEU D 374 14.95 27.93 -21.21
C LEU D 374 15.11 28.40 -19.77
N MET D 375 15.86 29.48 -19.57
CA MET D 375 15.97 30.09 -18.25
C MET D 375 14.62 30.49 -17.70
N MET D 376 13.69 30.86 -18.58
CA MET D 376 12.38 31.31 -18.15
C MET D 376 11.50 30.14 -17.74
N ALA D 377 11.70 28.99 -18.38
CA ALA D 377 11.03 27.77 -17.96
C ALA D 377 11.60 27.24 -16.66
N ALA D 378 12.91 27.30 -16.49
CA ALA D 378 13.53 26.84 -15.28
C ALA D 378 13.08 27.62 -14.06
N LYS D 379 12.85 28.93 -14.21
CA LYS D 379 12.38 29.75 -13.12
C LYS D 379 10.90 29.55 -12.85
N THR D 380 10.14 29.11 -13.85
CA THR D 380 8.70 28.95 -13.77
C THR D 380 8.25 27.50 -13.68
N GLY D 381 9.18 26.54 -13.74
CA GLY D 381 8.86 25.17 -13.41
C GLY D 381 8.14 24.38 -14.48
N LYS D 382 8.52 24.56 -15.74
CA LYS D 382 7.82 23.97 -16.86
C LYS D 382 8.68 22.84 -17.44
N ILE D 383 8.37 21.62 -17.04
CA ILE D 383 9.21 20.48 -17.37
C ILE D 383 9.10 20.15 -18.86
N GLY D 384 7.89 20.13 -19.39
CA GLY D 384 7.62 19.65 -20.73
C GLY D 384 8.43 20.38 -21.79
N ILE D 385 8.52 21.70 -21.64
CA ILE D 385 9.34 22.49 -22.54
C ILE D 385 10.81 22.41 -22.14
N PHE D 386 11.08 22.43 -20.83
CA PHE D 386 12.45 22.39 -20.35
C PHE D 386 13.14 21.10 -20.78
N GLN D 387 12.47 19.97 -20.58
CA GLN D 387 13.01 18.69 -21.01
C GLN D 387 13.21 18.66 -22.51
N HIS D 388 12.24 19.21 -23.26
CA HIS D 388 12.29 19.18 -24.72
C HIS D 388 13.50 19.94 -25.25
N ILE D 389 13.80 21.10 -24.66
CA ILE D 389 14.85 21.96 -25.18
C ILE D 389 16.21 21.28 -25.06
N ILE D 390 16.45 20.61 -23.93
CA ILE D 390 17.79 20.10 -23.67
C ILE D 390 18.11 18.94 -24.60
N ARG D 391 17.23 17.94 -24.67
CA ARG D 391 17.45 16.79 -25.54
C ARG D 391 16.88 17.06 -26.92
N ARG D 392 17.27 18.19 -27.49
CA ARG D 392 16.80 18.60 -28.81
C ARG D 392 17.83 18.18 -29.84
N GLU D 393 17.47 17.16 -30.63
CA GLU D 393 18.35 16.60 -31.66
C GLU D 393 17.67 16.79 -33.01
N VAL D 394 18.04 17.87 -33.70
CA VAL D 394 17.61 18.10 -35.07
C VAL D 394 18.71 17.58 -35.97
N THR D 395 18.35 17.12 -37.17
CA THR D 395 19.25 16.33 -38.01
C THR D 395 19.61 17.02 -39.32
N ASP D 396 18.67 17.75 -39.92
CA ASP D 396 18.90 18.36 -41.22
C ASP D 396 20.06 19.36 -41.16
N GLU D 397 20.91 19.34 -42.18
CA GLU D 397 22.24 19.93 -42.13
C GLU D 397 22.22 21.41 -41.78
N ASP D 398 21.23 22.13 -42.27
CA ASP D 398 21.12 23.56 -41.99
C ASP D 398 20.92 23.80 -40.50
N THR D 399 19.86 23.20 -39.96
CA THR D 399 19.46 23.42 -38.57
C THR D 399 19.99 22.29 -37.68
N ARG D 400 21.30 22.21 -37.62
CA ARG D 400 21.99 21.33 -36.69
C ARG D 400 22.71 22.10 -35.59
N HIS D 401 22.96 23.39 -35.80
CA HIS D 401 23.43 24.26 -34.73
C HIS D 401 22.36 24.48 -33.68
N LEU D 402 21.10 24.15 -33.99
CA LEU D 402 20.01 24.27 -33.04
C LEU D 402 19.84 23.04 -32.16
N SER D 403 20.63 21.99 -32.37
CA SER D 403 20.53 20.80 -31.55
C SER D 403 21.43 20.92 -30.32
N ARG D 404 20.97 20.30 -29.24
CA ARG D 404 21.70 20.27 -27.98
C ARG D 404 21.96 18.85 -27.49
N LYS D 405 21.70 17.85 -28.30
CA LYS D 405 21.96 16.44 -27.97
C LYS D 405 22.48 15.79 -29.25
N PHE D 406 23.78 15.54 -29.28
CA PHE D 406 24.43 14.98 -30.46
C PHE D 406 24.63 13.48 -30.31
N LYS D 407 25.28 12.87 -31.31
CA LYS D 407 25.35 11.42 -31.46
C LYS D 407 26.79 11.02 -31.77
N ASP D 408 27.70 11.44 -30.88
CA ASP D 408 29.15 11.36 -31.02
C ASP D 408 29.66 10.08 -31.67
N TRP D 409 29.30 8.92 -31.13
CA TRP D 409 29.71 7.65 -31.71
C TRP D 409 28.79 6.54 -31.25
N ALA D 410 28.70 5.51 -32.07
CA ALA D 410 27.94 4.31 -31.77
C ALA D 410 28.71 3.09 -32.27
N TYR D 411 28.51 1.98 -31.59
CA TYR D 411 29.08 0.71 -32.03
C TYR D 411 28.22 -0.44 -31.54
N GLY D 412 27.28 -0.90 -32.37
CA GLY D 412 26.38 -1.92 -31.95
C GLY D 412 25.50 -1.41 -30.83
N PRO D 413 25.18 -2.26 -29.83
CA PRO D 413 24.30 -1.79 -28.75
C PRO D 413 25.06 -1.06 -27.66
N VAL D 414 25.70 0.04 -28.05
CA VAL D 414 26.17 1.04 -27.10
C VAL D 414 26.25 2.33 -27.90
N TYR D 415 25.65 3.39 -27.35
CA TYR D 415 25.39 4.63 -28.08
C TYR D 415 25.82 5.78 -27.21
N SER D 416 26.91 6.45 -27.59
CA SER D 416 27.28 7.66 -26.89
C SER D 416 26.38 8.81 -27.32
N SER D 417 26.47 9.89 -26.57
CA SER D 417 25.63 11.06 -26.78
C SER D 417 26.25 12.19 -26.00
N LEU D 418 25.96 13.41 -26.42
CA LEU D 418 26.78 14.56 -26.08
C LEU D 418 25.89 15.79 -25.93
N TYR D 419 25.59 16.14 -24.69
CA TYR D 419 24.68 17.24 -24.39
C TYR D 419 25.42 18.56 -24.32
N ASP D 420 24.75 19.63 -24.73
CA ASP D 420 25.33 20.97 -24.72
C ASP D 420 25.10 21.63 -23.37
N LEU D 421 26.17 22.17 -22.79
CA LEU D 421 26.17 22.87 -21.52
C LEU D 421 26.45 24.35 -21.67
N SER D 422 26.02 24.94 -22.79
CA SER D 422 26.30 26.34 -23.07
C SER D 422 25.70 27.26 -22.00
N SER D 423 24.45 27.01 -21.63
CA SER D 423 23.80 27.83 -20.62
C SER D 423 23.86 27.18 -19.24
N LEU D 424 23.69 25.85 -19.20
CA LEU D 424 23.62 25.07 -17.97
C LEU D 424 24.78 25.33 -17.03
N ASP D 425 26.00 25.25 -17.57
CA ASP D 425 27.23 25.42 -16.80
C ASP D 425 27.99 26.58 -17.41
N THR D 426 27.98 27.72 -16.72
CA THR D 426 28.72 28.90 -17.13
C THR D 426 29.44 29.41 -15.89
N CYS D 427 30.75 29.21 -15.85
CA CYS D 427 31.50 29.50 -14.64
C CYS D 427 31.63 31.00 -14.47
N GLY D 428 30.68 31.59 -13.75
CA GLY D 428 30.70 33.01 -13.45
C GLY D 428 30.17 33.91 -14.54
N GLU D 429 30.72 33.79 -15.74
CA GLU D 429 30.60 34.85 -16.73
C GLU D 429 29.39 34.66 -17.65
N GLU D 430 28.23 34.39 -17.03
CA GLU D 430 26.92 34.33 -17.70
C GLU D 430 25.91 33.84 -16.65
N ALA D 431 24.63 34.08 -16.90
CA ALA D 431 23.58 33.44 -16.12
C ALA D 431 23.37 32.02 -16.58
N SER D 432 23.02 31.14 -15.64
CA SER D 432 22.92 29.72 -15.91
C SER D 432 21.64 29.14 -15.36
N VAL D 433 21.11 28.16 -16.10
CA VAL D 433 19.91 27.42 -15.72
C VAL D 433 20.09 26.77 -14.36
N LEU D 434 21.28 26.25 -14.10
CA LEU D 434 21.49 25.44 -12.90
C LEU D 434 21.48 26.29 -11.65
N GLU D 435 22.03 27.50 -11.74
CA GLU D 435 21.89 28.46 -10.65
C GLU D 435 20.43 28.80 -10.42
N ILE D 436 19.68 28.96 -11.51
CA ILE D 436 18.28 29.36 -11.40
C ILE D 436 17.46 28.27 -10.73
N LEU D 437 17.56 27.04 -11.25
CA LEU D 437 16.82 25.92 -10.65
C LEU D 437 17.12 25.77 -9.18
N VAL D 438 18.38 25.60 -8.82
CA VAL D 438 18.77 25.32 -7.45
C VAL D 438 18.45 26.47 -6.49
N TYR D 439 18.29 27.70 -6.99
CA TYR D 439 18.05 28.86 -6.14
C TYR D 439 16.71 29.53 -6.43
N ASN D 440 16.45 29.89 -7.68
CA ASN D 440 15.34 30.76 -8.06
C ASN D 440 14.41 30.01 -8.99
N SER D 441 13.44 29.32 -8.43
CA SER D 441 12.52 28.54 -9.25
C SER D 441 11.33 28.11 -8.40
N LYS D 442 10.49 27.26 -9.00
CA LYS D 442 9.35 26.73 -8.30
C LYS D 442 9.75 25.47 -7.55
N ILE D 443 9.53 25.49 -6.24
CA ILE D 443 10.02 24.44 -5.37
C ILE D 443 9.17 23.18 -5.54
N GLU D 444 7.98 23.32 -6.11
CA GLU D 444 7.03 22.22 -6.22
C GLU D 444 7.49 21.11 -7.17
N ASN D 445 8.32 21.44 -8.16
CA ASN D 445 8.79 20.49 -9.16
C ASN D 445 10.28 20.64 -9.44
N ARG D 446 11.01 21.28 -8.52
CA ARG D 446 12.43 21.51 -8.73
C ARG D 446 13.24 20.22 -8.71
N HIS D 447 12.66 19.15 -8.16
CA HIS D 447 13.35 17.87 -8.11
C HIS D 447 13.27 17.15 -9.45
N GLU D 448 12.17 17.37 -10.18
CA GLU D 448 12.06 16.85 -11.53
C GLU D 448 12.92 17.62 -12.52
N MET D 449 13.27 18.86 -12.19
CA MET D 449 14.13 19.66 -13.05
C MET D 449 15.58 19.26 -12.91
N LEU D 450 15.99 18.91 -11.69
CA LEU D 450 17.37 18.49 -11.42
C LEU D 450 17.55 16.99 -11.60
N ALA D 451 16.60 16.34 -12.27
CA ALA D 451 16.65 14.91 -12.49
C ALA D 451 16.48 14.60 -13.95
N VAL D 452 17.06 15.44 -14.81
CA VAL D 452 17.05 15.26 -16.25
C VAL D 452 18.49 15.34 -16.71
N GLU D 453 18.67 15.37 -18.01
CA GLU D 453 19.71 14.62 -18.69
C GLU D 453 21.15 14.88 -18.22
N PRO D 454 21.77 16.07 -18.37
CA PRO D 454 23.06 16.26 -17.69
C PRO D 454 22.98 16.67 -16.24
N ILE D 455 21.85 17.21 -15.79
CA ILE D 455 21.83 17.99 -14.57
C ILE D 455 22.19 17.13 -13.37
N ASN D 456 21.73 15.89 -13.38
CA ASN D 456 22.04 14.97 -12.29
C ASN D 456 23.51 14.56 -12.33
N GLU D 457 24.02 14.26 -13.52
CA GLU D 457 25.40 13.81 -13.65
C GLU D 457 26.36 14.99 -13.68
N LEU D 458 25.85 16.21 -13.86
CA LEU D 458 26.70 17.40 -13.87
C LEU D 458 26.99 17.87 -12.45
N LEU D 459 26.04 17.64 -11.54
CA LEU D 459 26.25 17.97 -10.14
C LEU D 459 27.09 16.90 -9.46
N ARG D 460 26.84 15.65 -9.80
CA ARG D 460 27.62 14.55 -9.27
C ARG D 460 29.08 14.69 -9.67
N ASP D 461 29.34 15.22 -10.86
CA ASP D 461 30.71 15.43 -11.32
C ASP D 461 31.39 16.52 -10.51
N LYS D 462 30.66 17.60 -10.21
CA LYS D 462 31.21 18.65 -9.35
C LYS D 462 31.46 18.13 -7.95
N TRP D 463 30.62 17.20 -7.49
CA TRP D 463 30.80 16.62 -6.16
C TRP D 463 32.10 15.83 -6.08
N ARG D 464 32.45 15.12 -7.14
CA ARG D 464 33.71 14.42 -7.22
C ARG D 464 34.89 15.37 -7.13
N LYS D 465 34.96 16.31 -8.07
CA LYS D 465 36.08 17.23 -8.20
C LYS D 465 36.34 18.03 -6.92
N PHE D 466 35.41 18.91 -6.56
CA PHE D 466 35.57 19.83 -5.46
C PHE D 466 34.45 19.80 -4.44
N GLY D 467 33.26 19.40 -4.84
CA GLY D 467 32.11 19.52 -3.98
C GLY D 467 32.21 18.69 -2.73
N ALA D 468 32.59 17.43 -2.89
CA ALA D 468 32.72 16.54 -1.75
C ALA D 468 33.83 17.00 -0.82
N VAL D 469 35.00 17.28 -1.39
CA VAL D 469 36.16 17.66 -0.60
C VAL D 469 35.85 18.89 0.23
N SER D 470 35.56 20.01 -0.44
CA SER D 470 35.39 21.28 0.24
C SER D 470 34.29 21.22 1.30
N PHE D 471 33.28 20.38 1.08
CA PHE D 471 32.24 20.21 2.09
C PHE D 471 32.79 19.56 3.35
N TYR D 472 33.70 18.59 3.19
CA TYR D 472 34.25 17.90 4.34
C TYR D 472 35.42 18.63 4.97
N ILE D 473 35.85 19.77 4.40
CA ILE D 473 36.66 20.73 5.15
C ILE D 473 35.76 21.65 5.95
N ASN D 474 34.61 22.00 5.37
CA ASN D 474 33.67 22.86 6.07
C ASN D 474 33.17 22.21 7.35
N VAL D 475 32.97 20.90 7.33
CA VAL D 475 32.40 20.22 8.49
C VAL D 475 33.40 20.19 9.65
N VAL D 476 34.62 19.73 9.40
CA VAL D 476 35.61 19.63 10.48
C VAL D 476 36.05 21.01 10.93
N SER D 477 36.10 21.97 10.02
CA SER D 477 36.31 23.35 10.42
C SER D 477 35.23 23.80 11.38
N TYR D 478 34.00 23.34 11.16
CA TYR D 478 32.91 23.72 12.03
C TYR D 478 32.90 22.89 13.30
N LEU D 479 33.11 21.58 13.20
CA LEU D 479 33.16 20.73 14.39
C LEU D 479 34.25 21.19 15.34
N CYS D 480 35.40 21.61 14.80
CA CYS D 480 36.48 22.13 15.63
C CYS D 480 36.11 23.43 16.30
N ALA D 481 35.54 24.37 15.53
CA ALA D 481 35.11 25.64 16.08
C ALA D 481 34.14 25.48 17.24
N MET D 482 33.43 24.35 17.29
CA MET D 482 32.50 24.08 18.36
C MET D 482 33.15 23.28 19.49
N VAL D 483 34.30 22.65 19.22
CA VAL D 483 35.18 22.22 20.30
C VAL D 483 35.77 23.42 21.03
N ILE D 484 36.28 24.39 20.26
CA ILE D 484 36.82 25.60 20.87
C ILE D 484 35.74 26.33 21.65
N PHE D 485 34.53 26.42 21.10
CA PHE D 485 33.46 27.11 21.81
C PHE D 485 32.98 26.28 22.99
N THR D 486 33.37 25.01 23.05
CA THR D 486 33.05 24.17 24.20
C THR D 486 34.10 24.33 25.29
N LEU D 487 35.38 24.19 24.93
CA LEU D 487 36.43 24.22 25.93
C LEU D 487 36.53 25.59 26.58
N THR D 488 36.23 26.65 25.83
CA THR D 488 36.26 27.98 26.41
C THR D 488 35.11 28.17 27.39
N ALA D 489 34.07 27.34 27.28
CA ALA D 489 32.92 27.43 28.17
C ALA D 489 33.11 26.58 29.42
N TYR D 490 33.79 25.44 29.29
CA TYR D 490 34.11 24.59 30.43
C TYR D 490 35.28 25.14 31.25
N TYR D 491 36.03 26.10 30.71
CA TYR D 491 37.11 26.77 31.43
C TYR D 491 36.82 28.26 31.58
N GLN D 492 35.64 28.72 31.16
CA GLN D 492 35.21 30.06 31.54
C GLN D 492 35.09 30.13 33.06
N PRO D 493 35.70 31.11 33.74
CA PRO D 493 35.46 31.21 35.18
C PRO D 493 34.01 31.55 35.51
N LEU D 494 33.69 31.58 36.80
CA LEU D 494 32.31 31.76 37.25
C LEU D 494 32.19 32.68 38.46
N GLU D 495 33.27 33.33 38.88
CA GLU D 495 33.25 34.25 40.02
C GLU D 495 33.72 35.63 39.59
N GLY D 496 32.96 36.65 40.00
CA GLY D 496 33.34 38.01 39.76
C GLY D 496 32.87 38.59 38.43
N THR D 497 32.59 39.89 38.43
CA THR D 497 32.26 40.61 37.20
C THR D 497 33.52 40.59 36.33
N PRO D 498 33.45 41.02 35.07
CA PRO D 498 33.97 40.17 33.95
C PRO D 498 35.18 39.35 34.35
N PRO D 499 35.12 38.01 34.25
CA PRO D 499 36.32 37.23 34.59
C PRO D 499 37.45 37.38 33.58
N TYR D 500 37.97 38.59 33.45
CA TYR D 500 39.17 38.87 32.68
C TYR D 500 40.42 38.17 33.18
N PRO D 501 40.76 38.16 34.50
CA PRO D 501 42.19 38.23 34.89
C PRO D 501 43.07 37.13 34.29
N TYR D 502 43.43 37.32 33.01
CA TYR D 502 44.02 36.23 32.25
C TYR D 502 45.42 35.88 32.74
N ARG D 503 46.41 36.72 32.38
CA ARG D 503 47.81 36.68 32.81
C ARG D 503 48.32 35.26 33.10
N THR D 504 48.03 34.32 32.22
CA THR D 504 48.34 32.92 32.48
C THR D 504 48.25 32.18 31.16
N THR D 505 49.07 31.13 31.03
CA THR D 505 49.12 30.38 29.78
C THR D 505 47.78 29.69 29.48
N VAL D 506 47.10 29.24 30.53
CA VAL D 506 45.76 28.68 30.34
C VAL D 506 44.79 29.77 29.89
N ASP D 507 44.73 30.88 30.63
CA ASP D 507 43.72 31.89 30.35
C ASP D 507 44.01 32.64 29.05
N TYR D 508 45.27 32.67 28.62
CA TYR D 508 45.58 33.14 27.27
C TYR D 508 45.19 32.12 26.22
N LEU D 509 45.24 30.84 26.55
CA LEU D 509 44.73 29.82 25.64
C LEU D 509 43.22 29.90 25.54
N ARG D 510 42.54 30.14 26.66
CA ARG D 510 41.11 30.46 26.62
C ARG D 510 40.85 31.71 25.79
N LEU D 511 41.79 32.65 25.78
CA LEU D 511 41.57 33.90 25.06
C LEU D 511 41.62 33.67 23.56
N ALA D 512 42.43 32.71 23.13
CA ALA D 512 42.38 32.29 21.73
C ALA D 512 41.01 31.72 21.39
N GLY D 513 40.37 31.08 22.36
CA GLY D 513 39.09 30.46 22.14
C GLY D 513 37.96 31.45 21.89
N GLU D 514 37.79 32.40 22.80
CA GLU D 514 36.72 33.37 22.65
C GLU D 514 36.89 34.20 21.39
N VAL D 515 38.13 34.45 20.97
CA VAL D 515 38.36 35.31 19.81
C VAL D 515 38.03 34.56 18.53
N ILE D 516 38.50 33.31 18.42
CA ILE D 516 38.11 32.47 17.29
C ILE D 516 36.59 32.33 17.24
N THR D 517 35.96 32.20 18.40
CA THR D 517 34.50 32.15 18.45
C THR D 517 33.88 33.40 17.86
N LEU D 518 34.27 34.56 18.37
CA LEU D 518 33.67 35.82 17.91
C LEU D 518 33.93 36.04 16.44
N PHE D 519 35.05 35.51 15.92
CA PHE D 519 35.31 35.55 14.49
C PHE D 519 34.23 34.80 13.72
N THR D 520 33.79 33.66 14.25
CA THR D 520 32.72 32.91 13.59
C THR D 520 31.41 33.65 13.67
N GLY D 521 31.14 34.27 14.81
CA GLY D 521 29.88 34.99 14.98
C GLY D 521 29.77 36.16 14.04
N VAL D 522 30.85 36.94 13.90
CA VAL D 522 30.82 38.07 12.98
C VAL D 522 30.82 37.57 11.54
N LEU D 523 31.44 36.41 11.30
CA LEU D 523 31.40 35.81 9.97
C LEU D 523 29.98 35.43 9.59
N PHE D 524 29.34 34.60 10.41
CA PHE D 524 28.00 34.11 10.11
C PHE D 524 26.99 35.27 10.08
N PHE D 525 27.31 36.37 10.76
CA PHE D 525 26.46 37.55 10.70
C PHE D 525 26.55 38.21 9.33
N PHE D 526 27.76 38.41 8.84
CA PHE D 526 27.94 39.12 7.57
C PHE D 526 27.52 38.25 6.39
N THR D 527 27.85 36.96 6.43
CA THR D 527 27.48 36.07 5.34
C THR D 527 25.97 36.00 5.16
N ASN D 528 25.22 36.15 6.26
CA ASN D 528 23.77 36.14 6.18
C ASN D 528 23.23 37.49 5.71
N ILE D 529 23.86 38.58 6.15
CA ILE D 529 23.47 39.90 5.68
C ILE D 529 24.04 40.19 4.29
N LYS D 530 25.13 39.52 3.92
CA LYS D 530 25.52 39.50 2.53
C LYS D 530 24.43 38.84 1.70
N ASP D 531 23.82 37.79 2.25
CA ASP D 531 22.71 37.14 1.56
C ASP D 531 21.46 38.01 1.56
N LEU D 532 21.40 39.03 2.42
CA LEU D 532 20.27 39.96 2.39
C LEU D 532 20.31 40.78 1.10
N PHE D 533 21.48 41.32 0.77
CA PHE D 533 21.70 42.02 -0.49
C PHE D 533 22.03 41.06 -1.64
N MET D 534 21.80 39.77 -1.40
CA MET D 534 22.14 38.68 -2.32
C MET D 534 21.09 37.62 -2.01
N LYS D 535 21.41 36.34 -2.10
CA LYS D 535 20.38 35.31 -2.06
C LYS D 535 19.72 35.20 -0.69
N LYS D 536 18.76 36.08 -0.40
CA LYS D 536 17.79 35.90 0.68
C LYS D 536 16.49 36.53 0.20
N CYS D 537 15.43 36.48 1.02
CA CYS D 537 14.07 36.93 0.74
C CYS D 537 13.39 36.10 -0.34
N PRO D 538 13.50 34.76 -0.28
CA PRO D 538 12.31 33.93 -0.46
C PRO D 538 11.60 33.80 0.88
N GLY D 539 10.64 32.88 0.99
CA GLY D 539 10.00 32.64 2.27
C GLY D 539 10.87 31.81 3.18
N VAL D 540 12.02 32.36 3.57
CA VAL D 540 13.02 31.62 4.33
C VAL D 540 12.68 31.70 5.82
N ASN D 541 11.72 30.86 6.25
CA ASN D 541 11.45 30.68 7.68
C ASN D 541 11.22 29.21 8.03
N SER D 542 10.77 28.41 7.06
CA SER D 542 10.43 27.01 7.30
C SER D 542 10.81 26.09 6.15
N LEU D 543 11.53 26.57 5.15
CA LEU D 543 12.03 25.68 4.11
C LEU D 543 12.94 24.64 4.73
N PHE D 544 12.90 23.43 4.19
CA PHE D 544 13.82 22.36 4.56
C PHE D 544 15.05 22.35 3.67
N ILE D 545 15.32 23.47 3.00
CA ILE D 545 16.33 23.60 1.95
C ILE D 545 17.27 24.72 2.38
N ASP D 546 17.64 24.72 3.66
CA ASP D 546 18.56 25.66 4.31
C ASP D 546 17.85 26.94 4.75
N GLY D 547 16.57 27.09 4.45
CA GLY D 547 15.85 28.22 4.98
C GLY D 547 15.81 28.21 6.49
N SER D 548 15.74 27.02 7.10
CA SER D 548 15.75 26.91 8.55
C SER D 548 17.07 27.38 9.14
N PHE D 549 18.19 26.92 8.58
CA PHE D 549 19.47 27.13 9.24
C PHE D 549 20.02 28.54 9.03
N GLN D 550 19.62 29.21 7.95
CA GLN D 550 19.99 30.62 7.76
C GLN D 550 19.60 31.46 8.97
N LEU D 551 18.46 31.15 9.57
CA LEU D 551 18.04 31.83 10.79
C LEU D 551 18.93 31.44 11.96
N LEU D 552 19.12 30.14 12.16
CA LEU D 552 19.77 29.69 13.39
C LEU D 552 21.24 30.05 13.40
N TYR D 553 21.89 30.07 12.24
CA TYR D 553 23.24 30.62 12.20
C TYR D 553 23.22 32.11 12.45
N PHE D 554 22.13 32.78 12.07
CA PHE D 554 22.01 34.19 12.40
C PHE D 554 21.78 34.36 13.89
N ILE D 555 20.90 33.54 14.46
CA ILE D 555 20.68 33.55 15.91
C ILE D 555 21.99 33.25 16.64
N TYR D 556 22.69 32.21 16.21
CA TYR D 556 24.02 31.93 16.76
C TYR D 556 24.93 33.13 16.61
N SER D 557 24.84 33.84 15.49
CA SER D 557 25.76 34.95 15.23
C SER D 557 25.43 36.12 16.14
N VAL D 558 24.15 36.48 16.22
CA VAL D 558 23.72 37.53 17.13
C VAL D 558 24.08 37.16 18.56
N LEU D 559 23.87 35.91 18.92
CA LEU D 559 23.84 35.51 20.32
C LEU D 559 25.25 35.36 20.88
N VAL D 560 26.24 35.25 20.01
CA VAL D 560 27.64 35.34 20.44
C VAL D 560 28.05 36.80 20.57
N ILE D 561 27.52 37.65 19.72
CA ILE D 561 27.84 39.07 19.75
C ILE D 561 27.34 39.69 21.05
N VAL D 562 26.12 39.35 21.43
CA VAL D 562 25.53 39.89 22.65
C VAL D 562 26.33 39.46 23.86
N SER D 563 26.71 38.18 23.92
CA SER D 563 27.53 37.69 25.02
C SER D 563 28.88 38.40 25.04
N ALA D 564 29.46 38.63 23.86
CA ALA D 564 30.70 39.38 23.78
C ALA D 564 30.49 40.82 24.23
N ALA D 565 29.28 41.35 24.06
CA ALA D 565 28.99 42.70 24.48
C ALA D 565 28.85 42.79 25.99
N LEU D 566 28.26 41.77 26.61
CA LEU D 566 27.99 41.81 28.04
C LEU D 566 29.18 41.35 28.86
N TYR D 567 30.04 40.51 28.29
CA TYR D 567 31.30 40.18 28.93
C TYR D 567 32.25 41.36 28.96
N LEU D 568 32.02 42.36 28.11
CA LEU D 568 32.78 43.60 28.11
C LEU D 568 32.04 44.74 28.78
N ALA D 569 30.71 44.70 28.82
CA ALA D 569 29.91 45.69 29.50
C ALA D 569 29.66 45.35 30.96
N GLY D 570 30.44 44.46 31.55
CA GLY D 570 30.34 44.17 32.97
C GLY D 570 29.33 43.13 33.37
N ILE D 571 28.22 43.05 32.63
CA ILE D 571 27.09 42.21 33.02
C ILE D 571 27.52 40.75 33.05
N GLU D 572 27.01 40.01 34.02
CA GLU D 572 27.45 38.66 34.33
C GLU D 572 26.64 37.59 33.60
N ALA D 573 25.60 37.99 32.88
CA ALA D 573 24.82 37.08 32.05
C ALA D 573 25.43 36.88 30.66
N TYR D 574 26.73 37.13 30.49
CA TYR D 574 27.46 36.60 29.36
C TYR D 574 27.28 35.08 29.27
N LEU D 575 27.14 34.43 30.43
CA LEU D 575 27.12 32.99 30.50
C LEU D 575 25.81 32.43 29.96
N ALA D 576 24.68 32.85 30.55
CA ALA D 576 23.37 32.36 30.13
C ALA D 576 23.14 32.54 28.64
N VAL D 577 23.57 33.68 28.11
CA VAL D 577 23.42 33.94 26.68
C VAL D 577 24.34 33.04 25.88
N MET D 578 25.50 32.70 26.45
CA MET D 578 26.44 31.80 25.77
C MET D 578 25.90 30.39 25.71
N VAL D 579 25.24 29.94 26.77
CA VAL D 579 24.81 28.55 26.90
C VAL D 579 23.83 28.21 25.79
N PHE D 580 22.89 29.11 25.51
CA PHE D 580 21.99 28.93 24.38
C PHE D 580 22.76 28.82 23.07
N ALA D 581 23.78 29.66 22.91
CA ALA D 581 24.54 29.70 21.67
C ALA D 581 25.24 28.37 21.44
N LEU D 582 25.66 27.71 22.51
CA LEU D 582 26.41 26.48 22.39
C LEU D 582 25.51 25.33 21.97
N VAL D 583 24.39 25.13 22.65
CA VAL D 583 23.44 24.09 22.27
C VAL D 583 22.89 24.37 20.88
N LEU D 584 22.66 25.64 20.57
CA LEU D 584 22.18 26.00 19.24
C LEU D 584 23.22 25.67 18.20
N GLY D 585 24.50 25.77 18.56
CA GLY D 585 25.56 25.63 17.58
C GLY D 585 25.81 24.19 17.17
N TRP D 586 25.81 23.28 18.14
CA TRP D 586 25.92 21.86 17.79
C TRP D 586 24.72 21.39 17.00
N MET D 587 23.54 21.92 17.33
CA MET D 587 22.34 21.60 16.56
C MET D 587 22.37 22.20 15.17
N ASN D 588 23.32 23.08 14.87
CA ASN D 588 23.57 23.51 13.52
C ASN D 588 24.51 22.58 12.75
N ALA D 589 25.13 21.62 13.41
CA ALA D 589 25.95 20.66 12.69
C ALA D 589 25.11 19.66 11.91
N LEU D 590 23.80 19.67 12.10
CA LEU D 590 22.88 18.91 11.26
C LEU D 590 22.79 19.45 9.86
N TYR D 591 23.18 20.71 9.66
CA TYR D 591 23.38 21.21 8.32
C TYR D 591 24.36 20.35 7.54
N PHE D 592 25.36 19.81 8.22
CA PHE D 592 26.44 19.10 7.56
C PHE D 592 26.12 17.62 7.38
N THR D 593 24.90 17.21 7.68
CA THR D 593 24.34 15.93 7.27
C THR D 593 23.83 15.94 5.83
N ARG D 594 24.03 17.03 5.11
CA ARG D 594 23.59 17.17 3.73
C ARG D 594 24.52 16.46 2.74
N GLY D 595 25.70 16.06 3.18
CA GLY D 595 26.63 15.36 2.32
C GLY D 595 26.42 13.87 2.31
N LEU D 596 25.29 13.42 2.86
CA LEU D 596 24.92 12.03 2.82
C LEU D 596 23.41 11.90 2.84
N LYS D 597 22.88 11.13 1.89
CA LYS D 597 21.44 10.86 1.88
C LYS D 597 21.02 10.18 3.17
N LEU D 598 21.90 9.36 3.73
CA LEU D 598 21.65 8.66 4.96
C LEU D 598 21.27 9.60 6.09
N THR D 599 22.17 10.52 6.41
CA THR D 599 21.95 11.41 7.54
C THR D 599 21.09 12.61 7.18
N GLY D 600 21.07 12.98 5.90
CA GLY D 600 20.39 14.21 5.50
C GLY D 600 18.90 14.03 5.37
N THR D 601 18.46 12.91 4.80
CA THR D 601 17.05 12.57 4.80
C THR D 601 16.52 12.48 6.22
N TYR D 602 17.30 11.87 7.10
CA TYR D 602 16.97 11.79 8.52
C TYR D 602 16.73 13.17 9.14
N SER D 603 17.64 14.10 8.90
CA SER D 603 17.52 15.43 9.50
C SER D 603 16.31 16.17 8.95
N ILE D 604 15.87 15.83 7.75
CA ILE D 604 14.67 16.43 7.18
C ILE D 604 13.44 15.91 7.91
N MET D 605 13.39 14.62 8.21
CA MET D 605 12.23 14.06 8.88
C MET D 605 12.12 14.58 10.30
N ILE D 606 13.24 14.96 10.92
CA ILE D 606 13.20 15.55 12.25
C ILE D 606 12.38 16.83 12.22
N GLN D 607 12.59 17.66 11.20
CA GLN D 607 12.02 19.00 11.22
C GLN D 607 10.56 18.99 10.78
N LYS D 608 10.22 18.12 9.84
CA LYS D 608 8.82 17.94 9.48
C LYS D 608 8.00 17.44 10.66
N ILE D 609 8.48 16.39 11.32
CA ILE D 609 7.83 15.88 12.51
C ILE D 609 7.74 16.95 13.59
N LEU D 610 8.77 17.80 13.66
CA LEU D 610 8.72 18.93 14.57
C LEU D 610 7.63 19.91 14.22
N PHE D 611 7.23 19.98 12.96
CA PHE D 611 6.20 20.89 12.50
C PHE D 611 4.86 20.19 12.42
N LYS D 612 4.80 19.13 11.62
CA LYS D 612 3.52 18.51 11.30
C LYS D 612 2.97 17.66 12.43
N ASP D 613 3.77 17.35 13.45
CA ASP D 613 3.39 16.33 14.42
C ASP D 613 3.57 16.75 15.87
N LEU D 614 4.57 17.60 16.16
CA LEU D 614 4.90 17.87 17.56
C LEU D 614 4.22 19.12 18.10
N PHE D 615 4.04 20.15 17.28
CA PHE D 615 3.38 21.34 17.77
C PHE D 615 1.91 21.09 18.04
N ARG D 616 1.21 20.40 17.14
CA ARG D 616 -0.19 20.05 17.39
C ARG D 616 -0.32 19.17 18.62
N PHE D 617 0.75 18.45 18.96
CA PHE D 617 0.76 17.65 20.17
C PHE D 617 0.94 18.51 21.43
N LEU D 618 1.78 19.54 21.36
CA LEU D 618 1.99 20.40 22.53
C LEU D 618 0.83 21.34 22.76
N LEU D 619 0.15 21.74 21.68
CA LEU D 619 -1.06 22.53 21.82
C LEU D 619 -2.07 21.82 22.71
N VAL D 620 -2.45 20.61 22.33
CA VAL D 620 -3.37 19.84 23.14
C VAL D 620 -2.77 19.56 24.51
N TYR D 621 -1.52 19.11 24.55
CA TYR D 621 -0.92 18.66 25.81
C TYR D 621 -0.90 19.76 26.83
N LEU D 622 -0.46 20.94 26.42
CA LEU D 622 -0.54 22.12 27.26
C LEU D 622 -1.96 22.39 27.71
N LEU D 623 -2.90 22.30 26.78
CA LEU D 623 -4.30 22.62 27.04
C LEU D 623 -4.88 21.73 28.12
N PHE D 624 -4.57 20.44 28.07
CA PHE D 624 -4.94 19.55 29.16
C PHE D 624 -4.25 20.00 30.44
N MET D 625 -2.96 20.31 30.36
CA MET D 625 -2.14 20.46 31.55
C MET D 625 -2.60 21.64 32.42
N ILE D 626 -2.85 22.81 31.82
CA ILE D 626 -3.43 23.90 32.59
C ILE D 626 -4.79 23.51 33.13
N GLY D 627 -5.49 22.66 32.40
CA GLY D 627 -6.80 22.25 32.84
C GLY D 627 -6.74 21.46 34.11
N TYR D 628 -5.97 20.37 34.10
CA TYR D 628 -5.85 19.52 35.27
C TYR D 628 -5.07 20.21 36.38
N ALA D 629 -3.98 20.89 36.03
CA ALA D 629 -3.11 21.47 37.05
C ALA D 629 -3.83 22.49 37.90
N SER D 630 -4.48 23.45 37.25
CA SER D 630 -5.36 24.37 37.96
C SER D 630 -6.40 23.62 38.76
N ALA D 631 -6.98 22.60 38.16
CA ALA D 631 -7.96 21.75 38.84
C ALA D 631 -7.38 21.07 40.06
N LEU D 632 -6.09 20.74 40.01
CA LEU D 632 -5.45 20.01 41.11
C LEU D 632 -4.82 20.94 42.13
N VAL D 633 -4.39 22.14 41.73
CA VAL D 633 -3.92 23.12 42.70
C VAL D 633 -5.06 23.55 43.60
N SER D 634 -6.26 23.63 43.04
CA SER D 634 -7.45 24.06 43.75
C SER D 634 -7.77 23.19 44.96
N LEU D 635 -7.25 21.96 44.97
CA LEU D 635 -7.53 20.99 46.02
C LEU D 635 -6.39 20.85 47.02
N LEU D 636 -5.64 21.93 47.25
CA LEU D 636 -4.58 21.94 48.26
C LEU D 636 -4.78 23.13 49.19
N ASN D 637 -4.59 22.89 50.49
CA ASN D 637 -4.84 23.90 51.51
C ASN D 637 -3.71 24.93 51.56
N PRO D 638 -4.00 26.25 51.64
CA PRO D 638 -2.92 27.25 51.68
C PRO D 638 -1.99 27.11 52.88
N CYS D 639 -0.88 27.85 52.88
CA CYS D 639 -0.07 28.09 54.06
C CYS D 639 -0.53 29.30 54.86
N ALA D 640 -1.80 29.68 54.71
CA ALA D 640 -2.51 30.55 55.63
C ALA D 640 -3.21 29.73 56.71
N ASN D 641 -2.59 28.63 57.11
CA ASN D 641 -3.14 27.69 58.08
C ASN D 641 -3.37 28.38 59.42
N VAL D 654 3.57 23.14 59.31
CA VAL D 654 2.60 24.00 58.64
C VAL D 654 3.21 24.92 57.56
N PRO D 655 4.55 25.21 57.58
CA PRO D 655 5.19 25.70 56.35
C PRO D 655 5.73 24.57 55.48
N THR D 656 4.89 23.91 54.71
CA THR D 656 5.30 22.75 53.92
C THR D 656 4.96 23.02 52.45
N TYR D 657 5.73 22.41 51.55
CA TYR D 657 5.18 22.14 50.23
C TYR D 657 4.46 20.79 50.16
N PRO D 658 5.05 19.68 50.63
CA PRO D 658 4.39 18.39 50.40
C PRO D 658 3.10 18.16 51.20
N SER D 659 2.69 19.14 52.00
CA SER D 659 1.36 19.14 52.60
C SER D 659 0.59 20.40 52.23
N CYS D 660 1.22 21.56 52.39
CA CYS D 660 0.60 22.85 52.08
C CYS D 660 0.91 23.34 50.67
N ARG D 661 0.32 24.46 50.27
CA ARG D 661 0.59 25.07 48.96
C ARG D 661 0.78 26.57 49.12
N ASP D 662 1.88 27.10 48.58
CA ASP D 662 2.10 28.54 48.56
C ASP D 662 3.15 28.94 47.53
N SER D 663 2.71 29.67 46.51
CA SER D 663 3.52 30.61 45.72
C SER D 663 4.46 29.90 44.75
N GLU D 664 4.56 28.57 44.76
CA GLU D 664 5.33 27.86 43.73
C GLU D 664 4.64 26.56 43.37
N THR D 665 3.39 26.40 43.79
CA THR D 665 2.75 25.09 43.74
C THR D 665 2.19 24.82 42.36
N PHE D 666 1.66 25.86 41.72
CA PHE D 666 1.34 25.76 40.30
C PHE D 666 2.56 25.30 39.52
N SER D 667 3.64 26.09 39.58
CA SER D 667 4.79 25.91 38.70
C SER D 667 5.38 24.50 38.77
N THR D 668 5.57 23.98 39.98
CA THR D 668 6.18 22.66 40.10
C THR D 668 5.28 21.56 39.58
N PHE D 669 3.97 21.67 39.78
CA PHE D 669 3.03 20.72 39.19
C PHE D 669 3.20 20.63 37.69
N LEU D 670 3.43 21.75 37.02
CA LEU D 670 3.65 21.73 35.58
C LEU D 670 4.85 20.87 35.22
N LEU D 671 5.84 20.82 36.12
CA LEU D 671 7.00 19.97 35.88
C LEU D 671 6.69 18.52 36.27
N ASP D 672 6.03 18.32 37.40
CA ASP D 672 5.64 16.98 37.80
C ASP D 672 4.65 16.38 36.82
N LEU D 673 3.62 17.13 36.43
CA LEU D 673 2.70 16.66 35.41
C LEU D 673 3.37 16.58 34.03
N PHE D 674 4.55 17.16 33.87
CA PHE D 674 5.33 16.93 32.66
C PHE D 674 6.13 15.64 32.77
N LYS D 675 6.91 15.50 33.85
CA LYS D 675 7.58 14.24 34.17
C LYS D 675 6.63 13.06 34.14
N LEU D 676 5.38 13.27 34.55
CA LEU D 676 4.43 12.18 34.71
C LEU D 676 3.99 11.61 33.37
N THR D 677 3.65 12.46 32.42
CA THR D 677 3.31 12.00 31.08
C THR D 677 4.52 11.47 30.33
N ILE D 678 5.71 11.95 30.63
CA ILE D 678 6.89 11.46 29.94
C ILE D 678 7.27 10.05 30.41
N GLY D 679 6.62 9.53 31.44
CA GLY D 679 6.99 8.27 32.01
C GLY D 679 8.23 8.36 32.87
N MET D 680 8.44 9.51 33.50
CA MET D 680 9.71 9.88 34.12
C MET D 680 9.54 10.30 35.57
N GLY D 681 8.32 10.64 35.98
CA GLY D 681 8.02 10.94 37.35
C GLY D 681 6.97 9.97 37.88
N ASP D 682 6.90 9.90 39.20
CA ASP D 682 6.02 9.00 39.90
C ASP D 682 4.86 9.80 40.46
N LEU D 683 3.69 9.15 40.58
CA LEU D 683 2.54 9.81 41.19
C LEU D 683 2.88 10.30 42.57
N GLU D 684 3.12 9.37 43.50
CA GLU D 684 3.50 9.67 44.87
C GLU D 684 2.47 10.64 45.46
N MET D 685 1.24 10.16 45.61
CA MET D 685 0.08 10.98 45.94
C MET D 685 0.34 11.96 47.07
N LEU D 686 0.11 13.25 46.80
CA LEU D 686 0.27 14.28 47.80
C LEU D 686 -0.57 14.00 49.03
N SER D 687 -1.87 13.77 48.82
CA SER D 687 -2.77 13.21 49.83
C SER D 687 -3.16 14.21 50.93
N SER D 688 -2.55 15.39 50.95
CA SER D 688 -2.85 16.41 51.96
C SER D 688 -3.84 17.41 51.38
N THR D 689 -5.05 16.91 51.13
CA THR D 689 -6.05 17.64 50.39
C THR D 689 -7.41 17.49 51.04
N LYS D 690 -8.25 18.50 50.87
CA LYS D 690 -9.62 18.48 51.38
C LYS D 690 -10.37 17.29 50.82
N TYR D 691 -10.15 16.98 49.55
CA TYR D 691 -10.82 15.89 48.84
C TYR D 691 -9.73 15.01 48.21
N PRO D 692 -9.34 13.91 48.85
CA PRO D 692 -8.20 13.14 48.32
C PRO D 692 -8.57 12.20 47.18
N VAL D 693 -9.82 11.76 47.12
CA VAL D 693 -10.18 10.70 46.19
C VAL D 693 -10.54 11.28 44.83
N VAL D 694 -11.07 12.50 44.81
CA VAL D 694 -11.24 13.21 43.54
C VAL D 694 -9.87 13.49 42.93
N PHE D 695 -8.89 13.78 43.78
CA PHE D 695 -7.55 14.11 43.32
C PHE D 695 -6.93 12.94 42.55
N ILE D 696 -7.04 11.73 43.11
CA ILE D 696 -6.45 10.56 42.47
C ILE D 696 -7.19 10.18 41.20
N ILE D 697 -8.51 10.40 41.17
CA ILE D 697 -9.29 10.09 39.98
C ILE D 697 -8.84 10.97 38.82
N LEU D 698 -8.34 12.16 39.12
CA LEU D 698 -7.96 13.08 38.05
C LEU D 698 -6.59 12.76 37.47
N LEU D 699 -5.62 12.47 38.33
CA LEU D 699 -4.29 12.12 37.84
C LEU D 699 -4.34 10.88 36.97
N VAL D 700 -5.21 9.94 37.29
CA VAL D 700 -5.32 8.72 36.49
C VAL D 700 -5.88 9.05 35.12
N THR D 701 -6.83 9.98 35.06
CA THR D 701 -7.36 10.43 33.79
C THR D 701 -6.33 11.25 33.02
N TYR D 702 -5.31 11.76 33.72
CA TYR D 702 -4.25 12.53 33.08
C TYR D 702 -3.27 11.57 32.44
N ILE D 703 -2.97 10.46 33.12
CA ILE D 703 -2.07 9.45 32.60
C ILE D 703 -2.70 8.81 31.36
N ILE D 704 -3.95 8.36 31.52
CA ILE D 704 -4.65 7.64 30.45
C ILE D 704 -4.73 8.51 29.21
N LEU D 705 -5.07 9.79 29.39
CA LEU D 705 -5.25 10.67 28.24
C LEU D 705 -3.93 11.13 27.69
N THR D 706 -2.99 11.51 28.55
CA THR D 706 -1.75 12.12 28.10
C THR D 706 -0.64 11.14 27.79
N PHE D 707 -0.48 10.06 28.57
CA PHE D 707 0.55 9.06 28.28
C PHE D 707 -0.03 7.94 27.41
N VAL D 708 -1.04 7.24 27.90
CA VAL D 708 -1.53 6.03 27.24
C VAL D 708 -2.11 6.34 25.87
N LEU D 709 -2.62 7.56 25.69
CA LEU D 709 -3.43 7.89 24.54
C LEU D 709 -2.80 8.97 23.66
N LEU D 710 -2.24 10.03 24.23
CA LEU D 710 -1.68 11.09 23.40
C LEU D 710 -0.25 10.80 22.98
N LEU D 711 0.60 10.40 23.92
CA LEU D 711 2.00 10.18 23.60
C LEU D 711 2.22 8.91 22.78
N ASN D 712 1.36 7.91 22.92
CA ASN D 712 1.47 6.71 22.09
C ASN D 712 0.77 6.89 20.76
N MET D 713 -0.20 7.79 20.69
CA MET D 713 -0.71 8.25 19.41
C MET D 713 0.33 9.08 18.68
N LEU D 714 1.23 9.71 19.42
CA LEU D 714 2.25 10.54 18.82
C LEU D 714 3.26 9.69 18.08
N ILE D 715 3.60 8.55 18.64
CA ILE D 715 4.42 7.55 17.95
C ILE D 715 3.72 7.13 16.66
N ALA D 716 2.43 6.84 16.76
CA ALA D 716 1.64 6.43 15.61
C ALA D 716 1.66 7.47 14.50
N LEU D 717 1.50 8.75 14.86
CA LEU D 717 1.47 9.80 13.87
C LEU D 717 2.80 9.96 13.15
N MET D 718 3.90 9.90 13.91
CA MET D 718 5.22 9.87 13.30
C MET D 718 5.33 8.78 12.26
N GLY D 719 4.83 7.59 12.56
CA GLY D 719 4.87 6.49 11.61
C GLY D 719 4.13 6.81 10.32
N GLU D 720 3.09 7.62 10.43
CA GLU D 720 2.38 8.08 9.24
C GLU D 720 3.16 9.18 8.55
N THR D 721 3.82 10.03 9.34
CA THR D 721 4.66 11.06 8.76
C THR D 721 5.81 10.44 7.98
N VAL D 722 6.65 9.64 8.65
CA VAL D 722 7.87 9.13 8.03
C VAL D 722 7.53 8.28 6.81
N GLY D 723 6.35 7.65 6.81
CA GLY D 723 5.94 6.91 5.65
C GLY D 723 5.54 7.80 4.49
N GLN D 724 4.95 8.95 4.81
CA GLN D 724 4.52 9.89 3.79
C GLN D 724 5.67 10.74 3.25
N VAL D 725 6.57 11.19 4.14
CA VAL D 725 7.58 12.17 3.77
C VAL D 725 8.93 11.55 3.50
N SER D 726 9.02 10.22 3.43
CA SER D 726 10.30 9.59 3.10
C SER D 726 10.75 9.98 1.72
N LYS D 727 9.94 9.66 0.70
CA LYS D 727 10.25 10.02 -0.67
C LYS D 727 10.42 11.52 -0.82
N GLU D 728 9.49 12.30 -0.25
CA GLU D 728 9.59 13.75 -0.28
C GLU D 728 10.87 14.25 0.38
N SER D 729 11.43 13.46 1.31
CA SER D 729 12.66 13.87 1.97
C SER D 729 13.88 13.47 1.16
N LYS D 730 13.74 12.43 0.34
CA LYS D 730 14.79 12.09 -0.62
C LYS D 730 14.94 13.21 -1.64
N HIS D 731 13.83 13.82 -2.02
CA HIS D 731 13.84 14.81 -3.08
C HIS D 731 14.33 16.15 -2.59
N ILE D 732 13.99 16.51 -1.35
CA ILE D 732 14.53 17.72 -0.74
C ILE D 732 16.03 17.63 -0.65
N TRP D 733 16.55 16.51 -0.14
CA TRP D 733 17.98 16.34 0.01
C TRP D 733 18.72 16.59 -1.31
N LYS D 734 18.12 16.19 -2.42
CA LYS D 734 18.75 16.43 -3.71
C LYS D 734 18.82 17.91 -4.01
N LEU D 735 17.85 18.68 -3.50
CA LEU D 735 17.93 20.13 -3.58
C LEU D 735 18.94 20.67 -2.58
N GLN D 736 18.95 20.11 -1.37
CA GLN D 736 19.98 20.47 -0.40
C GLN D 736 21.37 20.23 -0.95
N TRP D 737 21.62 19.01 -1.41
CA TRP D 737 22.91 18.61 -1.91
C TRP D 737 23.37 19.50 -3.06
N ALA D 738 22.48 19.77 -4.00
CA ALA D 738 22.84 20.61 -5.13
C ALA D 738 23.13 22.04 -4.69
N THR D 739 22.32 22.56 -3.77
CA THR D 739 22.57 23.88 -3.21
C THR D 739 23.92 23.94 -2.53
N THR D 740 24.32 22.84 -1.88
CA THR D 740 25.61 22.78 -1.22
C THR D 740 26.75 22.92 -2.23
N ILE D 741 26.61 22.25 -3.37
CA ILE D 741 27.66 22.23 -4.37
C ILE D 741 27.87 23.63 -4.93
N LEU D 742 26.78 24.32 -5.26
CA LEU D 742 26.89 25.61 -5.90
C LEU D 742 27.27 26.70 -4.92
N ASP D 743 26.90 26.56 -3.66
CA ASP D 743 27.37 27.51 -2.65
C ASP D 743 28.88 27.44 -2.52
N ILE D 744 29.45 26.25 -2.72
CA ILE D 744 30.89 26.09 -2.73
C ILE D 744 31.48 26.70 -3.99
N GLU D 745 30.92 26.33 -5.14
CA GLU D 745 31.39 26.78 -6.43
C GLU D 745 31.38 28.29 -6.55
N ARG D 746 30.27 28.92 -6.19
CA ARG D 746 30.15 30.37 -6.23
C ARG D 746 31.19 31.03 -5.33
N SER D 747 31.60 30.35 -4.27
CA SER D 747 32.58 30.88 -3.35
C SER D 747 34.00 30.83 -3.89
N PHE D 748 34.21 30.32 -5.10
CA PHE D 748 35.50 30.25 -5.73
C PHE D 748 35.70 31.44 -6.66
N PRO D 749 36.94 31.82 -6.95
CA PRO D 749 37.17 32.72 -8.07
C PRO D 749 36.89 32.03 -9.39
N VAL D 750 36.78 32.84 -10.44
CA VAL D 750 36.31 32.35 -11.72
C VAL D 750 37.31 31.42 -12.37
N PHE D 751 38.60 31.77 -12.32
CA PHE D 751 39.62 30.94 -12.96
C PHE D 751 39.67 29.55 -12.35
N LEU D 752 39.36 29.44 -11.06
CA LEU D 752 39.33 28.14 -10.40
C LEU D 752 38.10 27.37 -10.83
N ARG D 753 36.98 28.06 -11.03
CA ARG D 753 35.78 27.41 -11.53
C ARG D 753 35.97 26.91 -12.94
N LYS D 754 36.77 27.60 -13.74
CA LYS D 754 37.04 27.15 -15.10
C LYS D 754 38.02 25.99 -15.10
N ALA D 755 38.89 25.93 -14.11
CA ALA D 755 39.76 24.76 -13.98
C ALA D 755 38.96 23.52 -13.67
N PHE D 756 37.98 23.64 -12.78
CA PHE D 756 37.05 22.56 -12.48
C PHE D 756 35.88 22.50 -13.46
N ARG D 757 35.96 23.20 -14.60
CA ARG D 757 34.88 23.20 -15.56
C ARG D 757 34.53 21.79 -15.98
N SER D 758 33.25 21.45 -15.92
CA SER D 758 32.78 20.10 -16.13
C SER D 758 32.31 19.95 -17.57
N GLY D 759 32.71 18.87 -18.20
CA GLY D 759 32.49 18.63 -19.61
C GLY D 759 33.77 18.78 -20.38
N GLU D 760 33.67 18.55 -21.69
CA GLU D 760 34.81 18.59 -22.58
C GLU D 760 34.46 19.42 -23.81
N MET D 761 35.43 20.19 -24.29
CA MET D 761 35.23 20.96 -25.50
C MET D 761 35.16 20.02 -26.70
N VAL D 762 34.26 20.34 -27.63
CA VAL D 762 34.00 19.49 -28.78
C VAL D 762 33.68 20.34 -30.00
N THR D 763 34.18 19.94 -31.16
CA THR D 763 33.70 20.43 -32.44
C THR D 763 32.50 19.59 -32.84
N VAL D 764 31.30 20.01 -32.44
CA VAL D 764 30.11 19.22 -32.75
C VAL D 764 29.78 19.32 -34.24
N GLY D 765 30.06 20.45 -34.86
CA GLY D 765 29.79 20.58 -36.27
C GLY D 765 30.36 21.88 -36.80
N LYS D 766 30.03 22.17 -38.05
CA LYS D 766 30.50 23.34 -38.76
C LYS D 766 29.42 24.40 -38.80
N SER D 767 29.85 25.67 -38.71
CA SER D 767 28.96 26.82 -38.59
C SER D 767 29.53 27.95 -39.43
N SER D 768 29.12 29.20 -39.17
CA SER D 768 29.28 30.36 -40.03
C SER D 768 30.61 30.44 -40.77
N ASP D 769 30.54 30.46 -42.10
CA ASP D 769 31.70 30.42 -42.98
C ASP D 769 32.63 29.26 -42.62
N GLY D 770 32.05 28.12 -42.24
CA GLY D 770 32.84 26.95 -41.91
C GLY D 770 33.43 26.98 -40.51
N THR D 771 33.19 28.05 -39.75
CA THR D 771 33.65 28.15 -38.38
C THR D 771 33.04 27.00 -37.58
N PRO D 772 33.83 26.22 -36.81
CA PRO D 772 33.22 25.12 -36.06
C PRO D 772 32.41 25.60 -34.85
N ASP D 773 31.67 24.68 -34.25
CA ASP D 773 30.95 24.91 -33.00
C ASP D 773 31.81 24.42 -31.84
N ARG D 774 32.37 25.35 -31.08
CA ARG D 774 33.19 25.03 -29.93
C ARG D 774 32.34 25.02 -28.68
N ARG D 775 31.50 23.99 -28.56
CA ARG D 775 30.53 23.88 -27.47
C ARG D 775 31.06 22.92 -26.42
N TRP D 776 31.21 23.40 -25.19
CA TRP D 776 31.44 22.49 -24.09
C TRP D 776 30.26 21.54 -23.98
N CYS D 777 30.56 20.27 -23.73
CA CYS D 777 29.53 19.25 -23.71
C CYS D 777 29.89 18.17 -22.71
N PHE D 778 28.94 17.28 -22.48
CA PHE D 778 28.97 16.31 -21.39
C PHE D 778 28.55 14.97 -21.95
N ARG D 779 29.50 14.03 -22.05
CA ARG D 779 29.18 12.75 -22.65
C ARG D 779 28.37 11.89 -21.71
N VAL D 780 27.41 11.16 -22.28
CA VAL D 780 26.61 10.20 -21.53
C VAL D 780 26.45 8.96 -22.38
N ASP D 781 27.28 7.95 -22.11
CA ASP D 781 27.17 6.68 -22.81
C ASP D 781 25.91 5.93 -22.40
N GLU D 782 25.36 5.19 -23.35
CA GLU D 782 24.04 4.59 -23.20
C GLU D 782 24.00 3.32 -24.02
N VAL D 783 23.09 2.42 -23.63
CA VAL D 783 22.92 1.13 -24.30
C VAL D 783 21.43 0.88 -24.46
N ASN D 784 21.02 0.49 -25.66
CA ASN D 784 19.71 -0.11 -25.90
C ASN D 784 19.92 -1.25 -26.89
N TRP D 785 19.52 -2.46 -26.48
CA TRP D 785 19.55 -3.60 -27.39
C TRP D 785 18.22 -3.70 -28.11
N SER D 786 17.70 -2.58 -28.64
CA SER D 786 16.42 -2.60 -29.34
C SER D 786 16.39 -1.86 -30.67
N HIS D 787 17.00 -0.66 -30.74
CA HIS D 787 16.84 0.17 -31.93
C HIS D 787 18.06 0.03 -32.85
N TRP D 788 18.21 -1.16 -33.41
CA TRP D 788 19.27 -1.45 -34.36
C TRP D 788 19.22 -0.54 -35.57
#